data_7WHR
#
_entry.id   7WHR
#
_cell.length_a   1.00
_cell.length_b   1.00
_cell.length_c   1.00
_cell.angle_alpha   90.00
_cell.angle_beta   90.00
_cell.angle_gamma   90.00
#
_symmetry.space_group_name_H-M   'P 1'
#
_entity_poly.entity_id   1
_entity_poly.type   'polypeptide(L)'
_entity_poly.pdbx_seq_one_letter_code
;MSASDGQGMRAVILVGGFGTRLRPLTLTTPKPLVPFCNKPMIIHQIEALKAVGVTEVILAVAYRPEAMKEQMDEWSRKLG
VSFVFSVEEEPLGTAGPLALARDILMQDDKPFFVLNSDVTCTFPMQELLDFHKAHGGEGTIMVSQVTQWEKYGVVVYSPQ
NYQIERFVEKPSRFLGDRINAGIYIFNKSILDRIPPRRASIEKEIFPAMAAEGQLYAFNLEGFWMDVGQPKDYILGMTKF
IPSLVHGNRETEQLHTEAVEHQRGGRFTVIGASLIDPSAKIGDGAVIGPYASIGANCVIGESCRIDNAAILENSKVGKGT
MVSRSIVGWNNRIGSWCHIKDISVLGDDVEVKDGVILIGTKVLPNKDVGEHRFEPGIIM
;
_entity_poly.pdbx_strand_id   B,A,C,D,E,F
#
# COMPACT_ATOMS: atom_id res chain seq x y z
N GLN A 7 -60.45 27.10 -9.02
CA GLN A 7 -60.18 28.30 -9.80
C GLN A 7 -58.84 28.92 -9.41
N GLY A 8 -58.35 28.56 -8.23
CA GLY A 8 -57.10 29.12 -7.75
C GLY A 8 -55.90 28.56 -8.51
N MET A 9 -54.79 29.28 -8.38
CA MET A 9 -53.57 28.88 -9.05
C MET A 9 -53.01 27.59 -8.46
N ARG A 10 -52.53 26.71 -9.33
CA ARG A 10 -51.97 25.43 -8.93
C ARG A 10 -50.57 25.29 -9.48
N ALA A 11 -49.87 24.25 -9.04
CA ALA A 11 -48.50 24.02 -9.47
C ALA A 11 -48.17 22.54 -9.38
N VAL A 12 -47.10 22.15 -10.06
CA VAL A 12 -46.64 20.77 -10.11
C VAL A 12 -45.17 20.75 -9.70
N ILE A 13 -44.83 19.83 -8.80
CA ILE A 13 -43.45 19.64 -8.35
C ILE A 13 -43.02 18.23 -8.76
N LEU A 14 -41.92 18.16 -9.51
CA LEU A 14 -41.34 16.88 -9.92
C LEU A 14 -40.36 16.42 -8.85
N VAL A 15 -40.77 15.42 -8.07
CA VAL A 15 -39.93 14.84 -7.03
C VAL A 15 -39.56 13.39 -7.33
N GLY A 16 -40.12 12.82 -8.39
CA GLY A 16 -39.88 11.43 -8.76
C GLY A 16 -38.41 11.06 -8.82
N GLY A 17 -38.00 10.18 -7.92
CA GLY A 17 -36.61 9.78 -7.83
C GLY A 17 -36.43 8.75 -6.75
N PHE A 18 -35.18 8.38 -6.52
CA PHE A 18 -34.85 7.32 -5.57
C PHE A 18 -34.11 7.83 -4.34
N GLY A 19 -33.44 8.97 -4.43
CA GLY A 19 -32.60 9.43 -3.34
C GLY A 19 -31.35 8.62 -3.14
N THR A 20 -30.91 7.92 -4.18
CA THR A 20 -29.76 7.02 -4.05
C THR A 20 -28.49 7.78 -3.70
N ARG A 21 -28.29 8.94 -4.33
CA ARG A 21 -27.05 9.68 -4.13
C ARG A 21 -26.89 10.14 -2.68
N LEU A 22 -27.96 10.68 -2.09
CA LEU A 22 -27.95 11.13 -0.70
C LEU A 22 -28.37 10.00 0.24
N ARG A 23 -27.69 8.86 0.13
CA ARG A 23 -28.18 7.64 0.78
C ARG A 23 -28.08 7.65 2.30
N PRO A 24 -26.92 7.92 2.92
CA PRO A 24 -26.75 7.55 4.33
C PRO A 24 -27.77 8.13 5.29
N LEU A 25 -28.52 9.15 4.88
CA LEU A 25 -29.54 9.72 5.75
C LEU A 25 -30.91 9.78 5.09
N THR A 26 -31.10 9.12 3.94
CA THR A 26 -32.40 9.07 3.30
C THR A 26 -33.11 7.73 3.51
N LEU A 27 -32.47 6.79 4.18
CA LEU A 27 -33.14 5.53 4.50
C LEU A 27 -34.26 5.74 5.50
N THR A 28 -34.04 6.59 6.50
CA THR A 28 -35.06 6.83 7.51
C THR A 28 -36.24 7.60 6.94
N THR A 29 -35.97 8.68 6.22
CA THR A 29 -37.01 9.54 5.68
C THR A 29 -36.77 9.78 4.19
N PRO A 30 -37.83 9.99 3.42
CA PRO A 30 -37.67 10.14 1.96
C PRO A 30 -36.84 11.36 1.60
N LYS A 31 -36.25 11.30 0.41
CA LYS A 31 -35.40 12.39 -0.06
C LYS A 31 -36.07 13.76 -0.06
N PRO A 32 -37.33 13.92 -0.47
CA PRO A 32 -37.93 15.26 -0.43
C PRO A 32 -37.95 15.89 0.94
N LEU A 33 -38.13 15.10 2.00
CA LEU A 33 -38.31 15.64 3.35
C LEU A 33 -37.10 15.41 4.25
N VAL A 34 -35.89 15.42 3.69
CA VAL A 34 -34.69 15.51 4.52
C VAL A 34 -34.44 16.98 4.83
N PRO A 35 -34.31 17.36 6.11
CA PRO A 35 -34.26 18.78 6.45
C PRO A 35 -33.05 19.48 5.84
N PHE A 36 -33.26 20.72 5.41
CA PHE A 36 -32.21 21.61 4.96
C PHE A 36 -32.26 22.87 5.81
N CYS A 37 -31.13 23.24 6.41
CA CYS A 37 -31.08 24.31 7.40
C CYS A 37 -32.02 23.98 8.55
N ASN A 38 -33.23 24.52 8.52
CA ASN A 38 -34.20 24.27 9.57
C ASN A 38 -35.53 23.74 9.07
N LYS A 39 -35.68 23.50 7.77
CA LYS A 39 -36.94 23.08 7.19
C LYS A 39 -36.73 21.93 6.23
N PRO A 40 -37.76 21.12 6.00
CA PRO A 40 -37.68 20.09 4.95
C PRO A 40 -37.51 20.72 3.58
N MET A 41 -36.88 19.97 2.68
CA MET A 41 -36.46 20.52 1.40
C MET A 41 -37.64 20.97 0.54
N ILE A 42 -38.83 20.45 0.81
CA ILE A 42 -40.01 20.85 0.05
C ILE A 42 -40.69 22.07 0.68
N ILE A 43 -40.44 22.34 1.96
CA ILE A 43 -41.11 23.45 2.62
C ILE A 43 -40.67 24.79 2.04
N HIS A 44 -39.40 24.90 1.64
CA HIS A 44 -38.96 26.13 0.97
C HIS A 44 -39.74 26.35 -0.32
N GLN A 45 -39.89 25.30 -1.12
CA GLN A 45 -40.65 25.39 -2.37
C GLN A 45 -42.08 25.81 -2.08
N ILE A 46 -42.71 25.19 -1.08
CA ILE A 46 -44.11 25.49 -0.78
C ILE A 46 -44.26 26.91 -0.28
N GLU A 47 -43.32 27.38 0.55
CA GLU A 47 -43.39 28.75 1.04
C GLU A 47 -43.24 29.76 -0.09
N ALA A 48 -42.31 29.50 -1.01
CA ALA A 48 -42.17 30.41 -2.16
C ALA A 48 -43.43 30.41 -3.02
N LEU A 49 -44.00 29.22 -3.27
CA LEU A 49 -45.22 29.15 -4.08
C LEU A 49 -46.40 29.82 -3.37
N LYS A 50 -46.42 29.77 -2.04
CA LYS A 50 -47.41 30.55 -1.29
C LYS A 50 -47.17 32.04 -1.47
N ALA A 51 -45.90 32.46 -1.44
CA ALA A 51 -45.58 33.85 -1.71
C ALA A 51 -46.10 34.28 -3.07
N VAL A 52 -46.09 33.37 -4.04
CA VAL A 52 -46.83 33.63 -5.28
C VAL A 52 -48.32 33.77 -5.01
N GLY A 53 -48.87 32.83 -4.24
CA GLY A 53 -50.29 32.82 -3.95
C GLY A 53 -51.01 31.62 -4.52
N VAL A 54 -50.29 30.51 -4.67
CA VAL A 54 -50.87 29.28 -5.21
C VAL A 54 -51.79 28.66 -4.16
N THR A 55 -52.59 27.68 -4.58
CA THR A 55 -53.51 27.00 -3.69
C THR A 55 -53.08 25.59 -3.34
N GLU A 56 -52.81 24.74 -4.35
CA GLU A 56 -52.45 23.36 -4.11
C GLU A 56 -51.25 23.00 -4.97
N VAL A 57 -50.53 21.97 -4.52
CA VAL A 57 -49.30 21.52 -5.16
C VAL A 57 -49.48 20.08 -5.61
N ILE A 58 -49.10 19.78 -6.85
CA ILE A 58 -49.22 18.45 -7.42
C ILE A 58 -47.85 17.79 -7.32
N LEU A 59 -47.70 16.88 -6.37
CA LEU A 59 -46.44 16.18 -6.14
C LEU A 59 -46.36 14.95 -7.04
N ALA A 60 -45.26 14.82 -7.76
CA ALA A 60 -45.05 13.73 -8.72
C ALA A 60 -43.95 12.82 -8.20
N VAL A 61 -44.34 11.82 -7.42
CA VAL A 61 -43.40 10.85 -6.86
C VAL A 61 -43.41 9.61 -7.75
N ALA A 62 -42.21 9.14 -8.10
CA ALA A 62 -42.10 8.00 -9.02
C ALA A 62 -42.40 6.69 -8.31
N TYR A 63 -41.81 6.47 -7.14
CA TYR A 63 -41.90 5.18 -6.46
C TYR A 63 -42.33 5.39 -5.02
N ARG A 64 -43.06 4.41 -4.50
CA ARG A 64 -43.60 4.42 -3.13
C ARG A 64 -44.40 5.69 -2.87
N PRO A 65 -45.55 5.87 -3.53
CA PRO A 65 -46.37 7.06 -3.23
C PRO A 65 -46.80 7.13 -1.78
N GLU A 66 -47.16 5.99 -1.19
CA GLU A 66 -47.50 5.93 0.22
C GLU A 66 -46.30 5.42 1.02
N ALA A 67 -45.28 6.28 1.07
CA ALA A 67 -44.05 5.99 1.82
C ALA A 67 -44.07 6.66 3.17
N MET A 68 -45.25 6.70 3.80
CA MET A 68 -45.54 7.40 5.06
C MET A 68 -45.48 8.91 4.91
N LYS A 69 -45.34 9.41 3.69
CA LYS A 69 -45.25 10.86 3.49
C LYS A 69 -46.59 11.55 3.74
N GLU A 70 -47.70 10.88 3.45
CA GLU A 70 -49.00 11.53 3.54
C GLU A 70 -49.31 11.96 4.97
N GLN A 71 -49.21 11.04 5.92
CA GLN A 71 -49.50 11.38 7.31
C GLN A 71 -48.36 12.17 7.95
N MET A 72 -47.12 11.96 7.50
CA MET A 72 -46.01 12.74 8.02
C MET A 72 -46.02 14.17 7.50
N ASP A 73 -46.76 14.44 6.43
CA ASP A 73 -46.90 15.81 5.95
C ASP A 73 -47.84 16.59 6.86
N GLU A 74 -47.39 16.87 8.09
CA GLU A 74 -48.15 17.70 9.00
C GLU A 74 -48.29 19.13 8.47
N TRP A 75 -47.35 19.57 7.64
CA TRP A 75 -47.39 20.91 7.07
C TRP A 75 -48.59 21.14 6.17
N SER A 76 -49.27 20.08 5.73
CA SER A 76 -50.40 20.26 4.83
C SER A 76 -51.56 20.98 5.51
N ARG A 77 -51.88 20.59 6.75
CA ARG A 77 -52.98 21.25 7.45
C ARG A 77 -52.66 22.72 7.71
N LYS A 78 -51.42 23.03 8.08
CA LYS A 78 -51.05 24.43 8.19
C LYS A 78 -50.75 25.00 6.81
N LEU A 79 -50.52 26.32 6.77
CA LEU A 79 -50.16 27.05 5.55
C LEU A 79 -51.31 27.11 4.56
N GLY A 80 -52.41 26.42 4.85
CA GLY A 80 -53.55 26.42 3.94
C GLY A 80 -53.26 25.89 2.56
N VAL A 81 -52.36 24.91 2.44
CA VAL A 81 -52.01 24.31 1.16
C VAL A 81 -52.27 22.81 1.26
N SER A 82 -53.01 22.28 0.28
CA SER A 82 -53.42 20.88 0.28
C SER A 82 -52.67 20.14 -0.81
N PHE A 83 -51.99 19.05 -0.43
CA PHE A 83 -51.33 18.16 -1.37
C PHE A 83 -52.28 17.01 -1.69
N VAL A 84 -52.29 16.59 -2.96
CA VAL A 84 -53.26 15.59 -3.40
C VAL A 84 -52.58 14.24 -3.63
N PHE A 85 -51.28 14.26 -3.93
CA PHE A 85 -50.50 13.05 -4.16
C PHE A 85 -51.12 12.19 -5.26
N SER A 86 -51.72 12.84 -6.25
CA SER A 86 -52.47 12.13 -7.30
C SER A 86 -51.58 11.54 -8.37
N VAL A 87 -50.26 11.68 -8.28
CA VAL A 87 -49.35 11.25 -9.32
C VAL A 87 -48.71 9.93 -8.87
N GLU A 88 -49.22 8.83 -9.38
CA GLU A 88 -48.56 7.53 -9.32
C GLU A 88 -48.14 7.15 -10.73
N GLU A 89 -46.89 6.75 -10.89
CA GLU A 89 -46.27 6.64 -12.20
C GLU A 89 -46.01 5.18 -12.55
N GLU A 90 -46.64 4.72 -13.63
CA GLU A 90 -46.21 3.51 -14.31
C GLU A 90 -44.97 3.82 -15.13
N PRO A 91 -44.20 2.81 -15.54
CA PRO A 91 -43.00 3.08 -16.33
C PRO A 91 -43.31 3.72 -17.68
N LEU A 92 -42.99 5.00 -17.81
CA LEU A 92 -43.13 5.75 -19.06
C LEU A 92 -41.93 6.69 -19.16
N GLY A 93 -42.04 7.67 -20.06
CA GLY A 93 -40.97 8.63 -20.27
C GLY A 93 -40.90 9.67 -19.16
N THR A 94 -39.95 10.59 -19.31
CA THR A 94 -39.69 11.63 -18.32
C THR A 94 -40.61 12.83 -18.56
N ALA A 95 -41.91 12.56 -18.55
CA ALA A 95 -42.95 13.59 -18.72
C ALA A 95 -43.99 13.37 -17.64
N GLY A 96 -43.78 13.98 -16.48
CA GLY A 96 -44.70 13.91 -15.37
C GLY A 96 -46.06 14.49 -15.68
N PRO A 97 -46.12 15.80 -15.97
CA PRO A 97 -47.42 16.42 -16.28
C PRO A 97 -48.12 15.80 -17.48
N LEU A 98 -47.37 15.38 -18.50
CA LEU A 98 -47.99 14.80 -19.69
C LEU A 98 -48.65 13.47 -19.37
N ALA A 99 -48.10 12.70 -18.44
CA ALA A 99 -48.62 11.36 -18.15
C ALA A 99 -49.82 11.42 -17.22
N LEU A 100 -49.63 11.93 -16.00
CA LEU A 100 -50.67 11.90 -14.98
C LEU A 100 -51.32 13.26 -14.76
N ALA A 101 -50.53 14.32 -14.59
CA ALA A 101 -51.09 15.62 -14.26
C ALA A 101 -51.87 16.25 -15.40
N ARG A 102 -51.80 15.68 -16.61
CA ARG A 102 -52.60 16.21 -17.72
C ARG A 102 -54.09 16.07 -17.41
N ASP A 103 -54.49 14.94 -16.82
CA ASP A 103 -55.91 14.73 -16.53
C ASP A 103 -56.42 15.73 -15.50
N ILE A 104 -55.62 16.03 -14.49
CA ILE A 104 -56.04 16.91 -13.40
C ILE A 104 -55.60 18.33 -13.71
N LEU A 105 -56.56 19.21 -14.02
CA LEU A 105 -56.28 20.62 -14.22
C LEU A 105 -57.23 21.45 -13.38
N MET A 106 -58.41 20.89 -13.10
CA MET A 106 -59.40 21.50 -12.21
C MET A 106 -59.77 22.91 -12.66
N GLN A 107 -59.91 23.09 -13.98
CA GLN A 107 -60.31 24.36 -14.58
C GLN A 107 -59.40 25.50 -14.14
N ASP A 108 -58.12 25.37 -14.51
CA ASP A 108 -57.15 26.40 -14.20
C ASP A 108 -57.40 27.64 -15.05
N ASP A 109 -56.89 28.78 -14.58
CA ASP A 109 -57.01 30.04 -15.29
C ASP A 109 -55.71 30.79 -15.44
N LYS A 110 -54.64 30.40 -14.76
CA LYS A 110 -53.34 31.05 -14.80
C LYS A 110 -52.27 30.01 -15.05
N PRO A 111 -51.13 30.41 -15.61
CA PRO A 111 -50.04 29.45 -15.83
C PRO A 111 -49.58 28.82 -14.52
N PHE A 112 -49.24 27.54 -14.60
CA PHE A 112 -48.86 26.75 -13.44
C PHE A 112 -47.34 26.54 -13.43
N PHE A 113 -46.73 26.70 -12.26
CA PHE A 113 -45.30 26.51 -12.13
C PHE A 113 -44.93 25.02 -12.20
N VAL A 114 -43.70 24.76 -12.64
CA VAL A 114 -43.11 23.43 -12.64
C VAL A 114 -41.72 23.56 -12.04
N LEU A 115 -41.43 22.78 -11.00
CA LEU A 115 -40.19 22.91 -10.25
C LEU A 115 -39.59 21.53 -10.00
N ASN A 116 -38.28 21.52 -9.77
CA ASN A 116 -37.59 20.32 -9.34
C ASN A 116 -37.72 20.21 -7.83
N SER A 117 -36.96 19.29 -7.21
CA SER A 117 -36.91 19.19 -5.76
C SER A 117 -35.56 19.52 -5.18
N ASP A 118 -34.52 19.65 -6.00
CA ASP A 118 -33.17 19.93 -5.56
C ASP A 118 -32.68 21.28 -6.10
N VAL A 119 -33.53 22.30 -6.04
CA VAL A 119 -33.17 23.64 -6.47
C VAL A 119 -33.19 24.56 -5.26
N THR A 120 -32.13 25.36 -5.10
CA THR A 120 -32.01 26.31 -4.02
C THR A 120 -31.58 27.65 -4.60
N CYS A 121 -32.44 28.65 -4.48
CA CYS A 121 -32.20 29.97 -5.06
C CYS A 121 -32.83 31.02 -4.16
N THR A 122 -32.73 32.27 -4.60
CA THR A 122 -33.51 33.34 -3.97
C THR A 122 -34.99 33.23 -4.29
N PHE A 123 -35.35 32.44 -5.29
CA PHE A 123 -36.74 32.18 -5.68
C PHE A 123 -37.50 33.46 -5.98
N PRO A 124 -37.21 34.13 -7.11
CA PRO A 124 -38.02 35.30 -7.47
C PRO A 124 -39.42 34.88 -7.83
N MET A 125 -40.39 35.24 -6.98
CA MET A 125 -41.77 34.80 -7.11
C MET A 125 -42.66 35.84 -7.79
N GLN A 126 -42.06 36.71 -8.60
CA GLN A 126 -42.81 37.62 -9.44
C GLN A 126 -42.99 37.10 -10.86
N GLU A 127 -42.62 35.83 -11.09
CA GLU A 127 -42.63 35.29 -12.44
C GLU A 127 -44.04 35.26 -13.04
N LEU A 128 -45.05 35.09 -12.20
CA LEU A 128 -46.43 35.14 -12.70
C LEU A 128 -46.75 36.52 -13.27
N LEU A 129 -46.28 37.58 -12.59
CA LEU A 129 -46.48 38.93 -13.10
C LEU A 129 -45.42 39.30 -14.13
N ASP A 130 -44.19 38.84 -13.95
CA ASP A 130 -43.13 39.12 -14.90
C ASP A 130 -43.38 38.34 -16.19
N PHE A 131 -42.77 38.85 -17.28
CA PHE A 131 -42.89 38.26 -18.61
C PHE A 131 -44.35 38.15 -19.04
N HIS A 132 -45.18 39.09 -18.60
CA HIS A 132 -46.59 39.14 -18.97
C HIS A 132 -46.86 40.05 -20.15
N LYS A 133 -45.82 40.63 -20.74
CA LYS A 133 -45.98 41.59 -21.84
C LYS A 133 -46.29 40.83 -23.13
N ALA A 134 -47.54 40.35 -23.20
CA ALA A 134 -48.06 39.63 -24.37
C ALA A 134 -47.17 38.44 -24.74
N HIS A 135 -47.05 37.51 -23.79
CA HIS A 135 -46.21 36.33 -23.97
C HIS A 135 -47.09 35.08 -24.00
N GLY A 136 -46.74 34.15 -24.89
CA GLY A 136 -47.38 32.85 -24.95
C GLY A 136 -46.50 31.82 -24.27
N GLY A 137 -46.96 31.32 -23.13
CA GLY A 137 -46.12 30.49 -22.30
C GLY A 137 -45.08 31.33 -21.59
N GLU A 138 -45.54 32.23 -20.71
CA GLU A 138 -44.64 33.16 -20.04
C GLU A 138 -43.64 32.42 -19.19
N GLY A 139 -42.42 32.94 -19.13
CA GLY A 139 -41.37 32.39 -18.28
C GLY A 139 -41.10 30.92 -18.56
N THR A 140 -41.04 30.55 -19.84
CA THR A 140 -41.00 29.15 -20.20
C THR A 140 -39.80 28.43 -19.58
N ILE A 141 -38.67 29.13 -19.44
CA ILE A 141 -37.48 28.56 -18.82
C ILE A 141 -36.83 29.62 -17.94
N MET A 142 -35.95 29.15 -17.06
CA MET A 142 -35.20 30.02 -16.15
C MET A 142 -33.73 29.67 -16.26
N VAL A 143 -32.88 30.70 -16.27
CA VAL A 143 -31.45 30.51 -16.52
C VAL A 143 -30.65 31.25 -15.46
N SER A 144 -29.42 30.78 -15.25
CA SER A 144 -28.48 31.38 -14.31
C SER A 144 -27.08 31.29 -14.88
N GLN A 145 -26.20 32.17 -14.40
CA GLN A 145 -24.83 32.22 -14.88
C GLN A 145 -24.00 31.10 -14.28
N VAL A 146 -23.13 30.52 -15.10
CA VAL A 146 -22.20 29.50 -14.66
C VAL A 146 -20.82 29.80 -15.25
N THR A 147 -19.78 29.66 -14.43
CA THR A 147 -18.42 29.92 -14.91
C THR A 147 -17.99 28.90 -15.94
N GLN A 148 -18.27 27.62 -15.69
CA GLN A 148 -17.88 26.54 -16.60
C GLN A 148 -18.95 26.40 -17.67
N TRP A 149 -18.75 27.12 -18.78
CA TRP A 149 -19.73 27.12 -19.86
C TRP A 149 -19.83 25.76 -20.53
N GLU A 150 -18.70 25.08 -20.71
CA GLU A 150 -18.66 23.82 -21.45
C GLU A 150 -18.68 22.59 -20.57
N LYS A 151 -18.25 22.70 -19.31
CA LYS A 151 -18.19 21.53 -18.44
C LYS A 151 -19.59 20.96 -18.19
N TYR A 152 -20.52 21.81 -17.76
CA TYR A 152 -21.87 21.34 -17.48
C TYR A 152 -22.63 21.02 -18.77
N GLY A 153 -22.40 21.80 -19.82
CA GLY A 153 -23.08 21.58 -21.07
C GLY A 153 -24.54 22.03 -21.01
N VAL A 154 -25.26 21.70 -22.08
CA VAL A 154 -26.67 22.05 -22.24
C VAL A 154 -26.81 23.55 -22.06
N VAL A 155 -26.25 24.32 -22.99
CA VAL A 155 -26.24 25.77 -22.90
C VAL A 155 -27.51 26.31 -23.57
N VAL A 156 -28.29 27.08 -22.82
CA VAL A 156 -29.47 27.75 -23.34
C VAL A 156 -29.04 29.15 -23.76
N TYR A 157 -28.88 29.35 -25.06
CA TYR A 157 -28.38 30.61 -25.58
C TYR A 157 -29.45 31.68 -25.49
N SER A 158 -29.15 32.79 -24.82
CA SER A 158 -30.08 33.90 -24.66
C SER A 158 -29.58 35.12 -25.42
N PRO A 159 -30.12 35.43 -26.59
CA PRO A 159 -29.71 36.65 -27.29
C PRO A 159 -30.25 37.90 -26.63
N GLN A 160 -30.05 39.06 -27.27
CA GLN A 160 -30.52 40.32 -26.70
C GLN A 160 -32.03 40.29 -26.46
N ASN A 161 -32.79 39.79 -27.44
CA ASN A 161 -34.22 39.61 -27.24
C ASN A 161 -34.47 38.47 -26.26
N TYR A 162 -35.47 38.65 -25.40
CA TYR A 162 -35.83 37.64 -24.40
C TYR A 162 -36.59 36.48 -25.08
N GLN A 163 -35.85 35.75 -25.89
CA GLN A 163 -36.40 34.62 -26.63
C GLN A 163 -35.28 33.65 -26.94
N ILE A 164 -35.58 32.35 -26.87
CA ILE A 164 -34.62 31.29 -27.14
C ILE A 164 -35.07 30.50 -28.35
N GLU A 165 -34.13 30.19 -29.24
CA GLU A 165 -34.44 29.47 -30.46
C GLU A 165 -33.62 28.20 -30.68
N ARG A 166 -32.53 28.01 -29.94
CA ARG A 166 -31.66 26.87 -30.19
C ARG A 166 -31.13 26.32 -28.87
N PHE A 167 -31.13 25.00 -28.75
CA PHE A 167 -30.54 24.28 -27.63
C PHE A 167 -29.34 23.49 -28.15
N VAL A 168 -28.16 23.79 -27.63
CA VAL A 168 -26.92 23.14 -28.06
C VAL A 168 -26.30 22.44 -26.86
N GLU A 169 -25.91 21.18 -27.06
CA GLU A 169 -25.30 20.38 -26.00
C GLU A 169 -23.80 20.32 -26.22
N LYS A 170 -23.04 20.71 -25.19
CA LYS A 170 -21.59 20.82 -25.24
C LYS A 170 -21.17 21.68 -26.42
N PRO A 171 -21.54 22.96 -26.46
CA PRO A 171 -21.22 23.79 -27.62
C PRO A 171 -19.75 24.20 -27.64
N SER A 172 -19.18 24.23 -28.84
CA SER A 172 -17.83 24.74 -29.00
C SER A 172 -17.79 26.26 -28.91
N ARG A 173 -18.82 26.92 -29.44
CA ARG A 173 -18.90 28.37 -29.40
C ARG A 173 -19.31 28.85 -28.01
N PHE A 174 -18.81 30.03 -27.66
CA PHE A 174 -19.17 30.68 -26.39
C PHE A 174 -20.48 31.44 -26.58
N LEU A 175 -21.56 30.67 -26.76
CA LEU A 175 -22.87 31.26 -26.97
C LEU A 175 -23.34 32.03 -25.75
N GLY A 176 -23.12 31.48 -24.56
CA GLY A 176 -23.52 32.15 -23.35
C GLY A 176 -23.25 31.29 -22.13
N ASP A 177 -23.40 31.91 -20.97
CA ASP A 177 -23.19 31.25 -19.69
C ASP A 177 -24.50 30.83 -19.02
N ARG A 178 -25.62 30.94 -19.72
CA ARG A 178 -26.91 30.59 -19.14
C ARG A 178 -27.08 29.08 -19.08
N ILE A 179 -27.66 28.60 -17.98
CA ILE A 179 -27.94 27.19 -17.77
C ILE A 179 -29.36 27.05 -17.28
N ASN A 180 -30.08 26.04 -17.78
CA ASN A 180 -31.47 25.82 -17.41
C ASN A 180 -31.60 25.55 -15.91
N ALA A 181 -32.22 26.49 -15.19
CA ALA A 181 -32.32 26.36 -13.75
C ALA A 181 -33.18 25.17 -13.34
N GLY A 182 -34.21 24.87 -14.11
CA GLY A 182 -35.14 23.81 -13.77
C GLY A 182 -36.45 24.29 -13.18
N ILE A 183 -36.68 25.60 -13.11
CA ILE A 183 -37.93 26.16 -12.63
C ILE A 183 -38.72 26.59 -13.86
N TYR A 184 -39.81 25.90 -14.14
CA TYR A 184 -40.61 26.14 -15.33
C TYR A 184 -41.99 26.63 -14.96
N ILE A 185 -42.58 27.44 -15.82
CA ILE A 185 -44.00 27.77 -15.76
C ILE A 185 -44.57 27.74 -17.17
N PHE A 186 -45.67 27.01 -17.35
CA PHE A 186 -46.30 26.83 -18.65
C PHE A 186 -47.77 27.19 -18.57
N ASN A 187 -48.34 27.59 -19.70
CA ASN A 187 -49.76 27.87 -19.78
C ASN A 187 -50.55 26.57 -19.91
N LYS A 188 -51.87 26.69 -19.74
CA LYS A 188 -52.73 25.51 -19.80
C LYS A 188 -52.73 24.89 -21.19
N SER A 189 -52.66 25.73 -22.23
CA SER A 189 -52.68 25.23 -23.61
C SER A 189 -51.45 24.42 -23.97
N ILE A 190 -50.40 24.46 -23.14
CA ILE A 190 -49.19 23.69 -23.43
C ILE A 190 -49.48 22.20 -23.42
N LEU A 191 -50.41 21.77 -22.56
CA LEU A 191 -50.72 20.35 -22.41
C LEU A 191 -51.16 19.71 -23.71
N ASP A 192 -50.35 18.80 -24.24
CA ASP A 192 -50.67 18.01 -25.42
C ASP A 192 -50.30 16.56 -25.18
N ARG A 193 -51.17 15.65 -25.59
CA ARG A 193 -50.98 14.22 -25.32
C ARG A 193 -49.84 13.70 -26.18
N ILE A 194 -48.67 13.51 -25.59
CA ILE A 194 -47.50 12.99 -26.27
C ILE A 194 -47.08 11.68 -25.58
N PRO A 195 -47.52 10.54 -26.10
CA PRO A 195 -47.10 9.26 -25.52
C PRO A 195 -45.60 9.06 -25.67
N PRO A 196 -44.96 8.39 -24.71
CA PRO A 196 -43.52 8.12 -24.75
C PRO A 196 -43.11 7.25 -25.94
N ILE A 201 -41.09 12.80 -26.68
CA ILE A 201 -40.96 13.22 -25.30
C ILE A 201 -39.62 13.91 -25.07
N GLU A 202 -39.32 14.91 -25.90
CA GLU A 202 -38.08 15.69 -25.78
C GLU A 202 -38.23 16.63 -24.58
N LYS A 203 -38.07 16.05 -23.39
CA LYS A 203 -38.29 16.77 -22.12
C LYS A 203 -39.71 17.30 -22.15
N GLU A 204 -39.92 18.61 -22.27
CA GLU A 204 -41.26 19.20 -22.41
C GLU A 204 -41.51 19.67 -23.83
N ILE A 205 -41.02 18.91 -24.82
CA ILE A 205 -41.12 19.25 -26.23
C ILE A 205 -40.46 20.61 -26.46
N PHE A 206 -39.28 20.79 -25.84
CA PHE A 206 -38.58 22.07 -25.95
C PHE A 206 -38.13 22.41 -27.38
N PRO A 207 -37.57 21.49 -28.18
CA PRO A 207 -37.21 21.88 -29.55
C PRO A 207 -38.39 22.44 -30.35
N ALA A 208 -39.56 21.81 -30.28
CA ALA A 208 -40.74 22.37 -30.92
C ALA A 208 -41.14 23.69 -30.28
N MET A 209 -41.05 23.76 -28.94
CA MET A 209 -41.39 24.98 -28.23
C MET A 209 -40.60 26.17 -28.78
N ALA A 210 -39.33 25.94 -29.10
CA ALA A 210 -38.54 26.96 -29.77
C ALA A 210 -38.90 27.08 -31.25
N ALA A 211 -39.37 26.00 -31.86
CA ALA A 211 -39.73 26.03 -33.27
C ALA A 211 -40.85 27.02 -33.53
N GLU A 212 -41.88 27.02 -32.68
CA GLU A 212 -42.87 28.09 -32.80
C GLU A 212 -42.43 29.39 -32.12
N GLY A 213 -41.27 29.40 -31.47
CA GLY A 213 -40.68 30.62 -30.98
C GLY A 213 -41.48 31.35 -29.91
N GLN A 214 -41.98 30.63 -28.91
CA GLN A 214 -42.65 31.23 -27.77
C GLN A 214 -42.02 30.77 -26.46
N LEU A 215 -40.72 30.55 -26.45
CA LEU A 215 -39.99 30.12 -25.27
C LEU A 215 -39.09 31.26 -24.81
N TYR A 216 -39.28 31.70 -23.56
CA TYR A 216 -38.57 32.83 -23.01
C TYR A 216 -37.68 32.37 -21.85
N ALA A 217 -36.65 33.16 -21.55
CA ALA A 217 -35.71 32.85 -20.48
C ALA A 217 -35.61 34.03 -19.53
N PHE A 218 -35.49 33.73 -18.24
CA PHE A 218 -35.36 34.74 -17.19
C PHE A 218 -33.98 34.58 -16.56
N ASN A 219 -33.14 35.61 -16.72
CA ASN A 219 -31.80 35.56 -16.13
C ASN A 219 -31.88 35.76 -14.62
N LEU A 220 -31.14 34.92 -13.89
CA LEU A 220 -31.14 34.95 -12.44
C LEU A 220 -29.81 35.49 -11.93
N GLU A 221 -29.87 36.47 -11.04
CA GLU A 221 -28.66 37.01 -10.42
C GLU A 221 -28.27 36.24 -9.16
N GLY A 222 -29.17 35.42 -8.61
CA GLY A 222 -28.90 34.70 -7.39
C GLY A 222 -28.15 33.40 -7.62
N PHE A 223 -27.84 32.74 -6.51
CA PHE A 223 -27.15 31.46 -6.53
C PHE A 223 -28.06 30.36 -7.06
N TRP A 224 -27.44 29.29 -7.55
CA TRP A 224 -28.17 28.12 -8.02
C TRP A 224 -27.23 26.92 -8.04
N MET A 225 -27.67 25.82 -7.43
CA MET A 225 -26.94 24.57 -7.49
C MET A 225 -27.88 23.44 -7.06
N ASP A 226 -27.60 22.25 -7.59
CA ASP A 226 -28.43 21.07 -7.32
C ASP A 226 -27.96 20.39 -6.05
N VAL A 227 -28.84 20.29 -5.06
CA VAL A 227 -28.53 19.63 -3.80
C VAL A 227 -28.85 18.16 -3.98
N GLY A 228 -27.88 17.41 -4.53
CA GLY A 228 -28.07 16.00 -4.77
C GLY A 228 -27.05 15.13 -4.07
N GLN A 229 -26.04 15.75 -3.48
CA GLN A 229 -24.97 15.04 -2.79
C GLN A 229 -24.64 15.75 -1.50
N PRO A 230 -24.08 15.03 -0.51
CA PRO A 230 -23.69 15.70 0.74
C PRO A 230 -22.71 16.85 0.55
N LYS A 231 -21.77 16.70 -0.39
CA LYS A 231 -20.88 17.81 -0.71
C LYS A 231 -21.65 18.99 -1.27
N ASP A 232 -22.53 18.73 -2.24
CA ASP A 232 -23.40 19.79 -2.74
C ASP A 232 -24.34 20.30 -1.67
N TYR A 233 -24.72 19.43 -0.73
CA TYR A 233 -25.53 19.88 0.41
C TYR A 233 -24.80 20.95 1.21
N ILE A 234 -23.55 20.67 1.57
CA ILE A 234 -22.76 21.61 2.36
C ILE A 234 -22.53 22.91 1.58
N LEU A 235 -22.20 22.78 0.29
CA LEU A 235 -21.95 23.98 -0.51
C LEU A 235 -23.21 24.82 -0.67
N GLY A 236 -24.36 24.16 -0.88
CA GLY A 236 -25.61 24.90 -0.95
C GLY A 236 -25.94 25.60 0.35
N MET A 237 -25.65 24.94 1.48
CA MET A 237 -25.88 25.59 2.77
C MET A 237 -24.99 26.81 2.93
N THR A 238 -23.71 26.69 2.57
CA THR A 238 -22.80 27.81 2.76
C THR A 238 -23.07 28.95 1.78
N LYS A 239 -23.73 28.67 0.67
CA LYS A 239 -24.17 29.75 -0.22
C LYS A 239 -25.52 30.33 0.17
N PHE A 240 -26.39 29.54 0.79
CA PHE A 240 -27.76 29.95 1.07
C PHE A 240 -27.91 30.68 2.40
N ILE A 241 -27.08 30.36 3.40
CA ILE A 241 -27.21 31.02 4.70
C ILE A 241 -27.12 32.54 4.60
N PRO A 242 -26.15 33.13 3.88
CA PRO A 242 -26.11 34.60 3.82
C PRO A 242 -27.33 35.23 3.17
N SER A 243 -28.06 34.48 2.35
CA SER A 243 -29.23 35.02 1.66
C SER A 243 -30.47 35.09 2.56
N LEU A 244 -30.37 34.64 3.81
CA LEU A 244 -31.51 34.58 4.71
C LEU A 244 -31.48 35.69 5.75
N VAL A 245 -30.61 36.69 5.58
CA VAL A 245 -30.45 37.73 6.60
C VAL A 245 -31.74 38.51 6.80
N HIS A 246 -32.49 38.74 5.72
CA HIS A 246 -33.77 39.43 5.83
C HIS A 246 -34.95 38.49 5.96
N GLY A 247 -34.75 37.18 5.84
CA GLY A 247 -35.84 36.23 5.87
C GLY A 247 -36.34 35.85 7.25
N ASN A 248 -35.47 35.24 8.05
CA ASN A 248 -35.84 34.70 9.35
C ASN A 248 -35.26 35.56 10.47
N ARG A 249 -35.55 35.15 11.71
CA ARG A 249 -35.05 35.88 12.87
C ARG A 249 -33.54 35.76 13.01
N GLU A 250 -33.00 34.57 12.74
CA GLU A 250 -31.56 34.34 12.86
C GLU A 250 -30.93 33.99 11.51
N THR A 256 -20.83 43.51 15.81
CA THR A 256 -21.06 42.31 16.62
C THR A 256 -21.92 41.31 15.87
N GLU A 257 -21.40 40.10 15.71
CA GLU A 257 -22.14 39.02 15.06
C GLU A 257 -23.31 38.62 15.96
N ALA A 258 -24.52 39.02 15.59
CA ALA A 258 -25.70 38.83 16.42
C ALA A 258 -26.73 37.94 15.73
N VAL A 259 -26.29 36.96 14.95
CA VAL A 259 -27.22 36.00 14.38
C VAL A 259 -27.84 35.15 15.49
N GLU A 260 -27.02 34.66 16.41
CA GLU A 260 -27.50 34.10 17.67
C GLU A 260 -26.29 34.06 18.60
N HIS A 261 -26.33 34.83 19.68
CA HIS A 261 -25.14 35.01 20.52
C HIS A 261 -25.29 34.45 21.93
N GLN A 262 -26.43 34.67 22.58
CA GLN A 262 -26.64 34.22 23.96
C GLN A 262 -27.92 33.40 24.02
N ARG A 263 -27.79 32.08 24.11
CA ARG A 263 -28.92 31.18 24.24
C ARG A 263 -28.92 30.46 25.59
N GLY A 264 -27.84 29.76 25.91
CA GLY A 264 -27.73 29.07 27.18
C GLY A 264 -26.52 29.51 27.97
N GLY A 265 -25.62 30.24 27.30
CA GLY A 265 -24.42 30.76 27.92
C GLY A 265 -23.78 31.77 27.01
N ARG A 266 -22.66 32.33 27.48
CA ARG A 266 -21.93 33.33 26.71
C ARG A 266 -21.00 32.61 25.74
N PHE A 267 -21.51 32.33 24.54
CA PHE A 267 -20.74 31.70 23.49
C PHE A 267 -20.56 32.67 22.33
N THR A 268 -19.62 32.34 21.44
CA THR A 268 -19.28 33.20 20.33
C THR A 268 -19.58 32.50 19.01
N VAL A 269 -20.14 33.25 18.06
CA VAL A 269 -20.40 32.76 16.71
C VAL A 269 -19.54 33.57 15.75
N ILE A 270 -18.70 32.87 14.98
CA ILE A 270 -17.79 33.55 14.07
C ILE A 270 -18.56 34.16 12.90
N GLY A 271 -19.46 33.39 12.30
CA GLY A 271 -20.23 33.88 11.17
C GLY A 271 -21.73 33.69 11.35
N ALA A 272 -22.50 33.92 10.29
CA ALA A 272 -23.94 33.73 10.36
C ALA A 272 -24.27 32.25 10.49
N SER A 273 -25.27 31.96 11.31
CA SER A 273 -25.69 30.57 11.54
C SER A 273 -27.13 30.55 11.99
N LEU A 274 -27.76 29.39 11.84
CA LEU A 274 -29.15 29.18 12.21
C LEU A 274 -29.21 28.34 13.48
N ILE A 275 -29.60 28.96 14.59
CA ILE A 275 -29.70 28.29 15.88
C ILE A 275 -31.18 28.20 16.23
N ASP A 276 -31.67 26.98 16.36
CA ASP A 276 -33.08 26.78 16.71
C ASP A 276 -33.31 27.29 18.13
N PRO A 277 -34.36 28.09 18.37
CA PRO A 277 -34.53 28.70 19.69
C PRO A 277 -34.61 27.70 20.83
N SER A 278 -35.18 26.51 20.62
CA SER A 278 -35.32 25.55 21.70
C SER A 278 -34.01 24.85 22.04
N ALA A 279 -32.98 24.99 21.22
CA ALA A 279 -31.71 24.33 21.46
C ALA A 279 -30.97 24.95 22.63
N LYS A 280 -30.06 24.19 23.21
CA LYS A 280 -29.16 24.65 24.26
C LYS A 280 -27.73 24.58 23.75
N ILE A 281 -27.05 25.71 23.71
CA ILE A 281 -25.72 25.76 23.13
C ILE A 281 -24.62 25.38 24.13
N GLY A 282 -24.76 25.78 25.39
CA GLY A 282 -23.78 25.45 26.41
C GLY A 282 -23.23 26.71 27.07
N ASP A 283 -21.93 26.71 27.31
CA ASP A 283 -21.28 27.82 28.01
C ASP A 283 -20.15 28.46 27.23
N GLY A 284 -19.35 27.67 26.52
CA GLY A 284 -18.22 28.22 25.80
C GLY A 284 -18.06 27.67 24.40
N ALA A 285 -19.17 27.34 23.75
CA ALA A 285 -19.11 26.80 22.40
C ALA A 285 -18.71 27.88 21.41
N VAL A 286 -18.27 27.44 20.23
CA VAL A 286 -17.91 28.33 19.14
C VAL A 286 -18.62 27.82 17.89
N ILE A 287 -19.78 28.38 17.59
CA ILE A 287 -20.57 27.97 16.43
C ILE A 287 -19.95 28.61 15.20
N GLY A 288 -19.36 27.79 14.33
CA GLY A 288 -18.61 28.29 13.21
C GLY A 288 -19.49 28.92 12.16
N PRO A 289 -18.86 29.36 11.07
CA PRO A 289 -19.62 30.02 10.01
C PRO A 289 -20.53 29.04 9.28
N TYR A 290 -21.76 29.48 9.03
CA TYR A 290 -22.73 28.75 8.21
C TYR A 290 -23.00 27.36 8.79
N ALA A 291 -23.60 27.35 9.98
CA ALA A 291 -23.99 26.11 10.65
C ALA A 291 -25.47 26.18 11.00
N SER A 292 -26.10 25.01 11.05
CA SER A 292 -27.52 24.90 11.38
C SER A 292 -27.69 23.90 12.52
N ILE A 293 -28.65 24.17 13.39
CA ILE A 293 -28.91 23.33 14.55
C ILE A 293 -30.41 23.16 14.69
N GLY A 294 -30.86 21.93 14.93
CA GLY A 294 -32.28 21.62 15.02
C GLY A 294 -32.83 21.78 16.43
N ALA A 295 -34.13 21.54 16.54
CA ALA A 295 -34.83 21.73 17.79
C ALA A 295 -34.39 20.72 18.84
N ASN A 296 -34.38 21.16 20.10
CA ASN A 296 -34.06 20.36 21.27
C ASN A 296 -32.64 19.82 21.25
N CYS A 297 -31.82 20.24 20.28
CA CYS A 297 -30.43 19.82 20.25
C CYS A 297 -29.68 20.38 21.45
N VAL A 298 -28.78 19.57 22.00
CA VAL A 298 -27.98 19.96 23.16
C VAL A 298 -26.51 19.94 22.75
N ILE A 299 -25.82 21.05 22.98
CA ILE A 299 -24.42 21.21 22.64
C ILE A 299 -23.63 21.40 23.92
N GLY A 300 -22.47 20.77 24.01
CA GLY A 300 -21.72 20.69 25.24
C GLY A 300 -21.15 22.02 25.70
N GLU A 301 -20.32 21.93 26.74
CA GLU A 301 -19.77 23.13 27.36
C GLU A 301 -18.88 23.90 26.40
N SER A 302 -18.04 23.20 25.65
CA SER A 302 -17.18 23.82 24.65
C SER A 302 -17.18 22.95 23.41
N CYS A 303 -17.59 23.51 22.28
CA CYS A 303 -17.72 22.75 21.05
C CYS A 303 -17.33 23.61 19.87
N ARG A 304 -17.14 22.96 18.72
CA ARG A 304 -16.82 23.63 17.47
C ARG A 304 -17.73 23.07 16.38
N ILE A 305 -18.77 23.81 16.04
CA ILE A 305 -19.69 23.42 14.97
C ILE A 305 -19.33 24.30 13.77
N ASP A 306 -18.46 23.79 12.92
CA ASP A 306 -17.89 24.55 11.81
C ASP A 306 -18.48 24.05 10.50
N ASN A 307 -19.35 24.88 9.89
CA ASN A 307 -19.93 24.58 8.59
C ASN A 307 -20.60 23.20 8.59
N ALA A 308 -21.36 22.92 9.63
CA ALA A 308 -21.97 21.62 9.81
C ALA A 308 -23.42 21.78 10.23
N ALA A 309 -24.20 20.72 9.99
CA ALA A 309 -25.62 20.72 10.28
C ALA A 309 -25.93 19.67 11.34
N ILE A 310 -26.67 20.07 12.36
CA ILE A 310 -27.14 19.17 13.40
C ILE A 310 -28.66 19.11 13.30
N LEU A 311 -29.20 17.92 13.11
CA LEU A 311 -30.62 17.74 12.80
C LEU A 311 -31.35 17.16 14.00
N GLU A 312 -32.42 17.82 14.42
CA GLU A 312 -33.33 17.35 15.45
C GLU A 312 -32.61 16.95 16.74
N ASN A 313 -33.24 16.11 17.56
CA ASN A 313 -32.78 15.84 18.91
C ASN A 313 -31.42 15.15 18.87
N SER A 314 -30.36 15.89 19.18
CA SER A 314 -29.02 15.34 19.25
C SER A 314 -28.33 15.84 20.50
N LYS A 315 -27.47 15.01 21.07
CA LYS A 315 -26.65 15.39 22.21
C LYS A 315 -25.19 15.37 21.79
N VAL A 316 -24.44 16.39 22.21
CA VAL A 316 -23.04 16.55 21.84
C VAL A 316 -22.24 16.83 23.10
N GLY A 317 -21.13 16.09 23.28
CA GLY A 317 -20.32 16.21 24.47
C GLY A 317 -19.49 17.47 24.52
N LYS A 318 -18.36 17.38 25.21
CA LYS A 318 -17.49 18.54 25.45
C LYS A 318 -16.24 18.43 24.59
N GLY A 319 -15.93 19.50 23.87
CA GLY A 319 -14.67 19.58 23.15
C GLY A 319 -14.65 18.96 21.77
N THR A 320 -15.76 18.42 21.30
CA THR A 320 -15.75 17.80 19.98
C THR A 320 -15.74 18.87 18.88
N MET A 321 -15.41 18.44 17.68
CA MET A 321 -15.36 19.32 16.51
C MET A 321 -16.14 18.65 15.38
N VAL A 322 -17.15 19.34 14.88
CA VAL A 322 -17.96 18.86 13.76
C VAL A 322 -17.71 19.83 12.61
N SER A 323 -16.88 19.42 11.66
CA SER A 323 -16.44 20.30 10.58
C SER A 323 -16.92 19.73 9.24
N ARG A 324 -17.71 20.52 8.51
CA ARG A 324 -18.16 20.18 7.16
C ARG A 324 -18.84 18.82 7.12
N SER A 325 -19.68 18.53 8.12
CA SER A 325 -20.32 17.23 8.21
C SER A 325 -21.78 17.40 8.60
N ILE A 326 -22.49 16.29 8.62
CA ILE A 326 -23.90 16.23 9.00
C ILE A 326 -24.05 15.13 10.04
N VAL A 327 -25.09 15.22 10.87
CA VAL A 327 -25.39 14.20 11.85
C VAL A 327 -26.87 13.84 11.74
N GLY A 328 -27.21 12.67 12.28
CA GLY A 328 -28.52 12.11 12.11
C GLY A 328 -29.62 12.84 12.86
N TRP A 329 -30.73 12.15 13.04
CA TRP A 329 -31.90 12.76 13.69
C TRP A 329 -31.80 12.63 15.20
N ASN A 330 -31.74 11.40 15.71
CA ASN A 330 -31.61 11.15 17.14
C ASN A 330 -30.19 10.77 17.52
N ASN A 331 -29.22 11.31 16.77
CA ASN A 331 -27.81 11.00 16.99
C ASN A 331 -27.37 11.38 18.39
N ARG A 332 -26.54 10.53 18.99
CA ARG A 332 -25.93 10.80 20.29
C ARG A 332 -24.43 10.73 20.14
N ILE A 333 -23.77 11.89 20.19
CA ILE A 333 -22.36 12.04 19.88
C ILE A 333 -21.55 12.02 21.17
N GLY A 334 -20.37 11.41 21.12
CA GLY A 334 -19.49 11.33 22.26
C GLY A 334 -18.96 12.67 22.73
N SER A 335 -18.07 12.65 23.72
CA SER A 335 -17.61 13.90 24.31
C SER A 335 -16.47 14.51 23.51
N TRP A 336 -15.31 13.84 23.45
CA TRP A 336 -14.10 14.42 22.90
C TRP A 336 -13.79 13.91 21.50
N CYS A 337 -14.80 13.58 20.71
CA CYS A 337 -14.58 13.03 19.38
C CYS A 337 -14.11 14.12 18.43
N HIS A 338 -13.93 13.74 17.16
CA HIS A 338 -13.44 14.66 16.14
C HIS A 338 -14.01 14.20 14.80
N ILE A 339 -15.08 14.84 14.36
CA ILE A 339 -15.77 14.49 13.12
C ILE A 339 -15.55 15.61 12.13
N LYS A 340 -14.86 15.31 11.02
CA LYS A 340 -14.56 16.31 10.02
C LYS A 340 -14.74 15.73 8.64
N ASP A 341 -14.45 16.55 7.62
CA ASP A 341 -14.65 16.22 6.22
C ASP A 341 -16.10 15.87 5.93
N ILE A 342 -16.39 15.46 4.69
CA ILE A 342 -17.76 15.16 4.30
C ILE A 342 -18.12 13.77 4.80
N SER A 343 -18.66 13.70 6.01
CA SER A 343 -19.12 12.45 6.61
C SER A 343 -20.54 12.66 7.08
N VAL A 344 -21.42 11.73 6.71
CA VAL A 344 -22.84 11.79 7.07
C VAL A 344 -23.12 10.66 8.05
N LEU A 345 -23.74 10.98 9.17
CA LEU A 345 -24.11 10.00 10.17
C LEU A 345 -25.61 9.75 10.10
N GLY A 346 -25.99 8.49 9.99
CA GLY A 346 -27.38 8.11 9.87
C GLY A 346 -28.17 8.36 11.14
N ASP A 347 -29.38 7.82 11.14
CA ASP A 347 -30.28 8.03 12.28
C ASP A 347 -29.87 7.15 13.46
N ASP A 348 -29.97 7.72 14.66
CA ASP A 348 -29.79 7.00 15.92
C ASP A 348 -28.45 6.26 15.98
N VAL A 349 -27.38 6.91 15.52
CA VAL A 349 -26.03 6.40 15.65
C VAL A 349 -25.46 6.91 16.97
N GLU A 350 -24.44 6.23 17.48
CA GLU A 350 -23.76 6.65 18.70
C GLU A 350 -22.27 6.41 18.54
N VAL A 351 -21.46 7.36 18.98
CA VAL A 351 -20.01 7.27 18.91
C VAL A 351 -19.44 7.44 20.31
N LYS A 352 -18.46 6.62 20.64
CA LYS A 352 -17.83 6.67 21.94
C LYS A 352 -16.92 7.91 22.05
N ASP A 353 -16.29 8.05 23.20
CA ASP A 353 -15.42 9.20 23.41
C ASP A 353 -14.10 9.03 22.66
N GLY A 354 -13.60 10.14 22.13
CA GLY A 354 -12.30 10.12 21.47
C GLY A 354 -12.23 9.31 20.19
N VAL A 355 -13.22 9.44 19.32
CA VAL A 355 -13.20 8.79 18.01
C VAL A 355 -12.99 9.87 16.95
N ILE A 356 -12.38 9.48 15.84
CA ILE A 356 -12.03 10.39 14.76
C ILE A 356 -12.59 9.82 13.47
N LEU A 357 -13.78 10.27 13.09
CA LEU A 357 -14.41 9.88 11.84
C LEU A 357 -14.09 10.94 10.79
N ILE A 358 -13.34 10.56 9.76
CA ILE A 358 -12.92 11.49 8.72
C ILE A 358 -13.54 11.01 7.42
N GLY A 359 -14.67 11.60 7.05
CA GLY A 359 -15.30 11.30 5.77
C GLY A 359 -15.83 9.88 5.65
N THR A 360 -16.47 9.37 6.70
CA THR A 360 -17.05 8.04 6.69
C THR A 360 -18.54 8.14 6.95
N LYS A 361 -19.34 7.47 6.12
CA LYS A 361 -20.79 7.47 6.24
C LYS A 361 -21.21 6.22 6.99
N VAL A 362 -21.93 6.39 8.09
CA VAL A 362 -22.38 5.26 8.90
C VAL A 362 -23.86 5.02 8.65
N LEU A 363 -24.27 3.76 8.72
CA LEU A 363 -25.64 3.36 8.49
C LEU A 363 -26.46 3.55 9.78
N PRO A 364 -27.79 3.62 9.66
CA PRO A 364 -28.62 3.89 10.85
C PRO A 364 -28.48 2.81 11.92
N ASN A 365 -28.66 3.22 13.17
CA ASN A 365 -28.71 2.35 14.34
C ASN A 365 -27.37 1.68 14.63
N LYS A 366 -26.35 1.98 13.84
CA LYS A 366 -25.04 1.41 14.06
C LYS A 366 -24.40 2.02 15.32
N ASP A 367 -23.26 1.47 15.70
CA ASP A 367 -22.46 1.98 16.80
C ASP A 367 -21.00 2.02 16.36
N VAL A 368 -20.32 3.11 16.70
CA VAL A 368 -18.94 3.34 16.27
C VAL A 368 -18.08 3.51 17.51
N GLY A 369 -16.94 2.83 17.54
CA GLY A 369 -16.03 2.95 18.66
C GLY A 369 -14.57 2.92 18.26
N GLU A 370 -14.29 2.95 16.96
CA GLU A 370 -12.94 2.84 16.45
C GLU A 370 -12.66 3.95 15.43
N HIS A 371 -11.40 4.35 15.35
CA HIS A 371 -10.99 5.41 14.45
C HIS A 371 -11.14 4.99 13.00
N ARG A 372 -11.35 5.99 12.14
CA ARG A 372 -11.39 5.78 10.69
C ARG A 372 -10.72 6.99 10.03
N PHE A 373 -9.49 6.82 9.59
CA PHE A 373 -8.74 7.91 9.00
C PHE A 373 -8.90 8.01 7.49
N GLU A 374 -9.64 7.11 6.87
CA GLU A 374 -9.82 7.06 5.42
C GLU A 374 -11.30 7.06 5.07
N PRO A 375 -11.67 7.58 3.91
CA PRO A 375 -13.07 7.51 3.49
C PRO A 375 -13.55 6.08 3.36
N GLY A 376 -14.80 5.86 3.73
CA GLY A 376 -15.35 4.51 3.71
C GLY A 376 -16.75 4.50 4.28
N ILE A 377 -17.27 3.29 4.45
CA ILE A 377 -18.64 3.07 4.92
C ILE A 377 -18.61 2.08 6.08
N ILE A 378 -19.39 2.37 7.11
CA ILE A 378 -19.54 1.49 8.27
C ILE A 378 -20.93 0.87 8.21
N MET A 379 -20.99 -0.46 8.19
CA MET A 379 -22.26 -1.16 8.29
C MET A 379 -22.52 -1.62 9.72
N GLN B 7 37.18 54.58 10.70
CA GLN B 7 37.10 55.29 9.43
C GLN B 7 37.04 54.31 8.27
N GLY B 8 37.44 53.06 8.52
CA GLY B 8 37.43 52.06 7.48
C GLY B 8 36.04 51.62 7.10
N MET B 9 35.95 50.98 5.92
CA MET B 9 34.67 50.52 5.43
C MET B 9 34.14 49.36 6.27
N ARG B 10 32.84 49.37 6.54
CA ARG B 10 32.18 48.36 7.34
C ARG B 10 31.04 47.75 6.54
N ALA B 11 30.49 46.66 7.06
CA ALA B 11 29.41 45.96 6.37
C ALA B 11 28.56 45.22 7.38
N VAL B 12 27.35 44.85 6.95
CA VAL B 12 26.38 44.16 7.78
C VAL B 12 25.94 42.89 7.04
N ILE B 13 25.93 41.77 7.75
CA ILE B 13 25.48 40.49 7.21
C ILE B 13 24.26 40.05 8.01
N LEU B 14 23.16 39.79 7.30
CA LEU B 14 21.94 39.30 7.92
C LEU B 14 21.95 37.78 7.91
N VAL B 15 22.18 37.18 9.08
CA VAL B 15 22.19 35.73 9.23
C VAL B 15 21.10 35.25 10.18
N GLY B 16 20.36 36.16 10.80
CA GLY B 16 19.32 35.82 11.76
C GLY B 16 18.33 34.77 11.29
N GLY B 17 18.34 33.61 11.94
CA GLY B 17 17.47 32.52 11.54
C GLY B 17 17.71 31.34 12.45
N PHE B 18 16.98 30.26 12.15
CA PHE B 18 17.05 29.04 12.96
C PHE B 18 17.79 27.91 12.27
N GLY B 19 17.92 27.94 10.95
CA GLY B 19 18.50 26.82 10.24
C GLY B 19 17.62 25.60 10.21
N THR B 20 16.31 25.78 10.36
CA THR B 20 15.40 24.64 10.47
C THR B 20 15.39 23.80 9.19
N ARG B 21 15.44 24.45 8.03
CA ARG B 21 15.34 23.73 6.77
C ARG B 21 16.51 22.77 6.58
N LEU B 22 17.72 23.22 6.87
CA LEU B 22 18.92 22.38 6.75
C LEU B 22 19.22 21.65 8.06
N ARG B 23 18.19 20.99 8.61
CA ARG B 23 18.28 20.47 9.97
C ARG B 23 19.31 19.37 10.17
N PRO B 24 19.36 18.30 9.36
CA PRO B 24 20.08 17.09 9.81
C PRO B 24 21.55 17.30 10.12
N LEU B 25 22.18 18.34 9.61
CA LEU B 25 23.59 18.61 9.91
C LEU B 25 23.82 19.99 10.52
N THR B 26 22.76 20.68 10.94
CA THR B 26 22.91 21.96 11.60
C THR B 26 22.74 21.86 13.11
N LEU B 27 22.45 20.68 13.64
CA LEU B 27 22.36 20.52 15.08
C LEU B 27 23.72 20.64 15.74
N THR B 28 24.76 20.09 15.11
CA THR B 28 26.10 20.16 15.68
C THR B 28 26.65 21.58 15.62
N THR B 29 26.55 22.22 14.47
CA THR B 29 27.11 23.55 14.26
C THR B 29 26.03 24.48 13.69
N PRO B 30 26.13 25.78 13.98
CA PRO B 30 25.09 26.70 13.51
C PRO B 30 25.04 26.78 12.00
N LYS B 31 23.88 27.20 11.50
CA LYS B 31 23.67 27.28 10.05
C LYS B 31 24.71 28.12 9.32
N PRO B 32 25.12 29.30 9.80
CA PRO B 32 26.14 30.05 9.04
C PRO B 32 27.44 29.30 8.83
N LEU B 33 27.89 28.51 9.81
CA LEU B 33 29.20 27.87 9.73
C LEU B 33 29.11 26.38 9.40
N VAL B 34 28.15 25.99 8.57
CA VAL B 34 28.19 24.66 7.96
C VAL B 34 29.03 24.73 6.69
N PRO B 35 30.05 23.88 6.55
CA PRO B 35 30.99 24.05 5.44
C PRO B 35 30.32 23.88 4.09
N PHE B 36 30.75 24.71 3.14
CA PHE B 36 30.37 24.59 1.74
C PHE B 36 31.65 24.43 0.93
N CYS B 37 31.70 23.39 0.10
CA CYS B 37 32.92 23.00 -0.60
C CYS B 37 34.03 22.73 0.41
N ASN B 38 34.89 23.72 0.65
CA ASN B 38 35.99 23.55 1.59
C ASN B 38 36.04 24.61 2.67
N LYS B 39 35.09 25.52 2.71
CA LYS B 39 35.08 26.63 3.66
C LYS B 39 33.72 26.78 4.30
N PRO B 40 33.64 27.39 5.48
CA PRO B 40 32.33 27.71 6.06
C PRO B 40 31.55 28.66 5.17
N MET B 41 30.23 28.57 5.25
CA MET B 41 29.35 29.23 4.29
C MET B 41 29.54 30.74 4.31
N ILE B 42 30.02 31.31 5.42
CA ILE B 42 30.18 32.76 5.50
C ILE B 42 31.58 33.20 5.07
N ILE B 43 32.58 32.33 5.21
CA ILE B 43 33.96 32.70 4.91
C ILE B 43 34.11 33.15 3.47
N HIS B 44 33.30 32.60 2.55
CA HIS B 44 33.29 33.11 1.18
C HIS B 44 32.92 34.59 1.15
N GLN B 45 31.90 34.98 1.92
CA GLN B 45 31.46 36.37 1.90
C GLN B 45 32.46 37.29 2.60
N ILE B 46 33.08 36.83 3.69
CA ILE B 46 34.17 37.63 4.27
C ILE B 46 35.31 37.80 3.28
N GLU B 47 35.64 36.73 2.53
CA GLU B 47 36.73 36.85 1.55
C GLU B 47 36.37 37.85 0.46
N ALA B 48 35.14 37.81 -0.04
CA ALA B 48 34.72 38.78 -1.05
C ALA B 48 34.75 40.20 -0.51
N LEU B 49 34.25 40.40 0.71
CA LEU B 49 34.25 41.72 1.31
C LEU B 49 35.67 42.22 1.57
N LYS B 50 36.60 41.31 1.85
CA LYS B 50 38.00 41.67 1.93
C LYS B 50 38.54 42.08 0.57
N ALA B 51 38.11 41.37 -0.48
CA ALA B 51 38.47 41.76 -1.84
C ALA B 51 38.01 43.18 -2.13
N VAL B 52 36.86 43.57 -1.57
CA VAL B 52 36.48 44.99 -1.58
C VAL B 52 37.49 45.80 -0.77
N GLY B 53 37.80 45.34 0.44
CA GLY B 53 38.70 46.06 1.31
C GLY B 53 38.04 46.57 2.58
N VAL B 54 37.01 45.85 3.04
CA VAL B 54 36.29 46.23 4.25
C VAL B 54 37.15 45.95 5.47
N THR B 55 36.74 46.46 6.63
CA THR B 55 37.47 46.27 7.87
C THR B 55 36.79 45.29 8.82
N GLU B 56 35.53 45.52 9.15
CA GLU B 56 34.81 44.67 10.09
C GLU B 56 33.42 44.37 9.57
N VAL B 57 32.86 43.26 10.05
CA VAL B 57 31.57 42.76 9.59
C VAL B 57 30.60 42.74 10.77
N ILE B 58 29.39 43.23 10.54
CA ILE B 58 28.35 43.27 11.56
C ILE B 58 27.44 42.07 11.35
N LEU B 59 27.52 41.08 12.22
CA LEU B 59 26.73 39.87 12.11
C LEU B 59 25.44 40.04 12.90
N ALA B 60 24.32 39.73 12.26
CA ALA B 60 22.99 39.92 12.84
C ALA B 60 22.36 38.55 13.08
N VAL B 61 22.46 38.07 14.33
CA VAL B 61 21.89 36.79 14.73
C VAL B 61 20.57 37.05 15.46
N ALA B 62 19.51 36.36 15.03
CA ALA B 62 18.21 36.53 15.65
C ALA B 62 18.16 35.87 17.02
N TYR B 63 18.71 34.66 17.13
CA TYR B 63 18.66 33.89 18.37
C TYR B 63 20.04 33.33 18.67
N ARG B 64 20.23 32.97 19.94
CA ARG B 64 21.46 32.39 20.51
C ARG B 64 22.71 33.09 20.00
N PRO B 65 22.90 34.38 20.33
CA PRO B 65 24.12 35.06 19.87
C PRO B 65 25.40 34.40 20.33
N GLU B 66 25.43 33.89 21.57
CA GLU B 66 26.58 33.17 22.09
C GLU B 66 26.29 31.67 21.97
N ALA B 67 26.27 31.20 20.72
CA ALA B 67 26.05 29.80 20.40
C ALA B 67 27.37 29.08 20.13
N MET B 68 28.41 29.45 20.89
CA MET B 68 29.79 28.98 20.73
C MET B 68 30.43 29.50 19.44
N LYS B 69 29.74 30.38 18.71
CA LYS B 69 30.29 30.90 17.46
C LYS B 69 31.47 31.83 17.69
N GLU B 70 31.47 32.57 18.81
CA GLU B 70 32.51 33.56 19.04
C GLU B 70 33.89 32.91 19.11
N GLN B 71 34.05 31.90 19.97
CA GLN B 71 35.34 31.24 20.08
C GLN B 71 35.60 30.28 18.92
N MET B 72 34.54 29.77 18.29
CA MET B 72 34.71 28.93 17.11
C MET B 72 35.21 29.74 15.92
N ASP B 73 34.98 31.05 15.91
CA ASP B 73 35.44 31.89 14.81
C ASP B 73 36.95 32.10 14.89
N GLU B 74 37.71 31.03 14.63
CA GLU B 74 39.16 31.15 14.54
C GLU B 74 39.57 32.04 13.38
N TRP B 75 38.75 32.13 12.33
CA TRP B 75 39.03 32.98 11.18
C TRP B 75 39.08 34.45 11.55
N SER B 76 38.54 34.85 12.70
CA SER B 76 38.53 36.26 13.07
C SER B 76 39.94 36.80 13.29
N ARG B 77 40.78 36.04 14.02
CA ARG B 77 42.15 36.51 14.25
C ARG B 77 42.93 36.60 12.95
N LYS B 78 42.76 35.63 12.06
CA LYS B 78 43.36 35.75 10.75
C LYS B 78 42.53 36.68 9.87
N LEU B 79 43.06 36.96 8.67
CA LEU B 79 42.39 37.77 7.66
C LEU B 79 42.27 39.23 8.07
N GLY B 80 42.66 39.56 9.31
CA GLY B 80 42.58 40.93 9.77
C GLY B 80 41.18 41.51 9.76
N VAL B 81 40.18 40.69 10.04
CA VAL B 81 38.79 41.13 10.09
C VAL B 81 38.22 40.78 11.46
N SER B 82 37.63 41.76 12.13
CA SER B 82 37.12 41.60 13.48
C SER B 82 35.60 41.61 13.47
N PHE B 83 35.00 40.56 14.03
CA PHE B 83 33.55 40.48 14.20
C PHE B 83 33.19 40.96 15.60
N VAL B 84 32.11 41.73 15.71
CA VAL B 84 31.77 42.37 16.98
C VAL B 84 30.61 41.63 17.63
N PHE B 85 29.76 40.98 16.82
CA PHE B 85 28.58 40.28 17.31
C PHE B 85 27.69 41.20 18.13
N SER B 86 27.56 42.44 17.68
CA SER B 86 26.84 43.46 18.44
C SER B 86 25.33 43.43 18.24
N VAL B 87 24.82 42.51 17.42
CA VAL B 87 23.41 42.48 17.09
C VAL B 87 22.75 41.37 17.91
N GLU B 88 22.10 41.76 19.00
CA GLU B 88 21.19 40.90 19.74
C GLU B 88 19.78 41.46 19.57
N GLU B 89 18.86 40.64 19.08
CA GLU B 89 17.57 41.11 18.58
C GLU B 89 16.46 40.69 19.53
N GLU B 90 15.76 41.68 20.07
CA GLU B 90 14.46 41.47 20.69
C GLU B 90 13.40 41.30 19.59
N PRO B 91 12.25 40.71 19.92
CA PRO B 91 11.22 40.52 18.88
C PRO B 91 10.72 41.84 18.31
N LEU B 92 11.07 42.11 17.05
CA LEU B 92 10.68 43.32 16.34
C LEU B 92 10.47 42.93 14.88
N GLY B 93 10.41 43.94 14.00
CA GLY B 93 10.27 43.70 12.58
C GLY B 93 11.53 43.17 11.94
N THR B 94 11.42 42.89 10.64
CA THR B 94 12.53 42.31 9.88
C THR B 94 13.44 43.41 9.34
N ALA B 95 14.02 44.18 10.27
CA ALA B 95 14.93 45.26 9.94
C ALA B 95 16.09 45.21 10.94
N GLY B 96 17.14 44.47 10.57
CA GLY B 96 18.32 44.35 11.39
C GLY B 96 19.05 45.67 11.59
N PRO B 97 19.51 46.28 10.49
CA PRO B 97 20.22 47.57 10.63
C PRO B 97 19.39 48.66 11.28
N LEU B 98 18.09 48.71 11.01
CA LEU B 98 17.25 49.74 11.61
C LEU B 98 17.13 49.56 13.12
N ALA B 99 17.12 48.31 13.59
CA ALA B 99 16.90 48.06 15.01
C ALA B 99 18.18 48.27 15.82
N LEU B 100 19.22 47.50 15.53
CA LEU B 100 20.44 47.49 16.32
C LEU B 100 21.61 48.18 15.64
N ALA B 101 21.88 47.86 14.38
CA ALA B 101 23.07 48.39 13.70
C ALA B 101 22.98 49.88 13.42
N ARG B 102 21.81 50.50 13.60
CA ARG B 102 21.72 51.94 13.41
C ARG B 102 22.59 52.69 14.41
N ASP B 103 22.61 52.23 15.66
CA ASP B 103 23.40 52.90 16.69
C ASP B 103 24.90 52.82 16.39
N ILE B 104 25.37 51.67 15.89
CA ILE B 104 26.78 51.46 15.63
C ILE B 104 27.07 51.79 14.17
N LEU B 105 27.75 52.92 13.95
CA LEU B 105 28.19 53.30 12.62
C LEU B 105 29.68 53.62 12.65
N MET B 106 30.16 54.07 13.82
CA MET B 106 31.59 54.30 14.05
C MET B 106 32.17 55.27 13.03
N GLN B 107 31.41 56.31 12.70
CA GLN B 107 31.83 57.37 11.78
C GLN B 107 32.25 56.78 10.43
N ASP B 108 31.28 56.17 9.76
CA ASP B 108 31.53 55.62 8.43
C ASP B 108 31.70 56.76 7.41
N ASP B 109 32.36 56.43 6.31
CA ASP B 109 32.57 57.39 5.23
C ASP B 109 32.19 56.87 3.86
N LYS B 110 31.97 55.57 3.70
CA LYS B 110 31.62 54.96 2.43
C LYS B 110 30.39 54.09 2.62
N PRO B 111 29.63 53.84 1.54
CA PRO B 111 28.46 52.98 1.66
C PRO B 111 28.82 51.59 2.15
N PHE B 112 27.95 51.01 2.98
CA PHE B 112 28.20 49.73 3.61
C PHE B 112 27.36 48.65 2.92
N PHE B 113 27.98 47.50 2.68
CA PHE B 113 27.28 46.40 2.04
C PHE B 113 26.29 45.75 2.99
N VAL B 114 25.26 45.13 2.42
CA VAL B 114 24.29 44.33 3.15
C VAL B 114 24.10 43.03 2.38
N LEU B 115 24.28 41.90 3.05
CA LEU B 115 24.24 40.60 2.41
C LEU B 115 23.39 39.64 3.23
N ASN B 116 22.89 38.61 2.55
CA ASN B 116 22.23 37.50 3.22
C ASN B 116 23.29 36.50 3.68
N SER B 117 22.86 35.33 4.12
CA SER B 117 23.79 34.26 4.47
C SER B 117 23.69 33.07 3.53
N ASP B 118 22.69 33.03 2.64
CA ASP B 118 22.50 31.93 1.72
C ASP B 118 22.57 32.39 0.27
N VAL B 119 23.55 33.22 -0.06
CA VAL B 119 23.77 33.68 -1.43
C VAL B 119 25.14 33.21 -1.89
N THR B 120 25.19 32.60 -3.07
CA THR B 120 26.43 32.11 -3.65
C THR B 120 26.51 32.60 -5.08
N CYS B 121 27.47 33.48 -5.36
CA CYS B 121 27.62 34.06 -6.68
C CYS B 121 29.11 34.23 -6.98
N THR B 122 29.40 34.74 -8.16
CA THR B 122 30.77 35.18 -8.45
C THR B 122 31.17 36.38 -7.61
N PHE B 123 30.22 37.04 -6.96
CA PHE B 123 30.44 38.16 -6.06
C PHE B 123 31.26 39.26 -6.73
N PRO B 124 30.68 40.02 -7.67
CA PRO B 124 31.40 41.16 -8.23
C PRO B 124 31.64 42.21 -7.16
N MET B 125 32.91 42.41 -6.79
CA MET B 125 33.28 43.28 -5.69
C MET B 125 33.74 44.65 -6.17
N GLN B 126 33.35 45.03 -7.38
CA GLN B 126 33.55 46.39 -7.88
C GLN B 126 32.34 47.27 -7.63
N GLU B 127 31.33 46.76 -6.91
CA GLU B 127 30.10 47.51 -6.69
C GLU B 127 30.34 48.82 -5.97
N LEU B 128 31.35 48.86 -5.09
CA LEU B 128 31.72 50.12 -4.44
C LEU B 128 32.15 51.15 -5.49
N LEU B 129 33.03 50.73 -6.41
CA LEU B 129 33.47 51.64 -7.46
C LEU B 129 32.39 51.79 -8.54
N ASP B 130 31.68 50.72 -8.84
CA ASP B 130 30.62 50.78 -9.84
C ASP B 130 29.44 51.59 -9.31
N PHE B 131 28.63 52.10 -10.25
CA PHE B 131 27.46 52.90 -9.93
C PHE B 131 27.81 54.13 -9.11
N HIS B 132 29.02 54.66 -9.31
CA HIS B 132 29.47 55.86 -8.61
C HIS B 132 29.24 57.12 -9.43
N LYS B 133 28.61 57.01 -10.59
CA LYS B 133 28.39 58.16 -11.48
C LYS B 133 27.26 59.02 -10.93
N ALA B 134 27.58 59.74 -9.85
CA ALA B 134 26.65 60.67 -9.20
C ALA B 134 25.34 59.97 -8.81
N HIS B 135 25.48 58.94 -7.97
CA HIS B 135 24.35 58.15 -7.52
C HIS B 135 24.12 58.37 -6.03
N GLY B 136 22.85 58.46 -5.64
CA GLY B 136 22.47 58.52 -4.25
C GLY B 136 21.97 57.16 -3.79
N GLY B 137 22.74 56.52 -2.92
CA GLY B 137 22.48 55.15 -2.57
C GLY B 137 22.90 54.22 -3.70
N GLU B 138 24.19 54.20 -3.99
CA GLU B 138 24.71 53.43 -5.12
C GLU B 138 24.42 51.95 -4.92
N GLY B 139 24.15 51.26 -6.03
CA GLY B 139 23.96 49.81 -6.01
C GLY B 139 22.88 49.37 -5.05
N THR B 140 21.75 50.08 -5.05
CA THR B 140 20.74 49.88 -4.01
C THR B 140 20.23 48.45 -3.99
N ILE B 141 20.12 47.82 -5.17
CA ILE B 141 19.66 46.44 -5.26
C ILE B 141 20.47 45.74 -6.35
N MET B 142 20.51 44.41 -6.26
CA MET B 142 21.20 43.57 -7.23
C MET B 142 20.22 42.57 -7.81
N VAL B 143 20.31 42.35 -9.12
CA VAL B 143 19.34 41.52 -9.83
C VAL B 143 20.07 40.48 -10.67
N SER B 144 19.35 39.38 -10.95
CA SER B 144 19.86 38.31 -11.77
C SER B 144 18.72 37.74 -12.61
N GLN B 145 19.08 37.09 -13.72
CA GLN B 145 18.10 36.54 -14.64
C GLN B 145 17.55 35.23 -14.10
N VAL B 146 16.24 35.03 -14.26
CA VAL B 146 15.57 33.79 -13.88
C VAL B 146 14.62 33.39 -15.00
N THR B 147 14.61 32.10 -15.33
CA THR B 147 13.75 31.61 -16.39
C THR B 147 12.28 31.71 -16.00
N GLN B 148 11.94 31.31 -14.77
CA GLN B 148 10.56 31.33 -14.29
C GLN B 148 10.27 32.73 -13.78
N TRP B 149 9.75 33.58 -14.67
CA TRP B 149 9.47 34.97 -14.30
C TRP B 149 8.34 35.07 -13.29
N GLU B 150 7.32 34.22 -13.41
CA GLU B 150 6.14 34.32 -12.56
C GLU B 150 6.14 33.34 -11.39
N LYS B 151 6.87 32.23 -11.50
CA LYS B 151 6.88 31.24 -10.43
C LYS B 151 7.47 31.82 -9.14
N TYR B 152 8.67 32.39 -9.23
CA TYR B 152 9.29 32.96 -8.04
C TYR B 152 8.59 34.25 -7.59
N GLY B 153 8.12 35.04 -8.54
CA GLY B 153 7.47 36.30 -8.21
C GLY B 153 8.46 37.34 -7.75
N VAL B 154 7.90 38.45 -7.25
CA VAL B 154 8.67 39.60 -6.77
C VAL B 154 9.61 40.04 -7.88
N VAL B 155 9.05 40.57 -8.96
CA VAL B 155 9.83 40.96 -10.12
C VAL B 155 10.26 42.41 -9.97
N VAL B 156 11.57 42.65 -10.02
CA VAL B 156 12.13 43.99 -9.98
C VAL B 156 12.33 44.44 -11.42
N TYR B 157 11.44 45.30 -11.91
CA TYR B 157 11.47 45.71 -13.32
C TYR B 157 12.61 46.69 -13.55
N SER B 158 13.49 46.37 -14.48
CA SER B 158 14.63 47.22 -14.81
C SER B 158 14.47 47.76 -16.22
N PRO B 159 14.08 49.02 -16.40
CA PRO B 159 14.01 49.60 -17.74
C PRO B 159 15.38 49.90 -18.31
N GLN B 160 15.43 50.56 -19.47
CA GLN B 160 16.71 50.87 -20.10
C GLN B 160 17.59 51.69 -19.17
N ASN B 161 17.02 52.71 -18.53
CA ASN B 161 17.75 53.47 -17.52
C ASN B 161 17.99 52.61 -16.29
N TYR B 162 19.19 52.73 -15.72
CA TYR B 162 19.56 51.97 -14.52
C TYR B 162 18.87 52.56 -13.29
N GLN B 163 17.54 52.40 -13.26
CA GLN B 163 16.72 52.93 -12.19
C GLN B 163 15.46 52.08 -12.09
N ILE B 164 14.99 51.86 -10.86
CA ILE B 164 13.78 51.07 -10.61
C ILE B 164 12.75 51.97 -9.95
N GLU B 165 11.50 51.85 -10.38
CA GLU B 165 10.43 52.67 -9.84
C GLU B 165 9.22 51.88 -9.33
N ARG B 166 9.11 50.60 -9.65
CA ARG B 166 7.93 49.84 -9.27
C ARG B 166 8.33 48.43 -8.87
N PHE B 167 7.73 47.95 -7.78
CA PHE B 167 7.87 46.56 -7.33
C PHE B 167 6.52 45.88 -7.45
N VAL B 168 6.46 44.82 -8.25
CA VAL B 168 5.22 44.10 -8.52
C VAL B 168 5.41 42.65 -8.09
N GLU B 169 4.45 42.13 -7.35
CA GLU B 169 4.48 40.75 -6.87
C GLU B 169 3.55 39.90 -7.73
N LYS B 170 4.09 38.81 -8.28
CA LYS B 170 3.39 37.94 -9.21
C LYS B 170 2.77 38.75 -10.36
N PRO B 171 3.59 39.41 -11.17
CA PRO B 171 3.03 40.26 -12.24
C PRO B 171 2.51 39.42 -13.40
N SER B 172 1.39 39.87 -13.97
CA SER B 172 0.89 39.23 -15.19
C SER B 172 1.70 39.63 -16.41
N ARG B 173 2.19 40.86 -16.44
CA ARG B 173 2.98 41.35 -17.56
C ARG B 173 4.40 40.82 -17.48
N PHE B 174 5.01 40.61 -18.65
CA PHE B 174 6.41 40.20 -18.75
C PHE B 174 7.31 41.44 -18.63
N LEU B 175 7.30 42.02 -17.43
CA LEU B 175 8.10 43.21 -17.18
C LEU B 175 9.59 42.91 -17.30
N GLY B 176 10.03 41.79 -16.76
CA GLY B 176 11.44 41.43 -16.85
C GLY B 176 11.72 40.15 -16.10
N ASP B 177 12.93 39.65 -16.29
CA ASP B 177 13.40 38.43 -15.65
C ASP B 177 14.30 38.71 -14.45
N ARG B 178 14.41 39.97 -14.03
CA ARG B 178 15.29 40.31 -12.91
C ARG B 178 14.65 39.91 -11.58
N ILE B 179 15.48 39.40 -10.68
CA ILE B 179 15.05 39.00 -9.34
C ILE B 179 16.03 39.57 -8.33
N ASN B 180 15.50 40.05 -7.21
CA ASN B 180 16.35 40.66 -6.19
C ASN B 180 17.36 39.65 -5.64
N ALA B 181 18.63 39.89 -5.93
CA ALA B 181 19.67 38.96 -5.51
C ALA B 181 19.80 38.89 -4.00
N GLY B 182 19.59 40.00 -3.30
CA GLY B 182 19.75 40.05 -1.87
C GLY B 182 21.05 40.65 -1.39
N ILE B 183 21.89 41.13 -2.29
CA ILE B 183 23.14 41.80 -1.95
C ILE B 183 22.89 43.30 -2.08
N TYR B 184 22.79 43.99 -0.95
CA TYR B 184 22.48 45.41 -0.93
C TYR B 184 23.68 46.22 -0.46
N ILE B 185 23.78 47.44 -0.95
CA ILE B 185 24.69 48.44 -0.40
C ILE B 185 23.95 49.78 -0.31
N PHE B 186 24.00 50.39 0.87
CA PHE B 186 23.29 51.64 1.13
C PHE B 186 24.26 52.68 1.69
N ASN B 187 23.94 53.94 1.47
CA ASN B 187 24.73 55.02 2.02
C ASN B 187 24.36 55.25 3.49
N LYS B 188 25.19 56.04 4.18
CA LYS B 188 24.96 56.29 5.60
C LYS B 188 23.67 57.04 5.84
N SER B 189 23.32 57.96 4.95
CA SER B 189 22.11 58.76 5.10
C SER B 189 20.84 57.93 4.99
N ILE B 190 20.93 56.68 4.53
CA ILE B 190 19.75 55.82 4.42
C ILE B 190 19.13 55.59 5.79
N LEU B 191 19.96 55.45 6.82
CA LEU B 191 19.50 55.12 8.16
C LEU B 191 18.48 56.12 8.68
N ASP B 192 17.24 55.66 8.86
CA ASP B 192 16.17 56.45 9.45
C ASP B 192 15.42 55.58 10.45
N ARG B 193 15.11 56.16 11.61
CA ARG B 193 14.48 55.41 12.70
C ARG B 193 13.04 55.11 12.32
N ILE B 194 12.77 53.87 11.94
CA ILE B 194 11.45 53.41 11.58
C ILE B 194 11.06 52.28 12.52
N PRO B 195 10.31 52.57 13.58
CA PRO B 195 9.88 51.50 14.48
C PRO B 195 8.93 50.54 13.78
N PRO B 196 8.96 49.25 14.14
CA PRO B 196 8.09 48.23 13.55
C PRO B 196 6.61 48.50 13.77
N ILE B 201 9.25 49.79 8.12
CA ILE B 201 9.43 48.38 8.44
C ILE B 201 8.98 47.52 7.27
N GLU B 202 8.35 48.15 6.29
CA GLU B 202 7.81 47.46 5.13
C GLU B 202 8.88 47.42 4.05
N LYS B 203 9.52 46.25 3.89
CA LYS B 203 10.53 46.00 2.87
C LYS B 203 11.68 46.99 2.92
N GLU B 204 12.08 47.42 4.11
CA GLU B 204 13.16 48.39 4.30
C GLU B 204 12.99 49.61 3.39
N ILE B 205 11.78 50.18 3.47
CA ILE B 205 11.38 51.43 2.83
C ILE B 205 11.79 51.46 1.35
N PHE B 206 11.78 50.30 0.69
CA PHE B 206 12.04 50.24 -0.75
C PHE B 206 11.00 50.98 -1.59
N PRO B 207 9.70 50.84 -1.33
CA PRO B 207 8.73 51.61 -2.14
C PRO B 207 8.97 53.11 -2.10
N ALA B 208 9.23 53.68 -0.92
CA ALA B 208 9.58 55.09 -0.87
C ALA B 208 10.94 55.35 -1.52
N MET B 209 11.89 54.43 -1.32
CA MET B 209 13.22 54.59 -1.92
C MET B 209 13.11 54.74 -3.43
N ALA B 210 12.19 54.01 -4.06
CA ALA B 210 11.88 54.21 -5.46
C ALA B 210 11.04 55.45 -5.69
N ALA B 211 10.23 55.84 -4.71
CA ALA B 211 9.40 57.04 -4.85
C ALA B 211 10.24 58.29 -5.06
N GLU B 212 11.35 58.42 -4.32
CA GLU B 212 12.28 59.49 -4.66
C GLU B 212 13.22 59.13 -5.79
N GLY B 213 13.13 57.92 -6.33
CA GLY B 213 13.88 57.56 -7.51
C GLY B 213 15.39 57.56 -7.35
N GLN B 214 15.87 56.95 -6.26
CA GLN B 214 17.30 56.84 -6.00
C GLN B 214 17.71 55.37 -5.84
N LEU B 215 16.92 54.46 -6.38
CA LEU B 215 17.16 53.03 -6.27
C LEU B 215 17.63 52.49 -7.62
N TYR B 216 18.84 51.94 -7.65
CA TYR B 216 19.45 51.43 -8.86
C TYR B 216 19.62 49.91 -8.76
N ALA B 217 19.73 49.27 -9.91
CA ALA B 217 19.88 47.82 -9.99
C ALA B 217 21.08 47.47 -10.84
N PHE B 218 21.79 46.41 -10.44
CA PHE B 218 22.97 45.91 -11.14
C PHE B 218 22.65 44.51 -11.67
N ASN B 219 22.64 44.36 -12.99
CA ASN B 219 22.37 43.06 -13.58
C ASN B 219 23.56 42.13 -13.42
N LEU B 220 23.28 40.90 -13.02
CA LEU B 220 24.31 39.90 -12.77
C LEU B 220 24.27 38.83 -13.85
N GLU B 221 25.44 38.53 -14.43
CA GLU B 221 25.54 37.48 -15.42
C GLU B 221 25.80 36.12 -14.80
N GLY B 222 26.33 36.08 -13.58
CA GLY B 222 26.67 34.83 -12.93
C GLY B 222 25.47 34.12 -12.32
N PHE B 223 25.75 32.95 -11.76
CA PHE B 223 24.72 32.14 -11.12
C PHE B 223 24.26 32.77 -9.82
N TRP B 224 23.06 32.38 -9.39
CA TRP B 224 22.49 32.86 -8.14
C TRP B 224 21.41 31.89 -7.68
N MET B 225 21.42 31.56 -6.38
CA MET B 225 20.42 30.69 -5.79
C MET B 225 20.57 30.73 -4.27
N ASP B 226 19.48 30.44 -3.58
CA ASP B 226 19.46 30.42 -2.12
C ASP B 226 19.76 29.01 -1.63
N VAL B 227 20.86 28.85 -0.90
CA VAL B 227 21.26 27.56 -0.36
C VAL B 227 20.55 27.40 0.98
N GLY B 228 19.31 26.92 0.94
CA GLY B 228 18.54 26.73 2.15
C GLY B 228 18.12 25.30 2.38
N GLN B 229 18.33 24.44 1.38
CA GLN B 229 17.94 23.05 1.46
C GLN B 229 19.06 22.16 0.95
N PRO B 230 19.12 20.90 1.40
CA PRO B 230 20.17 20.01 0.88
C PRO B 230 20.15 19.83 -0.63
N LYS B 231 18.96 19.79 -1.23
CA LYS B 231 18.88 19.73 -2.68
C LYS B 231 19.47 20.99 -3.31
N ASP B 232 19.09 22.16 -2.78
CA ASP B 232 19.70 23.40 -3.22
C ASP B 232 21.18 23.43 -2.89
N TYR B 233 21.60 22.77 -1.82
CA TYR B 233 23.02 22.67 -1.51
C TYR B 233 23.78 21.95 -2.62
N ILE B 234 23.26 20.80 -3.04
CA ILE B 234 23.91 20.02 -4.10
C ILE B 234 23.91 20.80 -5.41
N LEU B 235 22.78 21.42 -5.75
CA LEU B 235 22.71 22.16 -7.01
C LEU B 235 23.63 23.38 -6.99
N GLY B 236 23.73 24.05 -5.84
CA GLY B 236 24.67 25.15 -5.71
C GLY B 236 26.10 24.68 -5.87
N MET B 237 26.42 23.50 -5.33
CA MET B 237 27.75 22.94 -5.54
C MET B 237 28.02 22.70 -7.03
N THR B 238 27.07 22.07 -7.72
CA THR B 238 27.29 21.74 -9.12
C THR B 238 27.33 22.98 -10.01
N LYS B 239 26.73 24.09 -9.56
CA LYS B 239 26.86 25.34 -10.32
C LYS B 239 28.09 26.14 -9.94
N PHE B 240 28.57 26.01 -8.70
CA PHE B 240 29.65 26.85 -8.20
C PHE B 240 31.04 26.28 -8.45
N ILE B 241 31.18 24.95 -8.49
CA ILE B 241 32.51 24.36 -8.70
C ILE B 241 33.16 24.83 -9.99
N PRO B 242 32.48 24.87 -11.14
CA PRO B 242 33.17 25.34 -12.36
C PRO B 242 33.62 26.78 -12.30
N SER B 243 33.01 27.60 -11.44
CA SER B 243 33.39 29.00 -11.33
C SER B 243 34.66 29.23 -10.53
N LEU B 244 35.23 28.19 -9.94
CA LEU B 244 36.40 28.31 -9.08
C LEU B 244 37.69 27.92 -9.79
N VAL B 245 37.65 27.74 -11.11
CA VAL B 245 38.82 27.26 -11.84
C VAL B 245 39.99 28.23 -11.73
N HIS B 246 39.70 29.54 -11.70
CA HIS B 246 40.75 30.53 -11.56
C HIS B 246 40.97 30.96 -10.11
N GLY B 247 40.18 30.46 -9.17
CA GLY B 247 40.28 30.90 -7.79
C GLY B 247 41.28 30.14 -6.94
N ASN B 248 41.10 28.83 -6.83
CA ASN B 248 41.90 27.99 -5.95
C ASN B 248 42.85 27.11 -6.76
N ARG B 249 43.67 26.35 -6.02
CA ARG B 249 44.61 25.44 -6.67
C ARG B 249 43.89 24.32 -7.39
N GLU B 250 42.83 23.78 -6.80
CA GLU B 250 42.09 22.68 -7.40
C GLU B 250 40.66 23.10 -7.74
N THR B 256 43.55 16.39 -20.26
CA THR B 256 43.63 15.63 -19.03
C THR B 256 43.02 16.41 -17.86
N GLU B 257 42.02 15.81 -17.21
CA GLU B 257 41.40 16.42 -16.05
C GLU B 257 42.41 16.45 -14.90
N ALA B 258 42.93 17.63 -14.59
CA ALA B 258 44.00 17.80 -13.62
C ALA B 258 43.58 18.69 -12.46
N VAL B 259 42.31 18.59 -12.06
CA VAL B 259 41.88 19.29 -10.85
C VAL B 259 42.54 18.68 -9.63
N GLU B 260 42.54 17.35 -9.53
CA GLU B 260 43.39 16.63 -8.58
C GLU B 260 43.40 15.19 -9.05
N HIS B 261 44.57 14.70 -9.48
CA HIS B 261 44.65 13.40 -10.14
C HIS B 261 45.45 12.37 -9.38
N GLN B 262 46.56 12.75 -8.74
CA GLN B 262 47.41 11.80 -8.02
C GLN B 262 47.68 12.34 -6.63
N ARG B 263 47.00 11.77 -5.63
CA ARG B 263 47.20 12.15 -4.23
C ARG B 263 47.78 11.01 -3.41
N GLY B 264 47.12 9.85 -3.41
CA GLY B 264 47.61 8.70 -2.68
C GLY B 264 47.85 7.51 -3.58
N GLY B 265 47.29 7.57 -4.79
CA GLY B 265 47.45 6.53 -5.78
C GLY B 265 46.97 7.03 -7.12
N ARG B 266 47.10 6.18 -8.13
CA ARG B 266 46.69 6.53 -9.49
C ARG B 266 45.18 6.34 -9.60
N PHE B 267 44.44 7.40 -9.29
CA PHE B 267 42.99 7.40 -9.41
C PHE B 267 42.57 8.38 -10.49
N THR B 268 41.34 8.22 -10.97
CA THR B 268 40.82 9.04 -12.05
C THR B 268 39.68 9.91 -11.56
N VAL B 269 39.61 11.13 -12.09
CA VAL B 269 38.53 12.07 -11.81
C VAL B 269 37.82 12.38 -13.12
N ILE B 270 36.50 12.19 -13.13
CA ILE B 270 35.74 12.43 -14.35
C ILE B 270 35.61 13.92 -14.63
N GLY B 271 35.23 14.69 -13.62
CA GLY B 271 35.07 16.12 -13.78
C GLY B 271 35.84 16.93 -12.75
N ALA B 272 35.58 18.23 -12.70
CA ALA B 272 36.24 19.08 -11.72
C ALA B 272 35.74 18.77 -10.32
N SER B 273 36.66 18.79 -9.35
CA SER B 273 36.31 18.52 -7.97
C SER B 273 37.34 19.15 -7.06
N LEU B 274 36.95 19.32 -5.79
CA LEU B 274 37.81 19.91 -4.78
C LEU B 274 38.31 18.82 -3.84
N ILE B 275 39.61 18.57 -3.86
CA ILE B 275 40.23 17.55 -3.03
C ILE B 275 41.16 18.26 -2.05
N ASP B 276 40.88 18.11 -0.76
CA ASP B 276 41.71 18.73 0.26
C ASP B 276 43.09 18.09 0.25
N PRO B 277 44.18 18.87 0.25
CA PRO B 277 45.51 18.27 0.09
C PRO B 277 45.86 17.23 1.15
N SER B 278 45.37 17.37 2.39
CA SER B 278 45.72 16.41 3.43
C SER B 278 44.98 15.10 3.30
N ALA B 279 43.97 15.02 2.45
CA ALA B 279 43.18 13.81 2.32
C ALA B 279 43.97 12.70 1.62
N LYS B 280 43.51 11.47 1.79
CA LYS B 280 44.05 10.31 1.11
C LYS B 280 42.95 9.67 0.28
N ILE B 281 43.12 9.70 -1.04
CA ILE B 281 42.06 9.22 -1.94
C ILE B 281 42.06 7.70 -2.04
N GLY B 282 43.23 7.06 -2.05
CA GLY B 282 43.32 5.62 -2.12
C GLY B 282 44.17 5.19 -3.31
N ASP B 283 43.69 4.16 -4.01
CA ASP B 283 44.44 3.58 -5.12
C ASP B 283 43.67 3.57 -6.43
N GLY B 284 42.38 3.26 -6.39
CA GLY B 284 41.61 3.18 -7.62
C GLY B 284 40.25 3.83 -7.54
N ALA B 285 40.13 4.89 -6.75
CA ALA B 285 38.87 5.58 -6.61
C ALA B 285 38.53 6.35 -7.89
N VAL B 286 37.26 6.69 -8.04
CA VAL B 286 36.76 7.47 -9.17
C VAL B 286 35.97 8.63 -8.60
N ILE B 287 36.64 9.78 -8.42
CA ILE B 287 36.00 10.96 -7.86
C ILE B 287 35.14 11.59 -8.95
N GLY B 288 33.82 11.56 -8.76
CA GLY B 288 32.91 11.97 -9.79
C GLY B 288 32.89 13.48 -9.98
N PRO B 289 32.03 13.94 -10.87
CA PRO B 289 31.98 15.38 -11.17
C PRO B 289 31.43 16.17 -9.99
N TYR B 290 32.08 17.30 -9.70
CA TYR B 290 31.61 18.26 -8.71
C TYR B 290 31.47 17.62 -7.33
N ALA B 291 32.61 17.20 -6.81
CA ALA B 291 32.69 16.61 -5.47
C ALA B 291 33.66 17.41 -4.62
N SER B 292 33.41 17.39 -3.31
CA SER B 292 34.26 18.09 -2.35
C SER B 292 34.63 17.14 -1.23
N ILE B 293 35.88 17.23 -0.77
CA ILE B 293 36.40 16.36 0.27
C ILE B 293 37.17 17.21 1.27
N GLY B 294 36.92 16.99 2.57
CA GLY B 294 37.52 17.79 3.62
C GLY B 294 38.86 17.23 4.07
N ALA B 295 39.46 17.94 5.01
CA ALA B 295 40.80 17.59 5.50
C ALA B 295 40.78 16.28 6.26
N ASN B 296 41.91 15.57 6.21
CA ASN B 296 42.14 14.31 6.90
C ASN B 296 41.15 13.22 6.51
N CYS B 297 40.34 13.44 5.49
CA CYS B 297 39.42 12.41 5.03
C CYS B 297 40.19 11.27 4.39
N VAL B 298 39.69 10.05 4.60
CA VAL B 298 40.30 8.84 4.06
C VAL B 298 39.27 8.15 3.17
N ILE B 299 39.67 7.87 1.93
CA ILE B 299 38.81 7.23 0.95
C ILE B 299 39.44 5.89 0.57
N GLY B 300 38.61 4.87 0.44
CA GLY B 300 39.09 3.51 0.30
C GLY B 300 39.79 3.24 -1.02
N GLU B 301 40.08 1.97 -1.24
CA GLU B 301 40.86 1.56 -2.41
C GLU B 301 40.11 1.84 -3.70
N SER B 302 38.81 1.56 -3.74
CA SER B 302 37.98 1.85 -4.89
C SER B 302 36.67 2.45 -4.41
N CYS B 303 36.34 3.65 -4.87
CA CYS B 303 35.16 4.35 -4.41
C CYS B 303 34.57 5.16 -5.55
N ARG B 304 33.36 5.65 -5.34
CA ARG B 304 32.66 6.51 -6.29
C ARG B 304 32.04 7.67 -5.53
N ILE B 305 32.69 8.83 -5.58
CA ILE B 305 32.18 10.04 -4.94
C ILE B 305 31.60 10.90 -6.07
N ASP B 306 30.31 10.74 -6.32
CA ASP B 306 29.64 11.38 -7.45
C ASP B 306 28.76 12.51 -6.93
N ASN B 307 29.15 13.75 -7.23
CA ASN B 307 28.35 14.93 -6.89
C ASN B 307 28.00 14.95 -5.41
N ALA B 308 28.98 14.66 -4.57
CA ALA B 308 28.75 14.53 -3.14
C ALA B 308 29.84 15.25 -2.36
N ALA B 309 29.53 15.58 -1.11
CA ALA B 309 30.44 16.29 -0.23
C ALA B 309 30.83 15.39 0.93
N ILE B 310 32.12 15.37 1.25
CA ILE B 310 32.64 14.66 2.42
C ILE B 310 33.30 15.72 3.30
N LEU B 311 32.79 15.87 4.52
CA LEU B 311 33.18 16.96 5.40
C LEU B 311 34.07 16.45 6.52
N GLU B 312 35.24 17.08 6.65
CA GLU B 312 36.17 16.86 7.77
C GLU B 312 36.52 15.38 7.90
N ASN B 313 36.99 14.95 9.07
CA ASN B 313 37.55 13.61 9.24
C ASN B 313 36.47 12.56 9.03
N SER B 314 36.52 11.89 7.88
CA SER B 314 35.63 10.78 7.58
C SER B 314 36.44 9.62 7.03
N LYS B 315 35.99 8.41 7.31
CA LYS B 315 36.60 7.20 6.76
C LYS B 315 35.58 6.51 5.86
N VAL B 316 36.05 6.05 4.71
CA VAL B 316 35.20 5.41 3.71
C VAL B 316 35.85 4.11 3.27
N GLY B 317 35.08 3.02 3.27
CA GLY B 317 35.58 1.71 2.95
C GLY B 317 35.85 1.50 1.47
N LYS B 318 35.73 0.26 1.03
CA LYS B 318 36.05 -0.13 -0.33
C LYS B 318 34.77 -0.40 -1.11
N GLY B 319 34.63 0.25 -2.27
CA GLY B 319 33.57 -0.07 -3.19
C GLY B 319 32.26 0.68 -2.98
N THR B 320 32.18 1.55 -1.97
CA THR B 320 30.92 2.24 -1.74
C THR B 320 30.70 3.33 -2.79
N MET B 321 29.45 3.74 -2.92
CA MET B 321 29.06 4.79 -3.85
C MET B 321 28.31 5.87 -3.07
N VAL B 322 28.78 7.11 -3.16
CA VAL B 322 28.16 8.24 -2.51
C VAL B 322 27.72 9.19 -3.62
N SER B 323 26.43 9.19 -3.93
CA SER B 323 25.90 9.93 -5.07
C SER B 323 24.90 10.97 -4.60
N ARG B 324 25.15 12.24 -4.94
CA ARG B 324 24.23 13.35 -4.66
C ARG B 324 23.84 13.41 -3.18
N SER B 325 24.80 13.19 -2.31
CA SER B 325 24.54 13.14 -0.88
C SER B 325 25.64 13.87 -0.13
N ILE B 326 25.48 13.92 1.19
CA ILE B 326 26.43 14.57 2.10
C ILE B 326 26.71 13.60 3.23
N VAL B 327 27.84 13.79 3.91
CA VAL B 327 28.15 13.02 5.10
C VAL B 327 28.57 13.98 6.21
N GLY B 328 28.54 13.48 7.44
CA GLY B 328 28.74 14.31 8.61
C GLY B 328 30.19 14.78 8.77
N TRP B 329 30.52 15.13 10.02
CA TRP B 329 31.84 15.67 10.31
C TRP B 329 32.81 14.54 10.66
N ASN B 330 32.51 13.76 11.69
CA ASN B 330 33.32 12.61 12.08
C ASN B 330 32.69 11.30 11.64
N ASN B 331 31.91 11.35 10.57
CA ASN B 331 31.18 10.18 10.10
C ASN B 331 32.16 9.07 9.68
N ARG B 332 31.80 7.83 10.01
CA ARG B 332 32.59 6.65 9.66
C ARG B 332 31.71 5.72 8.84
N ILE B 333 32.00 5.64 7.55
CA ILE B 333 31.14 4.95 6.58
C ILE B 333 31.67 3.54 6.37
N GLY B 334 30.74 2.59 6.19
CA GLY B 334 31.09 1.20 5.99
C GLY B 334 31.85 0.94 4.71
N SER B 335 32.11 -0.34 4.42
CA SER B 335 32.95 -0.67 3.27
C SER B 335 32.14 -0.71 1.97
N TRP B 336 31.20 -1.64 1.86
CA TRP B 336 30.50 -1.90 0.61
C TRP B 336 29.09 -1.32 0.57
N CYS B 337 28.86 -0.22 1.26
CA CYS B 337 27.52 0.36 1.32
C CYS B 337 27.18 1.04 0.01
N HIS B 338 26.01 1.68 -0.03
CA HIS B 338 25.52 2.34 -1.24
C HIS B 338 24.61 3.48 -0.80
N ILE B 339 25.14 4.70 -0.77
CA ILE B 339 24.42 5.88 -0.33
C ILE B 339 24.17 6.76 -1.56
N LYS B 340 22.91 7.00 -1.87
CA LYS B 340 22.57 7.80 -3.04
C LYS B 340 21.37 8.69 -2.72
N ASP B 341 20.94 9.45 -3.73
CA ASP B 341 19.86 10.42 -3.62
C ASP B 341 20.19 11.48 -2.56
N ILE B 342 19.24 12.38 -2.29
CA ILE B 342 19.48 13.46 -1.34
C ILE B 342 19.31 12.92 0.07
N SER B 343 20.41 12.44 0.66
CA SER B 343 20.42 11.95 2.03
C SER B 343 21.56 12.62 2.76
N VAL B 344 21.27 13.20 3.91
CA VAL B 344 22.26 13.90 4.73
C VAL B 344 22.50 13.08 5.98
N LEU B 345 23.76 12.79 6.25
CA LEU B 345 24.15 12.04 7.44
C LEU B 345 24.72 13.01 8.48
N GLY B 346 24.20 12.95 9.70
CA GLY B 346 24.60 13.85 10.75
C GLY B 346 26.01 13.58 11.24
N ASP B 347 26.32 14.22 12.37
CA ASP B 347 27.67 14.11 12.93
C ASP B 347 27.86 12.77 13.62
N ASP B 348 29.06 12.20 13.46
CA ASP B 348 29.49 10.99 14.16
C ASP B 348 28.52 9.83 13.96
N VAL B 349 28.05 9.68 12.74
CA VAL B 349 27.20 8.55 12.36
C VAL B 349 28.11 7.41 11.95
N GLU B 350 27.60 6.17 12.02
CA GLU B 350 28.33 5.02 11.53
C GLU B 350 27.36 4.06 10.86
N VAL B 351 27.76 3.51 9.72
CA VAL B 351 26.94 2.57 8.96
C VAL B 351 27.74 1.28 8.76
N LYS B 352 27.05 0.15 8.93
CA LYS B 352 27.70 -1.14 8.77
C LYS B 352 27.98 -1.41 7.29
N ASP B 353 28.55 -2.59 7.02
CA ASP B 353 28.85 -2.96 5.65
C ASP B 353 27.60 -3.36 4.90
N GLY B 354 27.53 -2.97 3.63
CA GLY B 354 26.42 -3.36 2.77
C GLY B 354 25.07 -2.82 3.15
N VAL B 355 24.99 -1.54 3.48
CA VAL B 355 23.72 -0.87 3.72
C VAL B 355 23.42 0.04 2.54
N ILE B 356 22.13 0.27 2.29
CA ILE B 356 21.68 1.06 1.16
C ILE B 356 20.73 2.14 1.68
N LEU B 357 21.29 3.31 1.94
CA LEU B 357 20.51 4.47 2.39
C LEU B 357 20.15 5.30 1.16
N ILE B 358 18.87 5.41 0.87
CA ILE B 358 18.38 6.13 -0.31
C ILE B 358 17.51 7.27 0.19
N GLY B 359 18.09 8.46 0.28
CA GLY B 359 17.33 9.64 0.67
C GLY B 359 16.80 9.63 2.08
N THR B 360 17.62 9.19 3.05
CA THR B 360 17.22 9.18 4.45
C THR B 360 18.19 10.03 5.26
N LYS B 361 17.64 10.97 6.02
CA LYS B 361 18.43 11.85 6.89
C LYS B 361 18.51 11.22 8.27
N VAL B 362 19.72 10.96 8.74
CA VAL B 362 19.94 10.34 10.04
C VAL B 362 20.37 11.40 11.03
N LEU B 363 19.92 11.25 12.28
CA LEU B 363 20.26 12.21 13.32
C LEU B 363 21.66 11.95 13.85
N PRO B 364 22.28 12.94 14.49
CA PRO B 364 23.67 12.78 14.93
C PRO B 364 23.84 11.66 15.94
N ASN B 365 25.03 11.07 15.93
CA ASN B 365 25.48 10.03 16.86
C ASN B 365 24.68 8.73 16.76
N LYS B 366 23.77 8.63 15.80
CA LYS B 366 23.00 7.42 15.60
C LYS B 366 23.89 6.32 15.02
N ASP B 367 23.31 5.13 14.87
CA ASP B 367 23.95 4.00 14.23
C ASP B 367 22.95 3.35 13.28
N VAL B 368 23.40 2.97 12.10
CA VAL B 368 22.55 2.43 11.05
C VAL B 368 23.04 1.04 10.70
N GLY B 369 22.11 0.09 10.61
CA GLY B 369 22.46 -1.26 10.24
C GLY B 369 21.43 -1.95 9.38
N GLU B 370 20.44 -1.20 8.91
CA GLU B 370 19.34 -1.75 8.13
C GLU B 370 19.14 -0.94 6.85
N HIS B 371 18.66 -1.61 5.82
CA HIS B 371 18.37 -0.95 4.56
C HIS B 371 17.21 0.03 4.69
N ARG B 372 17.21 1.06 3.85
CA ARG B 372 16.10 2.01 3.77
C ARG B 372 15.92 2.39 2.31
N PHE B 373 14.94 1.78 1.65
CA PHE B 373 14.70 2.01 0.24
C PHE B 373 13.75 3.16 -0.04
N GLU B 374 13.22 3.81 1.00
CA GLU B 374 12.28 4.89 0.84
C GLU B 374 12.74 6.11 1.63
N PRO B 375 12.37 7.31 1.19
CA PRO B 375 12.73 8.51 1.96
C PRO B 375 12.14 8.47 3.35
N GLY B 376 12.90 8.98 4.31
CA GLY B 376 12.47 8.94 5.69
C GLY B 376 13.55 9.48 6.60
N ILE B 377 13.34 9.30 7.91
CA ILE B 377 14.24 9.82 8.92
C ILE B 377 14.57 8.71 9.92
N ILE B 378 15.84 8.61 10.28
CA ILE B 378 16.29 7.68 11.32
C ILE B 378 16.61 8.50 12.56
N MET B 379 15.96 8.17 13.67
CA MET B 379 16.20 8.87 14.93
C MET B 379 17.20 8.11 15.79
N GLN C 7 16.86 -15.20 -62.88
CA GLN C 7 16.37 -14.04 -63.62
C GLN C 7 15.08 -13.50 -63.01
N GLY C 8 14.44 -14.34 -62.19
CA GLY C 8 13.19 -13.93 -61.56
C GLY C 8 13.41 -12.85 -60.50
N MET C 9 12.31 -12.17 -60.18
CA MET C 9 12.37 -11.11 -59.19
C MET C 9 12.63 -11.67 -57.80
N ARG C 10 13.49 -11.00 -57.05
CA ARG C 10 13.86 -11.42 -55.70
C ARG C 10 13.57 -10.29 -54.72
N ALA C 11 13.61 -10.63 -53.44
CA ALA C 11 13.32 -9.64 -52.40
C ALA C 11 14.09 -10.01 -51.13
N VAL C 12 14.22 -9.03 -50.24
CA VAL C 12 14.93 -9.19 -48.99
C VAL C 12 14.01 -8.76 -47.86
N ILE C 13 13.91 -9.59 -46.82
CA ILE C 13 13.12 -9.30 -45.64
C ILE C 13 14.06 -9.18 -44.45
N LEU C 14 13.99 -8.04 -43.76
CA LEU C 14 14.79 -7.80 -42.57
C LEU C 14 14.03 -8.30 -41.35
N VAL C 15 14.45 -9.45 -40.82
CA VAL C 15 13.83 -10.04 -39.63
C VAL C 15 14.78 -10.07 -38.44
N GLY C 16 16.05 -9.71 -38.64
CA GLY C 16 17.05 -9.73 -37.60
C GLY C 16 16.63 -9.04 -36.32
N GLY C 17 16.49 -9.82 -35.26
CA GLY C 17 16.04 -9.28 -33.99
C GLY C 17 16.02 -10.38 -32.95
N PHE C 18 15.58 -10.01 -31.75
CA PHE C 18 15.59 -10.93 -30.63
C PHE C 18 14.19 -11.40 -30.22
N GLY C 19 13.15 -10.64 -30.57
CA GLY C 19 11.81 -10.98 -30.12
C GLY C 19 11.60 -10.76 -28.64
N THR C 20 12.42 -9.90 -28.01
CA THR C 20 12.35 -9.72 -26.56
C THR C 20 11.02 -9.12 -26.14
N ARG C 21 10.50 -8.16 -26.91
CA ARG C 21 9.28 -7.46 -26.51
C ARG C 21 8.09 -8.41 -26.44
N LEU C 22 7.92 -9.27 -27.44
CA LEU C 22 6.83 -10.24 -27.46
C LEU C 22 7.25 -11.55 -26.81
N ARG C 23 7.78 -11.46 -25.60
CA ARG C 23 8.44 -12.61 -24.98
C ARG C 23 7.50 -13.76 -24.64
N PRO C 24 6.38 -13.57 -23.93
CA PRO C 24 5.73 -14.72 -23.27
C PRO C 24 5.32 -15.84 -24.22
N LEU C 25 5.24 -15.60 -25.52
CA LEU C 25 4.90 -16.66 -26.46
C LEU C 25 5.91 -16.80 -27.59
N THR C 26 7.07 -16.14 -27.49
CA THR C 26 8.12 -16.32 -28.49
C THR C 26 9.22 -17.26 -28.03
N LEU C 27 9.13 -17.78 -26.80
CA LEU C 27 10.12 -18.76 -26.34
C LEU C 27 9.97 -20.07 -27.11
N THR C 28 8.73 -20.49 -27.37
CA THR C 28 8.50 -21.74 -28.07
C THR C 28 8.92 -21.64 -29.54
N THR C 29 8.48 -20.57 -30.21
CA THR C 29 8.73 -20.40 -31.63
C THR C 29 9.31 -19.00 -31.88
N PRO C 30 10.12 -18.85 -32.92
CA PRO C 30 10.76 -17.54 -33.17
C PRO C 30 9.75 -16.46 -33.47
N LYS C 31 10.16 -15.22 -33.25
CA LYS C 31 9.28 -14.07 -33.50
C LYS C 31 8.71 -14.02 -34.90
N PRO C 32 9.46 -14.29 -35.98
CA PRO C 32 8.84 -14.23 -37.32
C PRO C 32 7.67 -15.17 -37.50
N LEU C 33 7.69 -16.36 -36.89
CA LEU C 33 6.66 -17.36 -37.14
C LEU C 33 5.73 -17.56 -35.95
N VAL C 34 5.40 -16.48 -35.25
CA VAL C 34 4.28 -16.52 -34.30
C VAL C 34 3.00 -16.17 -35.05
N PRO C 35 1.97 -17.00 -34.99
CA PRO C 35 0.80 -16.79 -35.85
C PRO C 35 0.10 -15.46 -35.55
N PHE C 36 -0.37 -14.82 -36.61
CA PHE C 36 -1.20 -13.63 -36.52
C PHE C 36 -2.50 -13.91 -37.25
N CYS C 37 -3.62 -13.67 -36.57
CA CYS C 37 -4.94 -14.04 -37.07
C CYS C 37 -4.98 -15.53 -37.36
N ASN C 38 -4.74 -15.92 -38.61
CA ASN C 38 -4.83 -17.31 -39.01
C ASN C 38 -3.56 -17.84 -39.67
N LYS C 39 -2.54 -17.02 -39.86
CA LYS C 39 -1.33 -17.41 -40.55
C LYS C 39 -0.10 -16.92 -39.80
N PRO C 40 1.05 -17.54 -40.02
CA PRO C 40 2.30 -17.01 -39.47
C PRO C 40 2.60 -15.61 -40.01
N MET C 41 3.31 -14.83 -39.19
CA MET C 41 3.47 -13.40 -39.48
C MET C 41 4.19 -13.16 -40.80
N ILE C 42 5.09 -14.06 -41.19
CA ILE C 42 5.82 -13.86 -42.44
C ILE C 42 5.04 -14.35 -43.65
N ILE C 43 4.04 -15.23 -43.44
CA ILE C 43 3.29 -15.77 -44.57
C ILE C 43 2.48 -14.70 -45.27
N HIS C 44 1.94 -13.73 -44.53
CA HIS C 44 1.23 -12.63 -45.17
C HIS C 44 2.12 -11.89 -46.14
N GLN C 45 3.32 -11.50 -45.69
CA GLN C 45 4.24 -10.76 -46.55
C GLN C 45 4.71 -11.61 -47.72
N ILE C 46 4.98 -12.89 -47.49
CA ILE C 46 5.41 -13.76 -48.58
C ILE C 46 4.31 -13.90 -49.63
N GLU C 47 3.05 -14.04 -49.19
CA GLU C 47 1.95 -14.18 -50.13
C GLU C 47 1.73 -12.89 -50.91
N ALA C 48 1.89 -11.73 -50.25
CA ALA C 48 1.80 -10.47 -50.98
C ALA C 48 2.90 -10.35 -52.01
N LEU C 49 4.13 -10.72 -51.65
CA LEU C 49 5.24 -10.68 -52.60
C LEU C 49 5.02 -11.66 -53.74
N LYS C 50 4.36 -12.79 -53.48
CA LYS C 50 3.92 -13.67 -54.56
C LYS C 50 2.91 -12.97 -55.45
N ALA C 51 1.98 -12.23 -54.85
CA ALA C 51 1.01 -11.46 -55.64
C ALA C 51 1.74 -10.48 -56.55
N VAL C 52 2.88 -9.96 -56.12
CA VAL C 52 3.75 -9.23 -57.04
C VAL C 52 4.24 -10.14 -58.15
N GLY C 53 4.72 -11.32 -57.76
CA GLY C 53 5.28 -12.26 -58.72
C GLY C 53 6.75 -12.52 -58.50
N VAL C 54 7.21 -12.37 -57.27
CA VAL C 54 8.61 -12.58 -56.93
C VAL C 54 8.93 -14.07 -56.99
N THR C 55 10.22 -14.41 -56.97
CA THR C 55 10.67 -15.79 -57.03
C THR C 55 11.12 -16.34 -55.68
N GLU C 56 12.04 -15.65 -55.01
CA GLU C 56 12.58 -16.12 -53.75
C GLU C 56 12.77 -14.94 -52.81
N VAL C 57 12.83 -15.25 -51.51
CA VAL C 57 12.91 -14.25 -50.46
C VAL C 57 14.21 -14.45 -49.70
N ILE C 58 14.92 -13.35 -49.45
CA ILE C 58 16.20 -13.38 -48.73
C ILE C 58 15.91 -12.93 -47.29
N LEU C 59 15.90 -13.87 -46.36
CA LEU C 59 15.61 -13.59 -44.96
C LEU C 59 16.90 -13.24 -44.23
N ALA C 60 16.88 -12.13 -43.50
CA ALA C 60 18.05 -11.63 -42.78
C ALA C 60 17.81 -11.81 -41.29
N VAL C 61 18.22 -12.96 -40.77
CA VAL C 61 18.07 -13.29 -39.35
C VAL C 61 19.38 -12.96 -38.64
N ALA C 62 19.27 -12.30 -37.48
CA ALA C 62 20.47 -11.87 -36.77
C ALA C 62 21.10 -13.01 -35.99
N TYR C 63 20.31 -13.70 -35.18
CA TYR C 63 20.82 -14.71 -34.27
C TYR C 63 20.16 -16.06 -34.54
N ARG C 64 20.95 -17.12 -34.41
CA ARG C 64 20.54 -18.50 -34.64
C ARG C 64 19.88 -18.66 -36.00
N PRO C 65 20.65 -18.61 -37.10
CA PRO C 65 20.04 -18.90 -38.41
C PRO C 65 19.40 -20.27 -38.47
N GLU C 66 20.00 -21.27 -37.84
CA GLU C 66 19.42 -22.60 -37.75
C GLU C 66 18.74 -22.76 -36.39
N ALA C 67 17.66 -21.99 -36.21
CA ALA C 67 16.85 -22.03 -35.00
C ALA C 67 15.62 -22.90 -35.18
N MET C 68 15.78 -24.01 -35.91
CA MET C 68 14.72 -24.93 -36.31
C MET C 68 13.75 -24.32 -37.30
N LYS C 69 14.04 -23.12 -37.81
CA LYS C 69 13.16 -22.48 -38.77
C LYS C 69 13.17 -23.17 -40.12
N GLU C 70 14.33 -23.71 -40.52
CA GLU C 70 14.45 -24.25 -41.88
C GLU C 70 13.52 -25.43 -42.10
N GLN C 71 13.55 -26.43 -41.21
CA GLN C 71 12.69 -27.59 -41.40
C GLN C 71 11.25 -27.28 -41.00
N MET C 72 11.04 -26.32 -40.11
CA MET C 72 9.68 -25.93 -39.73
C MET C 72 9.01 -25.10 -40.81
N ASP C 73 9.79 -24.51 -41.73
CA ASP C 73 9.22 -23.78 -42.85
C ASP C 73 8.63 -24.74 -43.87
N GLU C 74 7.50 -25.37 -43.53
CA GLU C 74 6.80 -26.23 -44.48
C GLU C 74 6.24 -25.44 -45.65
N TRP C 75 5.97 -24.14 -45.45
CA TRP C 75 5.44 -23.30 -46.51
C TRP C 75 6.40 -23.14 -47.67
N SER C 76 7.69 -23.42 -47.47
CA SER C 76 8.67 -23.26 -48.53
C SER C 76 8.40 -24.21 -49.69
N ARG C 77 8.10 -25.47 -49.39
CA ARG C 77 7.80 -26.44 -50.43
C ARG C 77 6.55 -26.04 -51.22
N LYS C 78 5.52 -25.57 -50.53
CA LYS C 78 4.37 -25.05 -51.25
C LYS C 78 4.65 -23.62 -51.71
N LEU C 79 3.68 -23.07 -52.46
CA LEU C 79 3.71 -21.69 -52.93
C LEU C 79 4.81 -21.44 -53.96
N GLY C 80 5.66 -22.44 -54.20
CA GLY C 80 6.73 -22.29 -55.17
C GLY C 80 7.71 -21.17 -54.86
N VAL C 81 7.97 -20.93 -53.57
CA VAL C 81 8.91 -19.91 -53.13
C VAL C 81 9.96 -20.59 -52.26
N SER C 82 11.24 -20.35 -52.59
CA SER C 82 12.35 -21.00 -51.90
C SER C 82 13.10 -19.97 -51.05
N PHE C 83 13.22 -20.25 -49.76
CA PHE C 83 14.01 -19.44 -48.85
C PHE C 83 15.42 -20.01 -48.78
N VAL C 84 16.41 -19.15 -48.57
CA VAL C 84 17.80 -19.58 -48.66
C VAL C 84 18.51 -19.46 -47.31
N PHE C 85 18.05 -18.52 -46.47
CA PHE C 85 18.68 -18.27 -45.17
C PHE C 85 20.18 -17.99 -45.32
N SER C 86 20.54 -17.26 -46.36
CA SER C 86 21.94 -16.99 -46.65
C SER C 86 22.52 -15.85 -45.83
N VAL C 87 21.73 -15.23 -44.95
CA VAL C 87 22.16 -14.05 -44.21
C VAL C 87 22.47 -14.49 -42.78
N GLU C 88 23.75 -14.74 -42.52
CA GLU C 88 24.28 -14.86 -41.17
C GLU C 88 25.13 -13.64 -40.89
N GLU C 89 24.89 -12.99 -39.75
CA GLU C 89 25.41 -11.65 -39.50
C GLU C 89 26.45 -11.68 -38.40
N GLU C 90 27.66 -11.26 -38.73
CA GLU C 90 28.64 -10.86 -37.73
C GLU C 90 28.28 -9.46 -37.24
N PRO C 91 28.73 -9.09 -36.03
CA PRO C 91 28.31 -7.78 -35.50
C PRO C 91 28.81 -6.62 -36.35
N LEU C 92 27.88 -5.96 -37.03
CA LEU C 92 28.16 -4.86 -37.96
C LEU C 92 27.09 -3.80 -37.76
N GLY C 93 27.00 -2.86 -38.70
CA GLY C 93 25.97 -1.85 -38.67
C GLY C 93 24.61 -2.40 -39.10
N THR C 94 23.62 -1.50 -39.09
CA THR C 94 22.24 -1.86 -39.41
C THR C 94 21.99 -1.78 -40.91
N ALA C 95 22.81 -2.51 -41.66
CA ALA C 95 22.71 -2.60 -43.12
C ALA C 95 22.81 -4.06 -43.51
N GLY C 96 21.67 -4.74 -43.53
CA GLY C 96 21.59 -6.13 -43.94
C GLY C 96 22.02 -6.37 -45.37
N PRO C 97 21.34 -5.74 -46.33
CA PRO C 97 21.74 -5.93 -47.74
C PRO C 97 23.16 -5.51 -48.03
N LEU C 98 23.65 -4.45 -47.39
CA LEU C 98 25.01 -3.99 -47.65
C LEU C 98 26.05 -5.00 -47.15
N ALA C 99 25.75 -5.70 -46.07
CA ALA C 99 26.73 -6.61 -45.47
C ALA C 99 26.76 -7.95 -46.20
N LEU C 100 25.64 -8.67 -46.20
CA LEU C 100 25.58 -10.03 -46.73
C LEU C 100 24.89 -10.12 -48.08
N ALA C 101 23.70 -9.52 -48.23
CA ALA C 101 22.93 -9.67 -49.45
C ALA C 101 23.56 -8.95 -50.64
N ARG C 102 24.57 -8.12 -50.42
CA ARG C 102 25.25 -7.47 -51.54
C ARG C 102 25.92 -8.52 -52.43
N ASP C 103 26.55 -9.51 -51.82
CA ASP C 103 27.25 -10.54 -52.59
C ASP C 103 26.29 -11.35 -53.45
N ILE C 104 25.12 -11.70 -52.89
CA ILE C 104 24.16 -12.56 -53.58
C ILE C 104 23.14 -11.68 -54.28
N LEU C 105 23.18 -11.66 -55.61
CA LEU C 105 22.21 -10.94 -56.41
C LEU C 105 21.66 -11.85 -57.50
N MET C 106 22.49 -12.79 -57.95
CA MET C 106 22.08 -13.83 -58.93
C MET C 106 21.48 -13.20 -60.18
N GLN C 107 22.14 -12.14 -60.68
CA GLN C 107 21.75 -11.48 -61.93
C GLN C 107 20.30 -11.01 -61.90
N ASP C 108 20.02 -10.08 -61.01
CA ASP C 108 18.69 -9.48 -60.95
C ASP C 108 18.47 -8.56 -62.15
N ASP C 109 17.19 -8.35 -62.48
CA ASP C 109 16.82 -7.48 -63.58
C ASP C 109 15.79 -6.42 -63.22
N LYS C 110 15.10 -6.55 -62.09
CA LYS C 110 14.07 -5.63 -61.63
C LYS C 110 14.37 -5.22 -60.21
N PRO C 111 13.88 -4.05 -59.79
CA PRO C 111 14.10 -3.61 -58.41
C PRO C 111 13.55 -4.62 -57.40
N PHE C 112 14.28 -4.79 -56.30
CA PHE C 112 13.95 -5.78 -55.28
C PHE C 112 13.33 -5.09 -54.07
N PHE C 113 12.28 -5.69 -53.53
CA PHE C 113 11.61 -5.14 -52.38
C PHE C 113 12.43 -5.34 -51.11
N VAL C 114 12.24 -4.45 -50.15
CA VAL C 114 12.81 -4.56 -48.82
C VAL C 114 11.70 -4.29 -47.81
N LEU C 115 11.50 -5.23 -46.90
CA LEU C 115 10.41 -5.14 -45.94
C LEU C 115 10.92 -5.40 -44.53
N ASN C 116 10.17 -4.88 -43.55
CA ASN C 116 10.42 -5.19 -42.16
C ASN C 116 9.79 -6.54 -41.84
N SER C 117 9.75 -6.89 -40.55
CA SER C 117 9.09 -8.11 -40.11
C SER C 117 7.88 -7.83 -39.22
N ASP C 118 7.55 -6.57 -38.98
CA ASP C 118 6.45 -6.21 -38.10
C ASP C 118 5.56 -5.14 -38.72
N VAL C 119 5.23 -5.27 -40.00
CA VAL C 119 4.36 -4.34 -40.70
C VAL C 119 3.13 -5.08 -41.19
N THR C 120 1.96 -4.50 -40.95
CA THR C 120 0.69 -5.06 -41.39
C THR C 120 -0.09 -3.95 -42.09
N CYS C 121 -0.40 -4.16 -43.37
CA CYS C 121 -1.09 -3.16 -44.18
C CYS C 121 -1.98 -3.89 -45.17
N THR C 122 -2.64 -3.11 -46.04
CA THR C 122 -3.31 -3.70 -47.19
C THR C 122 -2.31 -4.20 -48.23
N PHE C 123 -1.03 -3.83 -48.10
CA PHE C 123 0.04 -4.26 -48.98
C PHE C 123 -0.28 -3.97 -50.45
N PRO C 124 -0.24 -2.72 -50.87
CA PRO C 124 -0.40 -2.43 -52.31
C PRO C 124 0.77 -3.00 -53.10
N MET C 125 0.51 -4.04 -53.88
CA MET C 125 1.56 -4.76 -54.59
C MET C 125 1.68 -4.33 -56.05
N GLN C 126 1.25 -3.11 -56.37
CA GLN C 126 1.48 -2.51 -57.66
C GLN C 126 2.71 -1.60 -57.66
N GLU C 127 3.48 -1.61 -56.57
CA GLU C 127 4.62 -0.70 -56.45
C GLU C 127 5.65 -0.95 -57.54
N LEU C 128 5.80 -2.20 -57.99
CA LEU C 128 6.69 -2.48 -59.10
C LEU C 128 6.25 -1.73 -60.36
N LEU C 129 4.96 -1.80 -60.69
CA LEU C 129 4.45 -1.06 -61.83
C LEU C 129 4.30 0.42 -61.53
N ASP C 130 3.90 0.76 -60.31
CA ASP C 130 3.76 2.17 -59.94
C ASP C 130 5.13 2.82 -59.82
N PHE C 131 5.13 4.15 -59.94
CA PHE C 131 6.35 4.96 -59.87
C PHE C 131 7.37 4.52 -60.91
N HIS C 132 6.90 4.02 -62.05
CA HIS C 132 7.77 3.62 -63.15
C HIS C 132 7.96 4.70 -64.19
N LYS C 133 7.39 5.90 -63.96
CA LYS C 133 7.45 6.99 -64.93
C LYS C 133 8.84 7.64 -64.88
N ALA C 134 9.81 6.90 -65.43
CA ALA C 134 11.20 7.35 -65.54
C ALA C 134 11.76 7.75 -64.17
N HIS C 135 11.78 6.77 -63.27
CA HIS C 135 12.26 6.98 -61.91
C HIS C 135 13.54 6.18 -61.68
N GLY C 136 14.49 6.80 -60.97
CA GLY C 136 15.69 6.14 -60.54
C GLY C 136 15.58 5.72 -59.09
N GLY C 137 15.52 4.40 -58.87
CA GLY C 137 15.20 3.89 -57.56
C GLY C 137 13.73 4.10 -57.25
N GLU C 138 12.87 3.44 -58.03
CA GLU C 138 11.44 3.63 -57.89
C GLU C 138 10.96 3.22 -56.50
N GLY C 139 9.96 3.93 -55.99
CA GLY C 139 9.35 3.62 -54.72
C GLY C 139 10.34 3.54 -53.58
N THR C 140 11.26 4.51 -53.52
CA THR C 140 12.38 4.42 -52.60
C THR C 140 11.90 4.33 -51.15
N ILE C 141 10.77 4.96 -50.83
CA ILE C 141 10.20 4.89 -49.50
C ILE C 141 8.68 4.86 -49.62
N MET C 142 8.03 4.44 -48.52
CA MET C 142 6.58 4.38 -48.44
C MET C 142 6.14 5.06 -47.16
N VAL C 143 5.04 5.81 -47.24
CA VAL C 143 4.61 6.67 -46.14
C VAL C 143 3.12 6.46 -45.87
N SER C 144 2.73 6.77 -44.63
CA SER C 144 1.34 6.68 -44.22
C SER C 144 1.03 7.84 -43.27
N GLN C 145 -0.25 8.17 -43.16
CA GLN C 145 -0.69 9.28 -42.33
C GLN C 145 -0.70 8.88 -40.86
N VAL C 146 -0.26 9.79 -40.00
CA VAL C 146 -0.29 9.59 -38.56
C VAL C 146 -0.82 10.88 -37.91
N THR C 147 -1.71 10.71 -36.92
CA THR C 147 -2.28 11.86 -36.24
C THR C 147 -1.22 12.60 -35.41
N GLN C 148 -0.41 11.86 -34.68
CA GLN C 148 0.63 12.44 -33.83
C GLN C 148 1.86 12.72 -34.68
N TRP C 149 1.92 13.94 -35.23
CA TRP C 149 3.02 14.30 -36.13
C TRP C 149 4.35 14.37 -35.38
N GLU C 150 4.34 14.88 -34.15
CA GLU C 150 5.56 15.10 -33.40
C GLU C 150 5.88 13.99 -32.40
N LYS C 151 4.88 13.23 -31.95
CA LYS C 151 5.13 12.20 -30.96
C LYS C 151 6.05 11.11 -31.51
N TYR C 152 5.71 10.56 -32.68
CA TYR C 152 6.54 9.50 -33.26
C TYR C 152 7.84 10.06 -33.81
N GLY C 153 7.80 11.27 -34.38
CA GLY C 153 9.00 11.85 -34.96
C GLY C 153 9.36 11.20 -36.28
N VAL C 154 10.55 11.57 -36.76
CA VAL C 154 11.09 11.08 -38.03
C VAL C 154 10.06 11.36 -39.12
N VAL C 155 9.84 12.62 -39.42
CA VAL C 155 8.83 13.02 -40.39
C VAL C 155 9.46 13.08 -41.77
N VAL C 156 8.90 12.34 -42.71
CA VAL C 156 9.32 12.35 -44.10
C VAL C 156 8.43 13.35 -44.84
N TYR C 157 8.96 14.53 -45.10
CA TYR C 157 8.18 15.61 -45.70
C TYR C 157 7.96 15.32 -47.19
N SER C 158 6.69 15.25 -47.59
CA SER C 158 6.33 14.99 -48.98
C SER C 158 5.69 16.24 -49.58
N PRO C 159 6.42 17.00 -50.40
CA PRO C 159 5.80 18.15 -51.07
C PRO C 159 4.87 17.73 -52.20
N GLN C 160 4.37 18.70 -52.96
CA GLN C 160 3.45 18.38 -54.06
C GLN C 160 4.10 17.42 -55.05
N ASN C 161 5.35 17.66 -55.42
CA ASN C 161 6.07 16.72 -56.26
C ASN C 161 6.39 15.46 -55.48
N TYR C 162 6.27 14.31 -56.15
CA TYR C 162 6.55 13.02 -55.52
C TYR C 162 8.06 12.81 -55.39
N GLN C 163 8.66 13.61 -54.49
CA GLN C 163 10.09 13.58 -54.25
C GLN C 163 10.35 14.10 -52.85
N ILE C 164 11.31 13.49 -52.17
CA ILE C 164 11.69 13.87 -50.81
C ILE C 164 13.12 14.38 -50.83
N GLU C 165 13.38 15.46 -50.11
CA GLU C 165 14.70 16.09 -50.09
C GLU C 165 15.26 16.31 -48.69
N ARG C 166 14.46 16.14 -47.65
CA ARG C 166 14.92 16.45 -46.30
C ARG C 166 14.28 15.49 -45.30
N PHE C 167 15.10 15.02 -44.36
CA PHE C 167 14.63 14.20 -43.24
C PHE C 167 14.86 14.97 -41.95
N VAL C 168 13.79 15.19 -41.19
CA VAL C 168 13.85 15.96 -39.95
C VAL C 168 13.32 15.08 -38.82
N GLU C 169 14.05 15.06 -37.71
CA GLU C 169 13.66 14.29 -36.54
C GLU C 169 13.07 15.22 -35.49
N LYS C 170 11.85 14.90 -35.04
CA LYS C 170 11.10 15.73 -34.11
C LYS C 170 11.00 17.16 -34.62
N PRO C 171 10.38 17.40 -35.78
CA PRO C 171 10.33 18.76 -36.33
C PRO C 171 9.34 19.63 -35.57
N SER C 172 9.71 20.91 -35.42
CA SER C 172 8.78 21.88 -34.85
C SER C 172 7.71 22.29 -35.85
N ARG C 173 8.08 22.39 -37.13
CA ARG C 173 7.14 22.76 -38.16
C ARG C 173 6.24 21.59 -38.54
N PHE C 174 5.00 21.92 -38.90
CA PHE C 174 4.03 20.92 -39.37
C PHE C 174 4.29 20.64 -40.85
N LEU C 175 5.44 20.01 -41.11
CA LEU C 175 5.82 19.70 -42.48
C LEU C 175 4.86 18.70 -43.11
N GLY C 176 4.45 17.69 -42.36
CA GLY C 176 3.53 16.70 -42.89
C GLY C 176 3.27 15.61 -41.88
N ASP C 177 2.29 14.77 -42.21
CA ASP C 177 1.90 13.64 -41.37
C ASP C 177 2.44 12.32 -41.89
N ARG C 178 3.33 12.35 -42.87
CA ARG C 178 3.87 11.12 -43.44
C ARG C 178 4.92 10.50 -42.52
N ILE C 179 4.90 9.17 -42.42
CA ILE C 179 5.85 8.43 -41.61
C ILE C 179 6.38 7.26 -42.45
N ASN C 180 7.68 7.00 -42.32
CA ASN C 180 8.31 5.93 -43.10
C ASN C 180 7.70 4.58 -42.76
N ALA C 181 6.98 3.99 -43.71
CA ALA C 181 6.31 2.72 -43.46
C ALA C 181 7.29 1.57 -43.26
N GLY C 182 8.51 1.70 -43.78
CA GLY C 182 9.48 0.64 -43.68
C GLY C 182 9.46 -0.35 -44.82
N ILE C 183 8.58 -0.18 -45.80
CA ILE C 183 8.54 -1.02 -46.98
C ILE C 183 9.31 -0.30 -48.08
N TYR C 184 10.48 -0.84 -48.44
CA TYR C 184 11.36 -0.21 -49.41
C TYR C 184 11.52 -1.09 -50.64
N ILE C 185 11.75 -0.44 -51.77
CA ILE C 185 12.20 -1.12 -52.99
C ILE C 185 13.30 -0.29 -53.63
N PHE C 186 14.42 -0.94 -53.93
CA PHE C 186 15.59 -0.27 -54.49
C PHE C 186 16.02 -0.97 -55.76
N ASN C 187 16.68 -0.23 -56.64
CA ASN C 187 17.25 -0.80 -57.85
C ASN C 187 18.57 -1.49 -57.55
N LYS C 188 19.05 -2.26 -58.54
CA LYS C 188 20.29 -3.00 -58.36
C LYS C 188 21.48 -2.06 -58.19
N SER C 189 21.48 -0.94 -58.91
CA SER C 189 22.59 0.01 -58.82
C SER C 189 22.71 0.67 -57.46
N ILE C 190 21.70 0.55 -56.60
CA ILE C 190 21.77 1.15 -55.28
C ILE C 190 22.90 0.53 -54.46
N LEU C 191 23.15 -0.76 -54.64
CA LEU C 191 24.16 -1.48 -53.87
C LEU C 191 25.54 -0.86 -54.01
N ASP C 192 26.05 -0.29 -52.92
CA ASP C 192 27.40 0.25 -52.85
C ASP C 192 28.05 -0.20 -51.56
N ARG C 193 29.31 -0.58 -51.64
CA ARG C 193 30.02 -1.13 -50.48
C ARG C 193 30.28 -0.02 -49.47
N ILE C 194 29.55 -0.04 -48.36
CA ILE C 194 29.71 0.93 -47.29
C ILE C 194 30.03 0.19 -46.00
N PRO C 195 31.30 -0.06 -45.69
CA PRO C 195 31.63 -0.75 -44.44
C PRO C 195 31.25 0.09 -43.24
N PRO C 196 30.82 -0.55 -42.14
CA PRO C 196 30.44 0.16 -40.91
C PRO C 196 31.61 0.91 -40.27
N ILE C 201 25.68 3.40 -42.31
CA ILE C 201 25.16 2.52 -41.28
C ILE C 201 23.69 2.81 -41.00
N GLU C 202 23.39 4.07 -40.71
CA GLU C 202 22.04 4.47 -40.33
C GLU C 202 21.16 4.57 -41.56
N LYS C 203 20.05 3.82 -41.56
CA LYS C 203 19.01 3.87 -42.59
C LYS C 203 19.58 3.85 -44.02
N GLU C 204 20.69 3.15 -44.20
CA GLU C 204 21.31 2.97 -45.52
C GLU C 204 21.60 4.29 -46.21
N ILE C 205 21.97 5.30 -45.42
CA ILE C 205 22.39 6.60 -45.92
C ILE C 205 21.31 7.23 -46.79
N PHE C 206 20.10 7.36 -46.24
CA PHE C 206 19.04 8.12 -46.91
C PHE C 206 19.39 9.59 -47.16
N PRO C 207 20.09 10.31 -46.27
CA PRO C 207 20.43 11.72 -46.60
C PRO C 207 21.15 11.88 -47.92
N ALA C 208 22.11 11.00 -48.23
CA ALA C 208 22.75 11.06 -49.54
C ALA C 208 21.76 10.72 -50.65
N MET C 209 20.91 9.72 -50.42
CA MET C 209 19.92 9.32 -51.41
C MET C 209 19.07 10.53 -51.81
N ALA C 210 18.65 11.33 -50.82
CA ALA C 210 17.95 12.58 -51.11
C ALA C 210 18.88 13.61 -51.72
N ALA C 211 20.18 13.55 -51.40
CA ALA C 211 21.13 14.51 -51.94
C ALA C 211 21.22 14.40 -53.46
N GLU C 212 21.24 13.19 -54.00
CA GLU C 212 21.13 13.09 -55.45
C GLU C 212 19.69 13.23 -55.94
N GLY C 213 18.72 13.32 -55.04
CA GLY C 213 17.36 13.65 -55.40
C GLY C 213 16.64 12.64 -56.28
N GLN C 214 16.75 11.36 -55.94
CA GLN C 214 16.00 10.31 -56.63
C GLN C 214 15.25 9.43 -55.63
N LEU C 215 14.75 10.03 -54.54
CA LEU C 215 14.03 9.32 -53.51
C LEU C 215 12.56 9.74 -53.56
N TYR C 216 11.68 8.78 -53.77
CA TYR C 216 10.26 9.04 -53.93
C TYR C 216 9.48 8.40 -52.79
N ALA C 217 8.28 8.92 -52.55
CA ALA C 217 7.41 8.44 -51.47
C ALA C 217 6.04 8.10 -52.03
N PHE C 218 5.46 7.03 -51.50
CA PHE C 218 4.13 6.55 -51.89
C PHE C 218 3.20 6.68 -50.70
N ASN C 219 2.18 7.52 -50.82
CA ASN C 219 1.23 7.72 -49.74
C ASN C 219 0.27 6.53 -49.63
N LEU C 220 0.08 6.06 -48.40
CA LEU C 220 -0.76 4.91 -48.12
C LEU C 220 -2.05 5.35 -47.44
N GLU C 221 -3.18 4.90 -47.98
CA GLU C 221 -4.47 5.18 -47.38
C GLU C 221 -4.87 4.14 -46.34
N GLY C 222 -4.16 3.01 -46.26
CA GLY C 222 -4.51 1.95 -45.34
C GLY C 222 -3.89 2.12 -43.96
N PHE C 223 -4.16 1.12 -43.11
CA PHE C 223 -3.65 1.12 -41.75
C PHE C 223 -2.17 0.78 -41.72
N TRP C 224 -1.54 1.06 -40.58
CA TRP C 224 -0.11 0.81 -40.41
C TRP C 224 0.25 0.89 -38.93
N MET C 225 0.91 -0.14 -38.42
CA MET C 225 1.50 -0.11 -37.09
C MET C 225 2.51 -1.24 -36.97
N ASP C 226 3.49 -1.04 -36.09
CA ASP C 226 4.50 -2.05 -35.81
C ASP C 226 3.93 -3.03 -34.78
N VAL C 227 3.83 -4.30 -35.17
CA VAL C 227 3.31 -5.34 -34.27
C VAL C 227 4.52 -5.85 -33.50
N GLY C 228 4.83 -5.17 -32.40
CA GLY C 228 5.98 -5.54 -31.59
C GLY C 228 5.62 -5.87 -30.16
N GLN C 229 4.39 -5.58 -29.77
CA GLN C 229 3.92 -5.79 -28.42
C GLN C 229 2.55 -6.46 -28.43
N PRO C 230 2.19 -7.19 -27.37
CA PRO C 230 0.85 -7.80 -27.34
C PRO C 230 -0.27 -6.79 -27.46
N LYS C 231 -0.12 -5.60 -26.87
CA LYS C 231 -1.13 -4.55 -27.05
C LYS C 231 -1.22 -4.13 -28.51
N ASP C 232 -0.06 -3.87 -29.13
CA ASP C 232 -0.05 -3.58 -30.56
C ASP C 232 -0.53 -4.77 -31.37
N TYR C 233 -0.29 -5.99 -30.89
CA TYR C 233 -0.82 -7.17 -31.55
C TYR C 233 -2.34 -7.12 -31.61
N ILE C 234 -2.98 -6.85 -30.47
CA ILE C 234 -4.43 -6.80 -30.41
C ILE C 234 -4.97 -5.67 -31.27
N LEU C 235 -4.33 -4.50 -31.20
CA LEU C 235 -4.80 -3.36 -31.99
C LEU C 235 -4.65 -3.62 -33.49
N GLY C 236 -3.53 -4.21 -33.89
CA GLY C 236 -3.36 -4.56 -35.29
C GLY C 236 -4.38 -5.56 -35.76
N MET C 237 -4.71 -6.53 -34.90
CA MET C 237 -5.75 -7.50 -35.27
C MET C 237 -7.10 -6.81 -35.43
N THR C 238 -7.45 -5.92 -34.50
CA THR C 238 -8.77 -5.28 -34.56
C THR C 238 -8.87 -4.30 -35.71
N LYS C 239 -7.75 -3.79 -36.23
CA LYS C 239 -7.82 -2.97 -37.43
C LYS C 239 -7.65 -3.75 -38.71
N PHE C 240 -7.06 -4.95 -38.65
CA PHE C 240 -6.78 -5.73 -39.86
C PHE C 240 -7.91 -6.67 -40.23
N ILE C 241 -8.67 -7.16 -39.26
CA ILE C 241 -9.77 -8.08 -39.57
C ILE C 241 -10.76 -7.49 -40.57
N PRO C 242 -11.24 -6.24 -40.43
CA PRO C 242 -12.19 -5.71 -41.42
C PRO C 242 -11.62 -5.61 -42.82
N SER C 243 -10.30 -5.55 -42.97
CA SER C 243 -9.68 -5.42 -44.29
C SER C 243 -9.62 -6.74 -45.04
N LEU C 244 -10.02 -7.85 -44.42
CA LEU C 244 -9.92 -9.17 -45.02
C LEU C 244 -11.26 -9.66 -45.57
N VAL C 245 -12.26 -8.78 -45.65
CA VAL C 245 -13.61 -9.21 -46.04
C VAL C 245 -13.61 -9.76 -47.47
N HIS C 246 -12.80 -9.19 -48.36
CA HIS C 246 -12.71 -9.68 -49.73
C HIS C 246 -11.59 -10.69 -49.93
N GLY C 247 -10.76 -10.95 -48.92
CA GLY C 247 -9.63 -11.83 -49.08
C GLY C 247 -9.91 -13.31 -48.86
N ASN C 248 -10.41 -13.65 -47.67
CA ASN C 248 -10.61 -15.04 -47.28
C ASN C 248 -12.09 -15.37 -47.26
N ARG C 249 -12.36 -16.65 -46.99
CA ARG C 249 -13.75 -17.12 -46.91
C ARG C 249 -14.49 -16.49 -45.73
N GLU C 250 -13.82 -16.36 -44.58
CA GLU C 250 -14.43 -15.79 -43.39
C GLU C 250 -13.73 -14.50 -42.97
N THR C 256 -27.45 -9.85 -41.47
CA THR C 256 -27.00 -11.01 -40.71
C THR C 256 -25.47 -11.16 -40.77
N GLU C 257 -24.83 -11.14 -39.61
CA GLU C 257 -23.40 -11.33 -39.52
C GLU C 257 -23.06 -12.78 -39.91
N ALA C 258 -22.54 -12.97 -41.12
CA ALA C 258 -22.30 -14.30 -41.66
C ALA C 258 -20.82 -14.55 -41.92
N VAL C 259 -19.94 -14.00 -41.08
CA VAL C 259 -18.52 -14.33 -41.18
C VAL C 259 -18.30 -15.80 -40.85
N GLU C 260 -18.90 -16.27 -39.75
CA GLU C 260 -19.02 -17.69 -39.47
C GLU C 260 -20.11 -17.83 -38.41
N HIS C 261 -21.22 -18.49 -38.77
CA HIS C 261 -22.39 -18.49 -37.90
C HIS C 261 -22.76 -19.87 -37.38
N GLN C 262 -22.63 -20.92 -38.19
CA GLN C 262 -23.01 -22.27 -37.79
C GLN C 262 -21.87 -23.22 -38.12
N ARG C 263 -21.13 -23.63 -37.10
CA ARG C 263 -20.04 -24.60 -37.25
C ARG C 263 -20.31 -25.90 -36.51
N GLY C 264 -20.58 -25.83 -35.21
CA GLY C 264 -20.90 -27.01 -34.43
C GLY C 264 -22.24 -26.89 -33.75
N GLY C 265 -22.78 -25.68 -33.71
CA GLY C 265 -24.08 -25.43 -33.12
C GLY C 265 -24.55 -24.05 -33.53
N ARG C 266 -25.75 -23.69 -33.05
CA ARG C 266 -26.34 -22.40 -33.36
C ARG C 266 -25.77 -21.38 -32.38
N PHE C 267 -24.69 -20.72 -32.79
CA PHE C 267 -24.06 -19.68 -31.99
C PHE C 267 -24.14 -18.36 -32.73
N THR C 268 -23.87 -17.28 -32.00
CA THR C 268 -23.97 -15.93 -32.54
C THR C 268 -22.59 -15.26 -32.53
N VAL C 269 -22.30 -14.52 -33.61
CA VAL C 269 -21.10 -13.72 -33.71
C VAL C 269 -21.52 -12.26 -33.82
N ILE C 270 -20.99 -11.42 -32.92
CA ILE C 270 -21.38 -10.02 -32.90
C ILE C 270 -20.76 -9.28 -34.08
N GLY C 271 -19.45 -9.45 -34.29
CA GLY C 271 -18.77 -8.79 -35.38
C GLY C 271 -18.03 -9.75 -36.28
N ALA C 272 -17.20 -9.21 -37.18
CA ALA C 272 -16.41 -10.07 -38.05
C ALA C 272 -15.32 -10.78 -37.27
N SER C 273 -15.10 -12.04 -37.58
CA SER C 273 -14.09 -12.83 -36.90
C SER C 273 -13.65 -13.97 -37.81
N LEU C 274 -12.47 -14.52 -37.50
CA LEU C 274 -11.89 -15.61 -38.27
C LEU C 274 -12.06 -16.91 -37.48
N ILE C 275 -12.81 -17.84 -38.04
CA ILE C 275 -13.04 -19.15 -37.42
C ILE C 275 -12.44 -20.21 -38.32
N ASP C 276 -11.49 -20.96 -37.80
CA ASP C 276 -10.85 -22.01 -38.58
C ASP C 276 -11.87 -23.12 -38.86
N PRO C 277 -12.00 -23.58 -40.11
CA PRO C 277 -13.05 -24.56 -40.43
C PRO C 277 -13.01 -25.84 -39.60
N SER C 278 -11.82 -26.29 -39.18
CA SER C 278 -11.74 -27.53 -38.43
C SER C 278 -12.12 -27.37 -36.96
N ALA C 279 -12.33 -26.15 -36.48
CA ALA C 279 -12.64 -25.93 -35.08
C ALA C 279 -14.07 -26.32 -34.77
N LYS C 280 -14.35 -26.49 -33.48
CA LYS C 280 -15.69 -26.74 -32.97
C LYS C 280 -16.05 -25.62 -32.00
N ILE C 281 -17.09 -24.87 -32.32
CA ILE C 281 -17.44 -23.70 -31.53
C ILE C 281 -18.27 -24.07 -30.31
N GLY C 282 -19.19 -25.03 -30.44
CA GLY C 282 -20.02 -25.46 -29.34
C GLY C 282 -21.50 -25.36 -29.69
N ASP C 283 -22.29 -24.87 -28.74
CA ASP C 283 -23.74 -24.78 -28.91
C ASP C 283 -24.29 -23.39 -28.67
N GLY C 284 -23.76 -22.65 -27.70
CA GLY C 284 -24.29 -21.34 -27.40
C GLY C 284 -23.21 -20.30 -27.17
N ALA C 285 -22.07 -20.44 -27.84
CA ALA C 285 -20.99 -19.49 -27.68
C ALA C 285 -21.34 -18.15 -28.33
N VAL C 286 -20.60 -17.12 -27.94
CA VAL C 286 -20.75 -15.78 -28.49
C VAL C 286 -19.36 -15.31 -28.87
N ILE C 287 -18.99 -15.48 -30.14
CA ILE C 287 -17.67 -15.07 -30.62
C ILE C 287 -17.71 -13.56 -30.85
N GLY C 288 -16.95 -12.82 -30.04
CA GLY C 288 -17.01 -11.39 -30.04
C GLY C 288 -16.40 -10.79 -31.29
N PRO C 289 -16.35 -9.47 -31.34
CA PRO C 289 -15.82 -8.80 -32.53
C PRO C 289 -14.32 -8.98 -32.65
N TYR C 290 -13.86 -9.28 -33.87
CA TYR C 290 -12.45 -9.34 -34.20
C TYR C 290 -11.71 -10.36 -33.34
N ALA C 291 -12.09 -11.62 -33.54
CA ALA C 291 -11.48 -12.75 -32.86
C ALA C 291 -10.96 -13.75 -33.88
N SER C 292 -9.89 -14.45 -33.51
CA SER C 292 -9.29 -15.46 -34.37
C SER C 292 -9.17 -16.77 -33.60
N ILE C 293 -9.40 -17.88 -34.29
CA ILE C 293 -9.39 -19.20 -33.69
C ILE C 293 -8.61 -20.13 -34.61
N GLY C 294 -7.71 -20.92 -34.03
CA GLY C 294 -6.86 -21.82 -34.80
C GLY C 294 -7.50 -23.17 -35.03
N ALA C 295 -6.77 -24.00 -35.77
CA ALA C 295 -7.28 -25.31 -36.16
C ALA C 295 -7.41 -26.23 -34.96
N ASN C 296 -8.39 -27.13 -35.04
CA ASN C 296 -8.69 -28.15 -34.03
C ASN C 296 -9.00 -27.55 -32.65
N CYS C 297 -9.17 -26.24 -32.57
CA CYS C 297 -9.56 -25.63 -31.30
C CYS C 297 -10.97 -26.05 -30.93
N VAL C 298 -11.19 -26.29 -29.65
CA VAL C 298 -12.49 -26.69 -29.12
C VAL C 298 -12.97 -25.62 -28.15
N ILE C 299 -14.17 -25.11 -28.39
CA ILE C 299 -14.77 -24.07 -27.56
C ILE C 299 -16.01 -24.64 -26.90
N GLY C 300 -16.21 -24.32 -25.63
CA GLY C 300 -17.23 -24.95 -24.82
C GLY C 300 -18.64 -24.59 -25.26
N GLU C 301 -19.59 -25.05 -24.44
CA GLU C 301 -21.01 -24.90 -24.78
C GLU C 301 -21.41 -23.43 -24.83
N SER C 302 -20.95 -22.63 -23.87
CA SER C 302 -21.21 -21.19 -23.86
C SER C 302 -19.91 -20.48 -23.51
N CYS C 303 -19.48 -19.56 -24.36
CA CYS C 303 -18.21 -18.88 -24.18
C CYS C 303 -18.31 -17.47 -24.71
N ARG C 304 -17.31 -16.65 -24.36
CA ARG C 304 -17.21 -15.27 -24.81
C ARG C 304 -15.78 -15.03 -25.27
N ILE C 305 -15.55 -15.11 -26.58
CA ILE C 305 -14.24 -14.83 -27.17
C ILE C 305 -14.33 -13.41 -27.73
N ASP C 306 -13.97 -12.43 -26.91
CA ASP C 306 -14.11 -11.02 -27.24
C ASP C 306 -12.74 -10.44 -27.57
N ASN C 307 -12.52 -10.12 -28.84
CA ASN C 307 -11.30 -9.45 -29.29
C ASN C 307 -10.06 -10.22 -28.83
N ALA C 308 -10.09 -11.53 -28.99
CA ALA C 308 -9.03 -12.39 -28.49
C ALA C 308 -8.65 -13.41 -29.55
N ALA C 309 -7.44 -13.94 -29.42
CA ALA C 309 -6.89 -14.91 -30.36
C ALA C 309 -6.68 -16.24 -29.65
N ILE C 310 -7.13 -17.32 -30.28
CA ILE C 310 -6.90 -18.67 -29.81
C ILE C 310 -6.05 -19.38 -30.84
N LEU C 311 -4.86 -19.81 -30.44
CA LEU C 311 -3.86 -20.33 -31.36
C LEU C 311 -3.78 -21.85 -31.26
N GLU C 312 -3.93 -22.52 -32.40
CA GLU C 312 -3.75 -23.97 -32.53
C GLU C 312 -4.58 -24.75 -31.52
N ASN C 313 -4.17 -25.98 -31.22
CA ASN C 313 -5.00 -26.92 -30.48
C ASN C 313 -5.19 -26.42 -29.05
N SER C 314 -6.37 -25.88 -28.76
CA SER C 314 -6.71 -25.43 -27.42
C SER C 314 -8.08 -25.96 -27.06
N LYS C 315 -8.30 -26.19 -25.77
CA LYS C 315 -9.60 -26.59 -25.25
C LYS C 315 -10.09 -25.51 -24.28
N VAL C 316 -11.38 -25.22 -24.34
CA VAL C 316 -11.98 -24.17 -23.53
C VAL C 316 -13.28 -24.70 -22.92
N GLY C 317 -13.44 -24.51 -21.62
CA GLY C 317 -14.58 -25.03 -20.89
C GLY C 317 -15.86 -24.24 -21.17
N LYS C 318 -16.76 -24.28 -20.19
CA LYS C 318 -18.08 -23.67 -20.33
C LYS C 318 -18.13 -22.37 -19.53
N GLY C 319 -18.54 -21.29 -20.19
CA GLY C 319 -18.81 -20.04 -19.50
C GLY C 319 -17.63 -19.11 -19.33
N THR C 320 -16.45 -19.49 -19.79
CA THR C 320 -15.29 -18.62 -19.61
C THR C 320 -15.37 -17.42 -20.55
N MET C 321 -14.60 -16.39 -20.23
CA MET C 321 -14.54 -15.17 -21.02
C MET C 321 -13.07 -14.87 -21.32
N VAL C 322 -12.76 -14.67 -22.59
CA VAL C 322 -11.40 -14.33 -23.02
C VAL C 322 -11.49 -12.98 -23.72
N SER C 323 -11.12 -11.91 -23.03
CA SER C 323 -11.29 -10.56 -23.52
C SER C 323 -9.93 -9.91 -23.74
N ARG C 324 -9.66 -9.48 -24.97
CA ARG C 324 -8.45 -8.74 -25.31
C ARG C 324 -7.18 -9.47 -24.87
N SER C 325 -7.16 -10.78 -25.06
CA SER C 325 -6.04 -11.59 -24.62
C SER C 325 -5.68 -12.63 -25.67
N ILE C 326 -4.62 -13.37 -25.39
CA ILE C 326 -4.12 -14.41 -26.28
C ILE C 326 -3.93 -15.67 -25.45
N VAL C 327 -3.92 -16.83 -26.10
CA VAL C 327 -3.62 -18.09 -25.44
C VAL C 327 -2.54 -18.82 -26.24
N GLY C 328 -1.94 -19.82 -25.61
CA GLY C 328 -0.79 -20.49 -26.17
C GLY C 328 -1.13 -21.39 -27.33
N TRP C 329 -0.26 -22.37 -27.55
CA TRP C 329 -0.42 -23.28 -28.69
C TRP C 329 -1.23 -24.51 -28.28
N ASN C 330 -0.75 -25.26 -27.29
CA ASN C 330 -1.44 -26.43 -26.78
C ASN C 330 -2.14 -26.12 -25.45
N ASN C 331 -2.60 -24.89 -25.29
CA ASN C 331 -3.20 -24.45 -24.04
C ASN C 331 -4.46 -25.26 -23.72
N ARG C 332 -4.65 -25.55 -22.44
CA ARG C 332 -5.85 -26.20 -21.95
C ARG C 332 -6.48 -25.33 -20.87
N ILE C 333 -7.56 -24.64 -21.22
CA ILE C 333 -8.17 -23.62 -20.38
C ILE C 333 -9.28 -24.25 -19.56
N GLY C 334 -9.43 -23.79 -18.32
CA GLY C 334 -10.45 -24.29 -17.42
C GLY C 334 -11.87 -24.01 -17.86
N SER C 335 -12.84 -24.37 -17.03
CA SER C 335 -14.24 -24.26 -17.43
C SER C 335 -14.78 -22.85 -17.22
N TRP C 336 -14.84 -22.40 -15.96
CA TRP C 336 -15.53 -21.17 -15.59
C TRP C 336 -14.57 -20.02 -15.30
N CYS C 337 -13.38 -20.03 -15.90
CA CYS C 337 -12.39 -19.01 -15.62
C CYS C 337 -12.79 -17.68 -16.23
N HIS C 338 -11.93 -16.67 -16.06
CA HIS C 338 -12.23 -15.32 -16.54
C HIS C 338 -10.89 -14.67 -16.86
N ILE C 339 -10.51 -14.69 -18.13
CA ILE C 339 -9.23 -14.14 -18.60
C ILE C 339 -9.54 -12.88 -19.39
N LYS C 340 -8.97 -11.75 -18.96
CA LYS C 340 -9.25 -10.48 -19.61
C LYS C 340 -7.98 -9.62 -19.60
N ASP C 341 -8.11 -8.41 -20.14
CA ASP C 341 -7.01 -7.48 -20.31
C ASP C 341 -5.89 -8.08 -21.15
N ILE C 342 -4.78 -7.36 -21.30
CA ILE C 342 -3.69 -7.83 -22.13
C ILE C 342 -2.87 -8.85 -21.35
N SER C 343 -3.25 -10.11 -21.46
CA SER C 343 -2.54 -11.22 -20.82
C SER C 343 -2.24 -12.27 -21.87
N VAL C 344 -0.99 -12.71 -21.92
CA VAL C 344 -0.54 -13.70 -22.90
C VAL C 344 -0.20 -14.97 -22.14
N LEU C 345 -0.77 -16.10 -22.58
CA LEU C 345 -0.50 -17.39 -21.98
C LEU C 345 0.46 -18.17 -22.87
N GLY C 346 1.53 -18.68 -22.28
CA GLY C 346 2.54 -19.40 -23.03
C GLY C 346 2.05 -20.74 -23.52
N ASP C 347 3.00 -21.54 -23.99
CA ASP C 347 2.67 -22.83 -24.58
C ASP C 347 2.39 -23.86 -23.49
N ASP C 348 1.38 -24.70 -23.74
CA ASP C 348 1.04 -25.84 -22.88
C ASP C 348 0.81 -25.42 -21.44
N VAL C 349 0.14 -24.30 -21.26
CA VAL C 349 -0.26 -23.84 -19.93
C VAL C 349 -1.60 -24.49 -19.60
N GLU C 350 -1.94 -24.56 -18.32
CA GLU C 350 -3.23 -25.07 -17.89
C GLU C 350 -3.72 -24.24 -16.71
N VAL C 351 -5.01 -23.92 -16.71
CA VAL C 351 -5.63 -23.15 -15.65
C VAL C 351 -6.81 -23.93 -15.09
N LYS C 352 -6.93 -23.94 -13.77
CA LYS C 352 -8.02 -24.66 -13.13
C LYS C 352 -9.33 -23.90 -13.31
N ASP C 353 -10.40 -24.46 -12.76
CA ASP C 353 -11.72 -23.84 -12.87
C ASP C 353 -11.81 -22.62 -11.98
N GLY C 354 -12.49 -21.59 -12.47
CA GLY C 354 -12.74 -20.39 -11.69
C GLY C 354 -11.53 -19.58 -11.31
N VAL C 355 -10.60 -19.37 -12.24
CA VAL C 355 -9.46 -18.49 -12.01
C VAL C 355 -9.67 -17.21 -12.80
N ILE C 356 -9.10 -16.11 -12.31
CA ILE C 356 -9.27 -14.80 -12.90
C ILE C 356 -7.88 -14.21 -13.13
N LEU C 357 -7.37 -14.38 -14.35
CA LEU C 357 -6.10 -13.81 -14.76
C LEU C 357 -6.38 -12.47 -15.45
N ILE C 358 -5.90 -11.39 -14.87
CA ILE C 358 -6.14 -10.05 -15.39
C ILE C 358 -4.79 -9.45 -15.76
N GLY C 359 -4.43 -9.56 -17.03
CA GLY C 359 -3.19 -8.94 -17.51
C GLY C 359 -1.93 -9.54 -16.93
N THR C 360 -1.87 -10.86 -16.82
CA THR C 360 -0.69 -11.54 -16.31
C THR C 360 -0.17 -12.51 -17.36
N LYS C 361 1.11 -12.38 -17.71
CA LYS C 361 1.76 -13.24 -18.68
C LYS C 361 2.37 -14.42 -17.95
N VAL C 362 2.03 -15.63 -18.38
CA VAL C 362 2.52 -16.86 -17.75
C VAL C 362 3.54 -17.50 -18.67
N LEU C 363 4.55 -18.13 -18.08
CA LEU C 363 5.61 -18.76 -18.84
C LEU C 363 5.16 -20.14 -19.32
N PRO C 364 5.83 -20.70 -20.34
CA PRO C 364 5.40 -21.99 -20.88
C PRO C 364 5.44 -23.11 -19.86
N ASN C 365 4.52 -24.07 -20.03
CA ASN C 365 4.41 -25.31 -19.28
C ASN C 365 4.05 -25.11 -17.81
N LYS C 366 3.80 -23.87 -17.37
CA LYS C 366 3.40 -23.63 -16.00
C LYS C 366 1.98 -24.13 -15.75
N ASP C 367 1.56 -24.06 -14.49
CA ASP C 367 0.20 -24.37 -14.08
C ASP C 367 -0.29 -23.27 -13.16
N VAL C 368 -1.53 -22.85 -13.36
CA VAL C 368 -2.12 -21.72 -12.64
C VAL C 368 -3.32 -22.22 -11.87
N GLY C 369 -3.41 -21.86 -10.59
CA GLY C 369 -4.54 -22.22 -9.77
C GLY C 369 -4.92 -21.14 -8.78
N GLU C 370 -4.40 -19.93 -8.99
CA GLU C 370 -4.62 -18.82 -8.06
C GLU C 370 -5.03 -17.58 -8.82
N HIS C 371 -5.87 -16.76 -8.18
CA HIS C 371 -6.32 -15.53 -8.79
C HIS C 371 -5.17 -14.54 -8.90
N ARG C 372 -5.26 -13.65 -9.89
CA ARG C 372 -4.29 -12.57 -10.08
C ARG C 372 -5.06 -11.33 -10.52
N PHE C 373 -5.31 -10.42 -9.58
CA PHE C 373 -6.07 -9.21 -9.87
C PHE C 373 -5.19 -8.04 -10.29
N GLU C 374 -3.88 -8.24 -10.35
CA GLU C 374 -2.94 -7.17 -10.66
C GLU C 374 -1.99 -7.66 -11.74
N PRO C 375 -1.61 -6.80 -12.68
CA PRO C 375 -0.66 -7.22 -13.72
C PRO C 375 0.66 -7.70 -13.14
N GLY C 376 1.22 -8.71 -13.78
CA GLY C 376 2.42 -9.33 -13.26
C GLY C 376 2.80 -10.53 -14.10
N ILE C 377 3.74 -11.32 -13.58
CA ILE C 377 4.30 -12.45 -14.31
C ILE C 377 4.27 -13.67 -13.42
N ILE C 378 3.92 -14.82 -13.99
CA ILE C 378 3.93 -16.09 -13.27
C ILE C 378 5.05 -16.96 -13.87
N MET C 379 5.96 -17.40 -13.01
CA MET C 379 6.97 -18.38 -13.41
C MET C 379 6.52 -19.80 -13.02
N GLN D 7 35.00 13.17 55.43
CA GLN D 7 34.67 12.07 56.32
C GLN D 7 33.23 11.61 56.12
N GLY D 8 32.41 12.49 55.53
CA GLY D 8 31.02 12.16 55.30
C GLY D 8 30.83 11.11 54.23
N MET D 9 29.64 10.52 54.22
CA MET D 9 29.31 9.48 53.25
C MET D 9 29.21 10.08 51.85
N ARG D 10 29.75 9.36 50.88
CA ARG D 10 29.74 9.78 49.49
C ARG D 10 29.09 8.69 48.63
N ALA D 11 28.85 9.02 47.36
CA ALA D 11 28.21 8.08 46.45
C ALA D 11 28.62 8.40 45.02
N VAL D 12 28.40 7.42 44.15
CA VAL D 12 28.74 7.54 42.73
C VAL D 12 27.51 7.21 41.92
N ILE D 13 27.20 8.06 40.93
CA ILE D 13 26.08 7.85 40.02
C ILE D 13 26.64 7.67 38.62
N LEU D 14 26.30 6.55 37.98
CA LEU D 14 26.72 6.27 36.61
C LEU D 14 25.67 6.84 35.66
N VAL D 15 26.01 7.95 35.01
CA VAL D 15 25.13 8.60 34.05
C VAL D 15 25.70 8.55 32.64
N GLY D 16 26.93 8.08 32.47
CA GLY D 16 27.59 8.02 31.19
C GLY D 16 26.76 7.39 30.09
N GLY D 17 26.39 8.21 29.10
CA GLY D 17 25.52 7.74 28.03
C GLY D 17 25.30 8.86 27.04
N PHE D 18 24.48 8.55 26.03
CA PHE D 18 24.23 9.50 24.95
C PHE D 18 22.82 10.05 24.94
N GLY D 19 21.86 9.35 25.55
CA GLY D 19 20.48 9.78 25.47
C GLY D 19 19.86 9.58 24.11
N THR D 20 20.42 8.68 23.31
CA THR D 20 19.95 8.51 21.93
C THR D 20 18.51 8.01 21.89
N ARG D 21 18.17 7.08 22.78
CA ARG D 21 16.84 6.47 22.74
C ARG D 21 15.75 7.50 23.00
N LEU D 22 15.94 8.35 24.01
CA LEU D 22 14.98 9.41 24.34
C LEU D 22 15.30 10.69 23.59
N ARG D 23 15.41 10.59 22.27
CA ARG D 23 15.97 11.68 21.49
C ARG D 23 15.07 12.92 21.40
N PRO D 24 13.81 12.83 20.99
CA PRO D 24 13.10 14.04 20.53
C PRO D 24 13.03 15.17 21.55
N LEU D 25 13.31 14.91 22.83
CA LEU D 25 13.31 15.97 23.83
C LEU D 25 14.61 16.02 24.63
N THR D 26 15.65 15.32 24.21
CA THR D 26 16.95 15.40 24.88
C THR D 26 17.94 16.26 24.11
N LEU D 27 17.56 16.81 22.96
CA LEU D 27 18.46 17.71 22.24
C LEU D 27 18.62 19.03 22.98
N THR D 28 17.52 19.55 23.54
CA THR D 28 17.59 20.82 24.25
C THR D 28 18.36 20.69 25.55
N THR D 29 18.04 19.68 26.35
CA THR D 29 18.68 19.45 27.64
C THR D 29 19.16 18.00 27.73
N PRO D 30 20.22 17.75 28.49
CA PRO D 30 20.79 16.40 28.53
C PRO D 30 19.80 15.39 29.10
N LYS D 31 19.98 14.13 28.68
CA LYS D 31 19.13 13.06 29.18
C LYS D 31 19.08 12.97 30.71
N PRO D 32 20.17 13.16 31.45
CA PRO D 32 20.04 13.09 32.92
C PRO D 32 19.05 14.09 33.51
N LEU D 33 18.91 15.28 32.94
CA LEU D 33 18.07 16.32 33.51
C LEU D 33 16.83 16.61 32.67
N VAL D 34 16.25 15.59 32.04
CA VAL D 34 14.91 15.74 31.48
C VAL D 34 13.89 15.50 32.58
N PRO D 35 12.96 16.42 32.81
CA PRO D 35 12.08 16.31 33.98
C PRO D 35 11.22 15.06 33.95
N PHE D 36 11.03 14.47 35.12
CA PHE D 36 10.11 13.36 35.33
C PHE D 36 9.12 13.79 36.40
N CYS D 37 7.83 13.66 36.09
CA CYS D 37 6.78 14.19 36.94
C CYS D 37 6.97 15.69 37.14
N ASN D 38 7.61 16.09 38.24
CA ASN D 38 7.84 17.50 38.52
C ASN D 38 9.29 17.84 38.80
N LYS D 39 10.21 16.89 38.71
CA LYS D 39 11.60 17.10 39.06
C LYS D 39 12.52 16.51 38.00
N PRO D 40 13.74 17.02 37.88
CA PRO D 40 14.72 16.38 36.99
C PRO D 40 15.01 14.96 37.43
N MET D 41 15.40 14.13 36.46
CA MET D 41 15.47 12.69 36.68
C MET D 41 16.48 12.30 37.74
N ILE D 42 17.47 13.15 38.01
CA ILE D 42 18.45 12.81 39.03
C ILE D 42 18.09 13.39 40.40
N ILE D 43 17.26 14.43 40.43
CA ILE D 43 16.90 15.05 41.71
C ILE D 43 16.25 14.04 42.64
N HIS D 44 15.53 13.06 42.10
CA HIS D 44 15.03 11.98 42.92
C HIS D 44 16.19 11.22 43.58
N GLN D 45 17.25 10.96 42.82
CA GLN D 45 18.42 10.28 43.36
C GLN D 45 19.06 11.09 44.48
N ILE D 46 19.24 12.40 44.27
CA ILE D 46 19.81 13.23 45.32
C ILE D 46 18.91 13.23 46.56
N GLU D 47 17.59 13.33 46.38
CA GLU D 47 16.71 13.36 47.53
C GLU D 47 16.77 12.06 48.32
N ALA D 48 16.78 10.92 47.62
CA ALA D 48 16.88 9.65 48.33
C ALA D 48 18.22 9.50 49.04
N LEU D 49 19.32 9.89 48.37
CA LEU D 49 20.63 9.78 48.99
C LEU D 49 20.77 10.73 50.17
N LYS D 50 20.09 11.87 50.13
CA LYS D 50 20.02 12.74 51.30
C LYS D 50 19.22 12.11 52.42
N ALA D 51 18.14 11.41 52.07
CA ALA D 51 17.40 10.64 53.07
C ALA D 51 18.31 9.63 53.74
N VAL D 52 19.26 9.06 52.99
CA VAL D 52 20.32 8.29 53.63
C VAL D 52 21.17 9.19 54.51
N GLY D 53 21.59 10.34 53.98
CA GLY D 53 22.44 11.25 54.72
C GLY D 53 23.81 11.42 54.10
N VAL D 54 23.91 11.24 52.79
CA VAL D 54 25.18 11.38 52.07
C VAL D 54 25.56 12.86 52.02
N THR D 55 26.81 13.14 51.61
CA THR D 55 27.30 14.50 51.51
C THR D 55 27.46 14.96 50.07
N GLU D 56 28.16 14.21 49.23
CA GLU D 56 28.42 14.62 47.86
C GLU D 56 28.21 13.43 46.92
N VAL D 57 27.94 13.75 45.67
CA VAL D 57 27.62 12.75 44.64
C VAL D 57 28.67 12.85 43.54
N ILE D 58 29.19 11.69 43.12
CA ILE D 58 30.21 11.62 42.08
C ILE D 58 29.50 11.25 40.79
N LEU D 59 29.31 12.24 39.91
CA LEU D 59 28.63 12.03 38.64
C LEU D 59 29.62 11.56 37.58
N ALA D 60 29.29 10.47 36.90
CA ALA D 60 30.16 9.86 35.90
C ALA D 60 29.52 10.03 34.53
N VAL D 61 29.85 11.13 33.86
CA VAL D 61 29.33 11.44 32.53
C VAL D 61 30.38 11.02 31.50
N ALA D 62 29.94 10.29 30.48
CA ALA D 62 30.88 9.76 29.48
C ALA D 62 31.33 10.85 28.52
N TYR D 63 30.38 11.62 27.99
CA TYR D 63 30.68 12.58 26.93
C TYR D 63 30.11 13.95 27.30
N ARG D 64 30.81 14.99 26.85
CA ARG D 64 30.46 16.39 27.10
C ARG D 64 30.29 16.64 28.59
N PRO D 65 31.37 16.57 29.38
CA PRO D 65 31.24 16.89 30.82
C PRO D 65 30.74 18.30 31.06
N GLU D 66 31.21 19.27 30.27
CA GLU D 66 30.72 20.64 30.36
C GLU D 66 29.68 20.89 29.28
N ALA D 67 28.54 20.23 29.45
CA ALA D 67 27.40 20.36 28.54
C ALA D 67 26.37 21.35 29.07
N MET D 68 26.86 22.41 29.71
CA MET D 68 26.07 23.42 30.42
C MET D 68 25.39 22.86 31.66
N LYS D 69 25.71 21.62 32.05
CA LYS D 69 25.10 21.03 33.23
C LYS D 69 25.58 21.66 34.52
N GLU D 70 26.84 22.12 34.56
CA GLU D 70 27.40 22.62 35.81
C GLU D 70 26.66 23.86 36.30
N GLN D 71 26.51 24.87 35.44
CA GLN D 71 25.82 26.08 35.87
C GLN D 71 24.31 25.90 35.90
N MET D 72 23.78 24.99 35.08
CA MET D 72 22.35 24.71 35.12
C MET D 72 21.96 23.90 36.35
N ASP D 73 22.94 23.27 37.01
CA ASP D 73 22.67 22.56 38.25
C ASP D 73 22.48 23.56 39.39
N GLU D 74 21.38 24.32 39.35
CA GLU D 74 21.04 25.21 40.45
C GLU D 74 20.77 24.45 41.74
N TRP D 75 20.33 23.19 41.63
CA TRP D 75 20.04 22.37 42.78
C TRP D 75 21.25 22.09 43.65
N SER D 76 22.47 22.31 43.12
CA SER D 76 23.67 22.03 43.90
C SER D 76 23.79 22.94 45.10
N ARG D 77 23.53 24.25 44.92
CA ARG D 77 23.62 25.18 46.03
C ARG D 77 22.58 24.86 47.10
N LYS D 78 21.37 24.51 46.70
CA LYS D 78 20.39 24.07 47.68
C LYS D 78 20.66 22.61 48.05
N LEU D 79 19.91 22.13 49.04
CA LEU D 79 19.97 20.74 49.51
C LEU D 79 21.29 20.42 50.19
N GLY D 80 22.22 21.35 50.18
CA GLY D 80 23.51 21.13 50.81
C GLY D 80 24.29 19.95 50.25
N VAL D 81 24.18 19.70 48.95
CA VAL D 81 24.89 18.61 48.29
C VAL D 81 25.72 19.20 47.16
N SER D 82 27.01 18.88 47.14
CA SER D 82 27.94 19.43 46.17
C SER D 82 28.33 18.36 45.16
N PHE D 83 28.13 18.67 43.88
CA PHE D 83 28.57 17.81 42.79
C PHE D 83 29.93 18.28 42.33
N VAL D 84 30.81 17.34 42.01
CA VAL D 84 32.19 17.66 41.71
C VAL D 84 32.48 17.52 40.22
N PHE D 85 31.71 16.66 39.54
CA PHE D 85 31.87 16.43 38.10
C PHE D 85 33.29 16.02 37.75
N SER D 86 33.93 15.26 38.64
CA SER D 86 35.34 14.91 38.48
C SER D 86 35.57 13.75 37.52
N VAL D 87 34.52 13.18 36.95
CA VAL D 87 34.65 11.99 36.11
C VAL D 87 34.56 12.43 34.65
N GLU D 88 35.72 12.54 34.00
CA GLU D 88 35.82 12.64 32.56
C GLU D 88 36.46 11.35 32.04
N GLU D 89 35.84 10.75 31.04
CA GLU D 89 36.16 9.38 30.65
C GLU D 89 36.84 9.35 29.29
N GLU D 90 38.07 8.87 29.26
CA GLU D 90 38.69 8.41 28.04
C GLU D 90 38.12 7.06 27.65
N PRO D 91 38.27 6.64 26.39
CA PRO D 91 37.71 5.33 26.00
C PRO D 91 38.35 4.17 26.73
N LEU D 92 37.58 3.56 27.63
CA LEU D 92 38.00 2.36 28.38
C LEU D 92 36.78 1.48 28.56
N GLY D 93 36.87 0.52 29.48
CA GLY D 93 35.78 -0.40 29.73
C GLY D 93 34.66 0.22 30.54
N THR D 94 33.65 -0.59 30.81
CA THR D 94 32.45 -0.15 31.53
C THR D 94 32.66 -0.24 33.04
N ALA D 95 33.70 0.43 33.50
CA ALA D 95 34.05 0.49 34.93
C ALA D 95 34.32 1.95 35.28
N GLY D 96 33.26 2.67 35.65
CA GLY D 96 33.37 4.05 36.04
C GLY D 96 34.23 4.26 37.29
N PRO D 97 33.81 3.68 38.41
CA PRO D 97 34.61 3.85 39.64
C PRO D 97 36.03 3.33 39.53
N LEU D 98 36.24 2.23 38.79
CA LEU D 98 37.59 1.68 38.66
C LEU D 98 38.50 2.62 37.89
N ALA D 99 37.97 3.33 36.89
CA ALA D 99 38.80 4.17 36.04
C ALA D 99 39.13 5.49 36.71
N LEU D 100 38.11 6.30 37.01
CA LEU D 100 38.31 7.65 37.51
C LEU D 100 38.03 7.78 39.00
N ALA D 101 36.89 7.28 39.47
CA ALA D 101 36.50 7.47 40.86
C ALA D 101 37.37 6.70 41.84
N ARG D 102 38.23 5.80 41.36
CA ARG D 102 39.14 5.09 42.26
C ARG D 102 40.09 6.08 42.93
N ASP D 103 40.59 7.06 42.18
CA ASP D 103 41.53 8.02 42.75
C ASP D 103 40.88 8.87 43.84
N ILE D 104 39.64 9.26 43.64
CA ILE D 104 38.95 10.15 44.57
C ILE D 104 38.13 9.30 45.55
N LEU D 105 38.57 9.25 46.80
CA LEU D 105 37.83 8.58 47.85
C LEU D 105 37.68 9.52 49.05
N MET D 106 38.62 10.45 49.20
CA MET D 106 38.56 11.51 50.22
C MET D 106 38.41 10.92 51.62
N GLN D 107 39.12 9.82 51.88
CA GLN D 107 39.14 9.17 53.18
C GLN D 107 37.73 8.82 53.64
N ASP D 108 37.08 7.96 52.87
CA ASP D 108 35.75 7.50 53.21
C ASP D 108 35.81 6.56 54.42
N ASP D 109 34.67 6.42 55.09
CA ASP D 109 34.56 5.53 56.25
C ASP D 109 33.35 4.60 56.19
N LYS D 110 32.42 4.81 55.27
CA LYS D 110 31.21 4.02 55.15
C LYS D 110 31.04 3.58 53.70
N PRO D 111 30.28 2.51 53.46
CA PRO D 111 30.06 2.06 52.08
C PRO D 111 29.39 3.14 51.25
N PHE D 112 29.80 3.22 49.99
CA PHE D 112 29.30 4.22 49.06
C PHE D 112 28.34 3.58 48.06
N PHE D 113 27.20 4.24 47.84
CA PHE D 113 26.21 3.73 46.91
C PHE D 113 26.69 3.88 45.46
N VAL D 114 26.17 3.01 44.60
CA VAL D 114 26.37 3.08 43.16
C VAL D 114 25.02 2.89 42.50
N LEU D 115 24.62 3.84 41.66
CA LEU D 115 23.28 3.83 41.08
C LEU D 115 23.36 4.15 39.60
N ASN D 116 22.32 3.74 38.88
CA ASN D 116 22.14 4.11 37.48
C ASN D 116 21.48 5.50 37.42
N SER D 117 21.05 5.90 36.23
CA SER D 117 20.30 7.13 36.08
C SER D 117 18.86 6.91 35.62
N ASP D 118 18.52 5.70 35.19
CA ASP D 118 17.18 5.37 34.70
C ASP D 118 16.50 4.34 35.58
N VAL D 119 16.60 4.50 36.90
CA VAL D 119 15.95 3.61 37.86
C VAL D 119 14.89 4.40 38.62
N THR D 120 13.70 3.83 38.71
CA THR D 120 12.58 4.44 39.43
C THR D 120 11.97 3.40 40.35
N CYS D 121 12.06 3.63 41.65
CA CYS D 121 11.59 2.68 42.65
C CYS D 121 11.07 3.45 43.85
N THR D 122 10.64 2.71 44.87
CA THR D 122 10.37 3.33 46.17
C THR D 122 11.64 3.76 46.87
N PHE D 123 12.81 3.28 46.42
CA PHE D 123 14.12 3.66 46.93
C PHE D 123 14.23 3.43 48.43
N PRO D 124 14.29 2.17 48.88
CA PRO D 124 14.52 1.91 50.31
C PRO D 124 15.90 2.39 50.72
N MET D 125 15.95 3.45 51.53
CA MET D 125 17.20 4.09 51.90
C MET D 125 17.70 3.66 53.27
N GLN D 126 17.31 2.47 53.72
CA GLN D 126 17.86 1.85 54.91
C GLN D 126 18.98 0.88 54.60
N GLU D 127 19.44 0.84 53.34
CA GLU D 127 20.42 -0.15 52.92
C GLU D 127 21.74 0.01 53.67
N LEU D 128 22.10 1.24 54.05
CA LEU D 128 23.31 1.44 54.84
C LEU D 128 23.20 0.74 56.19
N LEU D 129 22.02 0.80 56.81
CA LEU D 129 21.81 0.12 58.08
C LEU D 129 21.43 -1.34 57.86
N ASP D 130 20.66 -1.62 56.81
CA ASP D 130 20.29 -3.00 56.50
C ASP D 130 21.51 -3.78 56.03
N PHE D 131 21.44 -5.10 56.17
CA PHE D 131 22.51 -6.01 55.79
C PHE D 131 23.82 -5.67 56.49
N HIS D 132 23.73 -5.16 57.72
CA HIS D 132 24.91 -4.82 58.51
C HIS D 132 25.31 -5.93 59.47
N LYS D 133 24.62 -7.08 59.44
CA LYS D 133 24.89 -8.17 60.36
C LYS D 133 26.16 -8.91 59.92
N ALA D 134 27.29 -8.23 60.14
CA ALA D 134 28.62 -8.76 59.83
C ALA D 134 28.72 -9.18 58.35
N HIS D 135 28.53 -8.20 57.48
CA HIS D 135 28.56 -8.40 56.04
C HIS D 135 29.73 -7.66 55.42
N GLY D 136 30.33 -8.26 54.39
CA GLY D 136 31.31 -7.60 53.57
C GLY D 136 30.69 -7.22 52.25
N GLY D 137 30.81 -5.93 51.90
CA GLY D 137 30.08 -5.43 50.76
C GLY D 137 28.60 -5.55 50.98
N GLU D 138 28.11 -4.91 52.04
CA GLU D 138 26.70 -5.02 52.41
C GLU D 138 25.82 -4.56 51.26
N GLY D 139 24.74 -5.31 51.01
CA GLY D 139 23.82 -4.97 49.95
C GLY D 139 24.51 -4.90 48.60
N THR D 140 25.36 -5.88 48.30
CA THR D 140 26.21 -5.82 47.11
C THR D 140 25.38 -5.65 45.84
N ILE D 141 24.20 -6.26 45.78
CA ILE D 141 23.31 -6.13 44.65
C ILE D 141 21.88 -5.98 45.16
N MET D 142 21.01 -5.51 44.27
CA MET D 142 19.60 -5.33 44.58
C MET D 142 18.77 -6.00 43.51
N VAL D 143 17.70 -6.69 43.93
CA VAL D 143 16.91 -7.51 43.02
C VAL D 143 15.43 -7.17 43.19
N SER D 144 14.66 -7.44 42.13
CA SER D 144 13.23 -7.20 42.12
C SER D 144 12.56 -8.31 41.32
N GLN D 145 11.27 -8.52 41.58
CA GLN D 145 10.51 -9.58 40.93
C GLN D 145 10.13 -9.17 39.52
N VAL D 146 10.23 -10.12 38.59
CA VAL D 146 9.83 -9.93 37.20
C VAL D 146 9.06 -11.16 36.75
N THR D 147 7.95 -10.93 36.04
CA THR D 147 7.13 -12.04 35.56
C THR D 147 7.85 -12.84 34.49
N GLN D 148 8.49 -12.16 33.54
CA GLN D 148 9.20 -12.82 32.44
C GLN D 148 10.59 -13.19 32.92
N TRP D 149 10.71 -14.42 33.45
CA TRP D 149 11.99 -14.87 34.00
C TRP D 149 13.04 -15.04 32.92
N GLU D 150 12.64 -15.52 31.74
CA GLU D 150 13.59 -15.83 30.68
C GLU D 150 13.71 -14.75 29.62
N LYS D 151 12.68 -13.91 29.45
CA LYS D 151 12.72 -12.89 28.41
C LYS D 151 13.84 -11.88 28.67
N TYR D 152 13.87 -11.31 29.88
CA TYR D 152 14.91 -10.32 30.19
C TYR D 152 16.27 -10.97 30.36
N GLY D 153 16.32 -12.17 30.91
CA GLY D 153 17.57 -12.86 31.13
C GLY D 153 18.35 -12.25 32.28
N VAL D 154 19.59 -12.72 32.42
CA VAL D 154 20.51 -12.29 33.47
C VAL D 154 19.81 -12.47 34.81
N VAL D 155 19.58 -13.73 35.19
CA VAL D 155 18.86 -14.05 36.41
C VAL D 155 19.85 -14.17 37.56
N VAL D 156 19.64 -13.38 38.60
CA VAL D 156 20.45 -13.44 39.81
C VAL D 156 19.72 -14.37 40.78
N TYR D 157 20.22 -15.60 40.91
CA TYR D 157 19.55 -16.61 41.71
C TYR D 157 19.78 -16.33 43.20
N SER D 158 18.69 -16.18 43.95
CA SER D 158 18.76 -15.93 45.38
C SER D 158 18.21 -17.11 46.16
N PRO D 159 19.08 -17.95 46.74
CA PRO D 159 18.58 -19.06 47.56
C PRO D 159 18.03 -18.59 48.90
N GLN D 160 17.69 -19.54 49.78
CA GLN D 160 17.13 -19.17 51.08
C GLN D 160 18.09 -18.27 51.85
N ASN D 161 19.37 -18.60 51.85
CA ASN D 161 20.37 -17.72 52.45
C ASN D 161 20.53 -16.47 51.60
N TYR D 162 20.69 -15.32 52.26
CA TYR D 162 20.88 -14.05 51.57
C TYR D 162 22.30 -13.96 51.03
N GLN D 163 22.57 -14.80 50.02
CA GLN D 163 23.90 -14.88 49.42
C GLN D 163 23.73 -15.40 48.00
N ILE D 164 24.52 -14.85 47.08
CA ILE D 164 24.48 -15.22 45.67
C ILE D 164 25.82 -15.84 45.28
N GLU D 165 25.77 -16.92 44.51
CA GLU D 165 26.97 -17.62 44.09
C GLU D 165 27.09 -17.86 42.60
N ARG D 166 26.01 -17.68 41.82
CA ARG D 166 26.06 -17.98 40.41
C ARG D 166 25.24 -16.96 39.63
N PHE D 167 25.79 -16.52 38.50
CA PHE D 167 25.09 -15.66 37.56
C PHE D 167 24.89 -16.44 36.27
N VAL D 168 23.64 -16.63 35.87
CA VAL D 168 23.29 -17.40 34.68
C VAL D 168 22.54 -16.49 33.72
N GLU D 169 22.95 -16.50 32.45
CA GLU D 169 22.33 -15.67 31.43
C GLU D 169 21.41 -16.54 30.58
N LYS D 170 20.14 -16.12 30.47
CA LYS D 170 19.09 -16.87 29.80
C LYS D 170 19.03 -18.29 30.33
N PRO D 171 18.72 -18.49 31.61
CA PRO D 171 18.72 -19.85 32.17
C PRO D 171 17.51 -20.65 31.73
N SER D 172 17.73 -21.94 31.48
CA SER D 172 16.63 -22.84 31.19
C SER D 172 15.86 -23.19 32.45
N ARG D 173 16.56 -23.34 33.57
CA ARG D 173 15.94 -23.66 34.84
C ARG D 173 15.26 -22.42 35.43
N PHE D 174 14.15 -22.65 36.14
CA PHE D 174 13.45 -21.57 36.83
C PHE D 174 14.13 -21.36 38.19
N LEU D 175 15.34 -20.82 38.12
CA LEU D 175 16.11 -20.58 39.34
C LEU D 175 15.43 -19.52 40.22
N GLY D 176 14.92 -18.46 39.60
CA GLY D 176 14.25 -17.42 40.35
C GLY D 176 13.82 -16.30 39.44
N ASP D 177 12.99 -15.42 40.00
CA ASP D 177 12.47 -14.27 39.29
C ASP D 177 13.19 -12.97 39.63
N ARG D 178 14.30 -13.05 40.36
CA ARG D 178 15.05 -11.86 40.72
C ARG D 178 15.83 -11.32 39.53
N ILE D 179 15.90 -9.99 39.44
CA ILE D 179 16.63 -9.30 38.38
C ILE D 179 17.45 -8.19 39.01
N ASN D 180 18.69 -8.02 38.54
CA ASN D 180 19.57 -7.01 39.10
C ASN D 180 18.99 -5.61 38.89
N ALA D 181 18.60 -4.97 40.00
CA ALA D 181 17.98 -3.65 39.91
C ALA D 181 18.92 -2.60 39.37
N GLY D 182 20.21 -2.70 39.68
CA GLY D 182 21.19 -1.70 39.28
C GLY D 182 21.58 -0.72 40.36
N ILE D 183 21.10 -0.90 41.58
CA ILE D 183 21.49 -0.06 42.71
C ILE D 183 22.50 -0.85 43.54
N TYR D 184 23.75 -0.39 43.53
CA TYR D 184 24.84 -1.09 44.18
C TYR D 184 25.41 -0.25 45.33
N ILE D 185 25.97 -0.94 46.31
CA ILE D 185 26.74 -0.31 47.37
C ILE D 185 27.88 -1.25 47.77
N PHE D 186 29.10 -0.72 47.81
CA PHE D 186 30.30 -1.50 48.06
C PHE D 186 31.12 -0.85 49.16
N ASN D 187 31.98 -1.65 49.79
CA ASN D 187 32.94 -1.10 50.73
C ASN D 187 34.11 -0.45 49.99
N LYS D 188 34.90 0.31 50.73
CA LYS D 188 36.07 0.97 50.16
C LYS D 188 37.11 -0.04 49.69
N SER D 189 37.24 -1.16 50.40
CA SER D 189 38.21 -2.19 50.05
C SER D 189 37.90 -2.87 48.72
N ILE D 190 36.68 -2.69 48.18
CA ILE D 190 36.34 -3.30 46.91
C ILE D 190 37.22 -2.75 45.79
N LEU D 191 37.61 -1.48 45.89
CA LEU D 191 38.40 -0.83 44.85
C LEU D 191 39.71 -1.56 44.59
N ASP D 192 39.84 -2.14 43.40
CA ASP D 192 41.06 -2.79 42.95
C ASP D 192 41.33 -2.37 41.51
N ARG D 193 42.60 -2.09 41.21
CA ARG D 193 42.98 -1.57 39.90
C ARG D 193 42.87 -2.69 38.88
N ILE D 194 41.81 -2.67 38.08
CA ILE D 194 41.58 -3.65 37.03
C ILE D 194 41.51 -2.93 35.69
N PRO D 195 42.62 -2.86 34.96
CA PRO D 195 42.58 -2.21 33.65
C PRO D 195 41.70 -2.98 32.70
N PRO D 196 41.02 -2.29 31.76
CA PRO D 196 40.13 -2.91 30.77
C PRO D 196 40.86 -3.88 29.85
N ILE D 201 36.34 -4.98 34.02
CA ILE D 201 35.48 -4.79 32.87
C ILE D 201 34.39 -5.87 32.86
N GLU D 202 34.61 -6.94 33.62
CA GLU D 202 33.66 -8.05 33.69
C GLU D 202 32.56 -7.74 34.70
N LYS D 203 31.77 -6.71 34.36
CA LYS D 203 30.68 -6.24 35.21
C LYS D 203 31.17 -5.94 36.62
N GLU D 204 32.28 -5.20 36.69
CA GLU D 204 32.95 -4.87 37.95
C GLU D 204 33.37 -6.13 38.71
N ILE D 205 33.74 -7.17 37.97
CA ILE D 205 34.27 -8.42 38.53
C ILE D 205 33.26 -9.03 39.49
N PHE D 206 32.04 -9.27 39.01
CA PHE D 206 31.00 -9.93 39.80
C PHE D 206 31.17 -11.45 39.88
N PRO D 207 31.58 -12.14 38.81
CA PRO D 207 31.86 -13.58 38.95
C PRO D 207 32.84 -13.90 40.08
N ALA D 208 33.98 -13.22 40.13
CA ALA D 208 34.90 -13.43 41.25
C ALA D 208 34.28 -12.97 42.56
N MET D 209 33.54 -11.86 42.53
CA MET D 209 32.89 -11.35 43.73
C MET D 209 32.03 -12.44 44.36
N ALA D 210 31.30 -13.19 43.55
CA ALA D 210 30.57 -14.35 44.05
C ALA D 210 31.51 -15.51 44.36
N ALA D 211 32.65 -15.59 43.68
CA ALA D 211 33.59 -16.69 43.92
C ALA D 211 34.10 -16.68 45.35
N GLU D 212 34.43 -15.51 45.89
CA GLU D 212 34.75 -15.48 47.31
C GLU D 212 33.50 -15.53 48.20
N GLY D 213 32.31 -15.58 47.61
CA GLY D 213 31.10 -15.76 48.38
C GLY D 213 30.80 -14.67 49.39
N GLN D 214 30.95 -13.41 48.99
CA GLN D 214 30.71 -12.29 49.88
C GLN D 214 29.75 -11.29 49.19
N LEU D 215 28.83 -11.83 48.39
CA LEU D 215 27.86 -11.04 47.64
C LEU D 215 26.46 -11.33 48.16
N TYR D 216 25.73 -10.28 48.52
CA TYR D 216 24.39 -10.40 49.05
C TYR D 216 23.39 -9.69 48.12
N ALA D 217 22.13 -10.06 48.25
CA ALA D 217 21.05 -9.50 47.44
C ALA D 217 19.91 -9.05 48.33
N PHE D 218 19.23 -7.98 47.94
CA PHE D 218 18.11 -7.42 48.68
C PHE D 218 16.88 -7.48 47.79
N ASN D 219 15.88 -8.23 48.23
CA ASN D 219 14.64 -8.35 47.47
C ASN D 219 13.79 -7.10 47.62
N LEU D 220 13.27 -6.59 46.51
CA LEU D 220 12.47 -5.38 46.48
C LEU D 220 11.01 -5.72 46.22
N GLU D 221 10.12 -5.19 47.05
CA GLU D 221 8.69 -5.37 46.85
C GLU D 221 8.09 -4.31 45.96
N GLY D 222 8.80 -3.21 45.73
CA GLY D 222 8.28 -2.10 44.95
C GLY D 222 8.47 -2.30 43.45
N PHE D 223 7.99 -1.32 42.70
CA PHE D 223 8.10 -1.32 41.26
C PHE D 223 9.54 -1.06 40.83
N TRP D 224 9.85 -1.47 39.60
CA TRP D 224 11.17 -1.23 39.01
C TRP D 224 11.08 -1.35 37.50
N MET D 225 11.57 -0.33 36.80
CA MET D 225 11.66 -0.38 35.35
C MET D 225 12.62 0.71 34.88
N ASP D 226 13.26 0.46 33.74
CA ASP D 226 14.25 1.38 33.19
C ASP D 226 13.55 2.42 32.32
N VAL D 227 13.69 3.69 32.68
CA VAL D 227 13.10 4.79 31.92
C VAL D 227 14.12 5.17 30.86
N GLY D 228 14.07 4.47 29.72
CA GLY D 228 14.98 4.72 28.64
C GLY D 228 14.29 5.07 27.34
N GLN D 229 12.97 4.93 27.31
CA GLN D 229 12.18 5.21 26.12
C GLN D 229 10.92 5.96 26.51
N PRO D 230 10.33 6.73 25.58
CA PRO D 230 9.08 7.43 25.91
C PRO D 230 7.96 6.50 26.35
N LYS D 231 7.86 5.31 25.76
CA LYS D 231 6.88 4.33 26.22
C LYS D 231 7.19 3.91 27.65
N ASP D 232 8.45 3.56 27.93
CA ASP D 232 8.83 3.26 29.29
C ASP D 232 8.69 4.47 30.20
N TYR D 233 8.86 5.67 29.65
CA TYR D 233 8.62 6.88 30.43
C TYR D 233 7.17 6.94 30.92
N ILE D 234 6.23 6.74 30.00
CA ILE D 234 4.82 6.79 30.36
C ILE D 234 4.48 5.68 31.35
N LEU D 235 4.99 4.47 31.10
CA LEU D 235 4.68 3.35 32.00
C LEU D 235 5.27 3.58 33.39
N GLY D 236 6.49 4.11 33.46
CA GLY D 236 7.07 4.43 34.74
C GLY D 236 6.29 5.50 35.47
N MET D 237 5.79 6.50 34.74
CA MET D 237 4.96 7.51 35.37
C MET D 237 3.68 6.91 35.93
N THR D 238 3.02 6.05 35.15
CA THR D 238 1.75 5.49 35.60
C THR D 238 1.95 4.49 36.74
N LYS D 239 3.14 3.93 36.89
CA LYS D 239 3.42 3.10 38.05
C LYS D 239 3.90 3.90 39.26
N PHE D 240 4.54 5.04 39.04
CA PHE D 240 5.18 5.79 40.11
C PHE D 240 4.24 6.79 40.77
N ILE D 241 3.26 7.34 40.03
CA ILE D 241 2.36 8.33 40.62
C ILE D 241 1.64 7.80 41.85
N PRO D 242 1.06 6.58 41.86
CA PRO D 242 0.38 6.12 43.08
C PRO D 242 1.30 5.97 44.28
N SER D 243 2.61 5.81 44.06
CA SER D 243 3.55 5.63 45.16
C SER D 243 3.91 6.94 45.85
N LEU D 244 3.38 8.07 45.39
CA LEU D 244 3.74 9.38 45.93
C LEU D 244 2.65 9.95 46.82
N VAL D 245 1.66 9.13 47.20
CA VAL D 245 0.52 9.64 47.97
C VAL D 245 0.96 10.20 49.32
N HIS D 246 1.96 9.57 49.94
CA HIS D 246 2.49 10.08 51.20
C HIS D 246 3.69 10.99 51.03
N GLY D 247 4.22 11.14 49.83
CA GLY D 247 5.41 11.92 49.60
C GLY D 247 5.21 13.42 49.51
N ASN D 248 4.44 13.85 48.51
CA ASN D 248 4.27 15.27 48.22
C ASN D 248 2.86 15.72 48.60
N ARG D 249 2.59 17.01 48.39
CA ARG D 249 1.28 17.57 48.70
C ARG D 249 0.20 17.01 47.78
N GLU D 250 0.50 16.85 46.50
CA GLU D 250 -0.47 16.35 45.53
C GLU D 250 -0.03 15.02 44.94
N THR D 256 -13.89 11.43 47.47
CA THR D 256 -13.60 12.54 46.57
C THR D 256 -12.12 12.58 46.20
N GLU D 257 -11.84 12.52 44.89
CA GLU D 257 -10.47 12.60 44.40
C GLU D 257 -9.95 14.01 44.66
N ALA D 258 -9.08 14.14 45.66
CA ALA D 258 -8.59 15.45 46.10
C ALA D 258 -7.08 15.58 45.92
N VAL D 259 -6.53 14.97 44.88
CA VAL D 259 -5.12 15.18 44.58
C VAL D 259 -4.87 16.63 44.16
N GLU D 260 -5.72 17.17 43.29
CA GLU D 260 -5.81 18.60 43.03
C GLU D 260 -7.13 18.83 42.33
N HIS D 261 -8.04 19.56 42.96
CA HIS D 261 -9.41 19.67 42.47
C HIS D 261 -9.80 21.08 42.04
N GLN D 262 -9.44 22.11 42.81
CA GLN D 262 -9.82 23.48 42.50
C GLN D 262 -8.56 24.34 42.49
N ARG D 263 -8.09 24.71 41.30
CA ARG D 263 -6.94 25.58 41.14
C ARG D 263 -7.32 26.91 40.50
N GLY D 264 -7.95 26.88 39.33
CA GLY D 264 -8.38 28.09 38.65
C GLY D 264 -9.86 28.07 38.36
N GLY D 265 -10.48 26.90 38.51
CA GLY D 265 -11.90 26.73 38.29
C GLY D 265 -12.33 25.38 38.82
N ARG D 266 -13.62 25.12 38.70
CA ARG D 266 -14.19 23.86 39.16
C ARG D 266 -14.01 22.81 38.09
N PHE D 267 -12.88 22.10 38.16
CA PHE D 267 -12.57 21.01 37.24
C PHE D 267 -12.53 19.70 38.00
N THR D 268 -12.56 18.61 37.24
CA THR D 268 -12.61 17.27 37.81
C THR D 268 -11.37 16.48 37.41
N VAL D 269 -10.82 15.75 38.37
CA VAL D 269 -9.68 14.86 38.14
C VAL D 269 -10.16 13.43 38.38
N ILE D 270 -10.01 12.58 37.37
CA ILE D 270 -10.48 11.21 37.48
C ILE D 270 -9.60 10.41 38.44
N GLY D 271 -8.28 10.52 38.29
CA GLY D 271 -7.36 9.80 39.14
C GLY D 271 -6.31 10.69 39.77
N ALA D 272 -5.31 10.09 40.41
CA ALA D 272 -4.24 10.87 41.01
C ALA D 272 -3.39 11.53 39.94
N SER D 273 -2.98 12.76 40.20
CA SER D 273 -2.17 13.51 39.25
C SER D 273 -1.38 14.57 39.99
N LEU D 274 -0.32 15.05 39.35
CA LEU D 274 0.57 16.05 39.91
C LEU D 274 0.32 17.38 39.19
N ILE D 275 -0.29 18.33 39.89
CA ILE D 275 -0.58 19.65 39.35
C ILE D 275 0.31 20.66 40.05
N ASP D 276 1.16 21.32 39.28
CA ASP D 276 2.06 22.32 39.84
C ASP D 276 1.23 23.49 40.36
N PRO D 277 1.46 23.96 41.59
CA PRO D 277 0.59 25.01 42.16
C PRO D 277 0.50 26.27 41.33
N SER D 278 1.57 26.67 40.65
CA SER D 278 1.53 27.90 39.88
C SER D 278 0.75 27.77 38.57
N ALA D 279 0.38 26.57 38.17
CA ALA D 279 -0.33 26.37 36.92
C ALA D 279 -1.78 26.86 37.02
N LYS D 280 -2.38 27.09 35.86
CA LYS D 280 -3.79 27.44 35.75
C LYS D 280 -4.49 26.39 34.93
N ILE D 281 -5.45 25.70 35.54
CA ILE D 281 -6.10 24.57 34.87
C ILE D 281 -7.23 25.02 33.95
N GLY D 282 -7.99 26.06 34.32
CA GLY D 282 -9.07 26.57 33.51
C GLY D 282 -10.39 26.54 34.27
N ASP D 283 -11.44 26.14 33.57
CA ASP D 283 -12.79 26.13 34.13
C ASP D 283 -13.47 24.78 34.09
N GLY D 284 -13.29 24.01 33.02
CA GLY D 284 -13.97 22.74 32.91
C GLY D 284 -13.08 21.62 32.38
N ALA D 285 -11.80 21.68 32.71
CA ALA D 285 -10.87 20.66 32.26
C ALA D 285 -11.13 19.34 32.99
N VAL D 286 -10.60 18.26 32.41
CA VAL D 286 -10.69 16.93 33.00
C VAL D 286 -9.28 16.34 32.98
N ILE D 287 -8.56 16.48 34.08
CA ILE D 287 -7.19 15.97 34.19
C ILE D 287 -7.27 14.47 34.43
N GLY D 288 -6.84 13.68 33.44
CA GLY D 288 -7.02 12.26 33.49
C GLY D 288 -6.12 11.61 34.52
N PRO D 289 -6.18 10.28 34.59
CA PRO D 289 -5.38 9.56 35.58
C PRO D 289 -3.90 9.63 35.26
N TYR D 290 -3.10 9.87 36.30
CA TYR D 290 -1.64 9.82 36.21
C TYR D 290 -1.11 10.80 35.17
N ALA D 291 -1.32 12.09 35.45
CA ALA D 291 -0.83 13.16 34.60
C ALA D 291 0.00 14.13 35.43
N SER D 292 0.97 14.77 34.79
CA SER D 292 1.83 15.74 35.44
C SER D 292 1.82 17.04 34.65
N ILE D 293 1.90 18.16 35.37
CA ILE D 293 1.86 19.49 34.77
C ILE D 293 2.93 20.34 35.43
N GLY D 294 3.68 21.08 34.61
CA GLY D 294 4.77 21.90 35.10
C GLY D 294 4.34 23.30 35.50
N ALA D 295 5.32 24.06 35.99
CA ALA D 295 5.05 25.39 36.49
C ALA D 295 4.65 26.35 35.38
N ASN D 296 3.77 27.29 35.71
CA ASN D 296 3.28 28.34 34.83
C ASN D 296 2.54 27.80 33.61
N CYS D 297 2.28 26.50 33.55
CA CYS D 297 1.52 25.94 32.46
C CYS D 297 0.08 26.45 32.51
N VAL D 298 -0.48 26.71 31.33
CA VAL D 298 -1.84 27.22 31.20
C VAL D 298 -2.64 26.20 30.41
N ILE D 299 -3.78 25.78 30.97
CA ILE D 299 -4.66 24.80 30.36
C ILE D 299 -5.99 25.47 30.08
N GLY D 300 -6.56 25.17 28.92
CA GLY D 300 -7.71 25.89 28.41
C GLY D 300 -8.97 25.66 29.23
N GLU D 301 -10.08 26.18 28.67
CA GLU D 301 -11.36 26.14 29.38
C GLU D 301 -11.84 24.70 29.58
N SER D 302 -11.69 23.86 28.55
CA SER D 302 -12.07 22.45 28.65
C SER D 302 -10.99 21.63 27.95
N CYS D 303 -10.36 20.72 28.67
CA CYS D 303 -9.27 19.94 28.12
C CYS D 303 -9.32 18.53 28.66
N ARG D 304 -8.50 17.66 28.07
CA ARG D 304 -8.38 16.27 28.49
C ARG D 304 -6.90 15.91 28.53
N ILE D 305 -6.32 15.92 29.72
CA ILE D 305 -4.92 15.54 29.92
C ILE D 305 -4.94 14.13 30.50
N ASP D 306 -4.87 13.13 29.62
CA ASP D 306 -5.04 11.73 29.99
C ASP D 306 -3.69 11.03 29.92
N ASN D 307 -3.13 10.70 31.09
CA ASN D 307 -1.89 9.95 31.19
C ASN D 307 -0.77 10.62 30.39
N ALA D 308 -0.66 11.93 30.52
CA ALA D 308 0.28 12.72 29.74
C ALA D 308 1.01 13.70 30.64
N ALA D 309 2.18 14.13 30.17
CA ALA D 309 3.03 15.05 30.92
C ALA D 309 3.16 16.36 30.17
N ILE D 310 2.96 17.47 30.87
CA ILE D 310 3.16 18.80 30.34
C ILE D 310 4.30 19.44 31.10
N LEU D 311 5.35 19.85 30.39
CA LEU D 311 6.59 20.29 31.00
C LEU D 311 6.74 21.80 30.87
N GLU D 312 6.96 22.47 31.99
CA GLU D 312 7.27 23.90 32.04
C GLU D 312 6.26 24.75 31.30
N ASN D 313 6.67 25.96 30.90
CA ASN D 313 5.74 26.97 30.39
C ASN D 313 5.12 26.48 29.08
N SER D 314 3.86 26.06 29.14
CA SER D 314 3.13 25.63 27.95
C SER D 314 1.74 26.23 27.97
N LYS D 315 1.22 26.54 26.80
CA LYS D 315 -0.15 27.02 26.65
C LYS D 315 -0.95 26.00 25.86
N VAL D 316 -2.18 25.74 26.31
CA VAL D 316 -3.04 24.73 25.71
C VAL D 316 -4.42 25.35 25.49
N GLY D 317 -4.95 25.18 24.28
CA GLY D 317 -6.21 25.79 23.90
C GLY D 317 -7.41 25.10 24.52
N LYS D 318 -8.54 25.19 23.83
CA LYS D 318 -9.81 24.68 24.33
C LYS D 318 -10.19 23.40 23.60
N GLY D 319 -10.52 22.36 24.35
CA GLY D 319 -11.06 21.15 23.77
C GLY D 319 -10.05 20.14 23.27
N THR D 320 -8.76 20.39 23.42
CA THR D 320 -7.78 19.44 22.92
C THR D 320 -7.70 18.24 23.86
N MET D 321 -7.07 17.17 23.35
CA MET D 321 -6.90 15.93 24.09
C MET D 321 -5.45 15.51 23.98
N VAL D 322 -4.77 15.38 25.11
CA VAL D 322 -3.38 14.93 25.16
C VAL D 322 -3.38 13.59 25.88
N SER D 323 -3.29 12.50 25.12
CA SER D 323 -3.42 11.15 25.65
C SER D 323 -2.11 10.40 25.46
N ARG D 324 -1.54 9.94 26.58
CA ARG D 324 -0.33 9.10 26.56
C ARG D 324 0.80 9.73 25.77
N SER D 325 1.00 11.04 25.94
CA SER D 325 2.00 11.77 25.19
C SER D 325 2.73 12.73 26.11
N ILE D 326 3.75 13.38 25.54
CA ILE D 326 4.57 14.35 26.23
C ILE D 326 4.63 15.61 25.36
N VAL D 327 4.88 16.75 25.98
CA VAL D 327 5.04 18.00 25.25
C VAL D 327 6.32 18.69 25.73
N GLY D 328 6.81 19.63 24.92
CA GLY D 328 8.10 20.23 25.15
C GLY D 328 8.12 21.18 26.33
N TRP D 329 9.14 22.04 26.32
CA TRP D 329 9.33 22.97 27.45
C TRP D 329 8.52 24.23 27.25
N ASN D 330 8.78 24.97 26.17
CA ASN D 330 8.05 26.18 25.84
C ASN D 330 7.00 25.93 24.76
N ASN D 331 6.46 24.71 24.72
CA ASN D 331 5.50 24.32 23.70
C ASN D 331 4.26 25.20 23.74
N ARG D 332 3.74 25.55 22.57
CA ARG D 332 2.49 26.30 22.43
C ARG D 332 1.55 25.48 21.58
N ILE D 333 0.52 24.91 22.21
CA ILE D 333 -0.38 23.96 21.59
C ILE D 333 -1.63 24.68 21.11
N GLY D 334 -2.16 24.25 19.96
CA GLY D 334 -3.36 24.83 19.40
C GLY D 334 -4.60 24.62 20.23
N SER D 335 -5.75 25.05 19.71
CA SER D 335 -6.97 25.00 20.50
C SER D 335 -7.64 23.63 20.44
N TRP D 336 -8.11 23.23 19.26
CA TRP D 336 -8.95 22.05 19.11
C TRP D 336 -8.18 20.85 18.54
N CYS D 337 -6.89 20.74 18.83
CA CYS D 337 -6.08 19.67 18.28
C CYS D 337 -6.42 18.35 18.97
N HIS D 338 -5.68 17.30 18.60
CA HIS D 338 -5.91 15.96 19.14
C HIS D 338 -4.58 15.22 19.09
N ILE D 339 -3.88 15.17 20.22
CA ILE D 339 -2.57 14.54 20.32
C ILE D 339 -2.71 13.29 21.17
N LYS D 340 -2.47 12.12 20.58
CA LYS D 340 -2.62 10.87 21.30
C LYS D 340 -1.48 9.94 20.94
N ASP D 341 -1.52 8.73 21.51
CA ASP D 341 -0.48 7.72 21.37
C ASP D 341 0.86 8.24 21.85
N ILE D 342 1.92 7.44 21.69
CA ILE D 342 3.24 7.83 22.18
C ILE D 342 3.87 8.79 21.19
N SER D 343 3.64 10.08 21.39
CA SER D 343 4.22 11.13 20.56
C SER D 343 4.88 12.13 21.48
N VAL D 344 6.13 12.48 21.18
CA VAL D 344 6.90 13.43 21.96
C VAL D 344 7.12 14.68 21.14
N LEU D 345 6.80 15.83 21.72
CA LEU D 345 6.98 17.11 21.05
C LEU D 345 8.20 17.81 21.64
N GLY D 346 9.11 18.24 20.78
CA GLY D 346 10.33 18.88 21.21
C GLY D 346 10.10 20.24 21.82
N ASP D 347 11.19 20.97 22.00
CA ASP D 347 11.13 22.28 22.62
C ASP D 347 10.62 23.33 21.63
N ASP D 348 9.78 24.23 22.14
CA ASP D 348 9.31 25.39 21.40
C ASP D 348 8.68 25.03 20.05
N VAL D 349 7.87 23.97 20.05
CA VAL D 349 7.08 23.59 18.89
C VAL D 349 5.74 24.30 18.99
N GLU D 350 5.06 24.44 17.86
CA GLU D 350 3.73 25.04 17.81
C GLU D 350 2.89 24.29 16.81
N VAL D 351 1.63 24.03 17.18
CA VAL D 351 0.68 23.32 16.33
C VAL D 351 -0.54 24.19 16.13
N LYS D 352 -1.03 24.24 14.90
CA LYS D 352 -2.20 25.03 14.58
C LYS D 352 -3.46 24.37 15.14
N ASP D 353 -4.60 25.01 14.89
CA ASP D 353 -5.86 24.48 15.38
C ASP D 353 -6.31 23.29 14.56
N GLY D 354 -6.90 22.31 15.24
CA GLY D 354 -7.46 21.15 14.56
C GLY D 354 -6.45 20.25 13.87
N VAL D 355 -5.34 19.94 14.53
CA VAL D 355 -4.36 19.00 14.01
C VAL D 355 -4.43 17.72 14.83
N ILE D 356 -4.10 16.60 14.20
CA ILE D 356 -4.19 15.29 14.81
C ILE D 356 -2.84 14.60 14.67
N LEU D 357 -2.00 14.71 15.69
CA LEU D 357 -0.71 14.05 15.73
C LEU D 357 -0.86 12.73 16.49
N ILE D 358 -0.67 11.62 15.80
CA ILE D 358 -0.85 10.29 16.38
C ILE D 358 0.51 9.61 16.34
N GLY D 359 1.23 9.66 17.45
CA GLY D 359 2.50 8.96 17.57
C GLY D 359 3.60 9.48 16.66
N THR D 360 3.72 10.80 16.54
CA THR D 360 4.76 11.41 15.72
C THR D 360 5.62 12.30 16.59
N LYS D 361 6.94 12.14 16.49
CA LYS D 361 7.91 12.91 17.25
C LYS D 361 8.39 14.07 16.39
N VAL D 362 8.23 15.30 16.89
CA VAL D 362 8.63 16.49 16.16
C VAL D 362 9.92 17.03 16.76
N LEU D 363 10.76 17.62 15.90
CA LEU D 363 12.04 18.17 16.31
C LEU D 363 11.84 19.58 16.87
N PRO D 364 12.81 20.08 17.64
CA PRO D 364 12.63 21.40 18.28
C PRO D 364 12.47 22.52 17.27
N ASN D 365 11.74 23.55 17.68
CA ASN D 365 11.55 24.80 16.94
C ASN D 365 10.77 24.60 15.65
N LYS D 366 10.33 23.38 15.38
CA LYS D 366 9.55 23.12 14.19
C LYS D 366 8.14 23.71 14.34
N ASP D 367 7.38 23.66 13.24
CA ASP D 367 5.99 24.08 13.22
C ASP D 367 5.18 23.02 12.49
N VAL D 368 4.01 22.69 13.04
CA VAL D 368 3.16 21.64 12.51
C VAL D 368 1.81 22.25 12.16
N GLY D 369 1.30 21.92 10.97
CA GLY D 369 0.01 22.41 10.56
C GLY D 369 -0.79 21.41 9.76
N GLU D 370 -0.32 20.17 9.68
CA GLU D 370 -0.95 19.14 8.87
C GLU D 370 -1.12 17.86 9.69
N HIS D 371 -2.15 17.10 9.36
CA HIS D 371 -2.46 15.86 10.06
C HIS D 371 -1.37 14.82 9.82
N ARG D 372 -1.23 13.92 10.80
CA ARG D 372 -0.33 12.77 10.69
C ARG D 372 -1.02 11.59 11.37
N PHE D 373 -1.57 10.68 10.57
CA PHE D 373 -2.30 9.55 11.12
C PHE D 373 -1.42 8.32 11.32
N GLU D 374 -0.14 8.37 10.97
CA GLU D 374 0.77 7.25 11.07
C GLU D 374 2.01 7.65 11.85
N PRO D 375 2.64 6.69 12.54
CA PRO D 375 3.89 7.01 13.24
C PRO D 375 4.96 7.50 12.29
N GLY D 376 5.75 8.45 12.75
CA GLY D 376 6.78 9.05 11.92
C GLY D 376 7.48 10.18 12.63
N ILE D 377 8.31 10.89 11.88
CA ILE D 377 9.13 11.98 12.42
C ILE D 377 8.94 13.21 11.54
N ILE D 378 8.81 14.37 12.18
CA ILE D 378 8.71 15.65 11.47
C ILE D 378 10.01 16.41 11.69
N MET D 379 10.68 16.77 10.61
CA MET D 379 11.85 17.64 10.68
C MET D 379 11.48 19.09 10.39
N GLN E 7 -57.28 -22.72 25.94
CA GLN E 7 -56.89 -23.95 26.63
C GLN E 7 -55.76 -24.66 25.89
N GLY E 8 -55.59 -24.32 24.61
CA GLY E 8 -54.57 -24.94 23.81
C GLY E 8 -53.18 -24.50 24.19
N MET E 9 -52.19 -25.31 23.78
CA MET E 9 -50.81 -25.02 24.09
C MET E 9 -50.32 -23.80 23.33
N ARG E 10 -49.54 -22.96 24.01
CA ARG E 10 -49.05 -21.71 23.45
C ARG E 10 -47.53 -21.67 23.56
N ALA E 11 -46.93 -20.66 22.93
CA ALA E 11 -45.49 -20.54 22.94
C ALA E 11 -45.11 -19.08 22.76
N VAL E 12 -43.85 -18.78 23.11
CA VAL E 12 -43.30 -17.44 23.02
C VAL E 12 -42.01 -17.51 22.21
N ILE E 13 -41.86 -16.60 21.25
CA ILE E 13 -40.66 -16.51 20.42
C ILE E 13 -40.01 -15.16 20.68
N LEU E 14 -38.73 -15.17 21.06
CA LEU E 14 -37.97 -13.94 21.29
C LEU E 14 -37.27 -13.55 20.00
N VAL E 15 -37.78 -12.52 19.34
CA VAL E 15 -37.18 -12.01 18.10
C VAL E 15 -36.69 -10.57 18.26
N GLY E 16 -36.93 -9.94 19.40
CA GLY E 16 -36.54 -8.56 19.63
C GLY E 16 -35.11 -8.23 19.30
N GLY E 17 -34.93 -7.38 18.30
CA GLY E 17 -33.60 -7.01 17.85
C GLY E 17 -33.69 -6.04 16.70
N PHE E 18 -32.52 -5.66 16.18
CA PHE E 18 -32.44 -4.69 15.10
C PHE E 18 -32.07 -5.31 13.76
N GLY E 19 -31.47 -6.50 13.76
CA GLY E 19 -30.98 -7.07 12.52
C GLY E 19 -29.77 -6.37 11.95
N THR E 20 -29.01 -5.67 12.80
CA THR E 20 -27.89 -4.86 12.32
C THR E 20 -26.82 -5.71 11.66
N ARG E 21 -26.54 -6.89 12.22
CA ARG E 21 -25.46 -7.72 11.69
C ARG E 21 -25.74 -8.17 10.26
N LEU E 22 -26.97 -8.58 9.98
CA LEU E 22 -27.35 -9.02 8.63
C LEU E 22 -27.93 -7.87 7.83
N ARG E 23 -27.18 -6.76 7.79
CA ARG E 23 -27.74 -5.50 7.27
C ARG E 23 -28.07 -5.53 5.78
N PRO E 24 -27.18 -5.94 4.88
CA PRO E 24 -27.36 -5.56 3.46
C PRO E 24 -28.66 -6.04 2.83
N LEU E 25 -29.33 -7.05 3.41
CA LEU E 25 -30.60 -7.51 2.87
C LEU E 25 -31.72 -7.47 3.90
N THR E 26 -31.52 -6.83 5.04
CA THR E 26 -32.58 -6.66 6.03
C THR E 26 -33.21 -5.28 6.00
N LEU E 27 -32.74 -4.39 5.12
CA LEU E 27 -33.38 -3.08 5.01
C LEU E 27 -34.75 -3.19 4.37
N THR E 28 -34.89 -4.06 3.36
CA THR E 28 -36.17 -4.21 2.68
C THR E 28 -37.19 -4.90 3.59
N THR E 29 -36.80 -6.01 4.21
CA THR E 29 -37.70 -6.79 5.05
C THR E 29 -37.06 -7.02 6.41
N PRO E 30 -37.87 -7.16 7.47
CA PRO E 30 -37.32 -7.32 8.81
C PRO E 30 -36.52 -8.60 8.94
N LYS E 31 -35.63 -8.60 9.93
CA LYS E 31 -34.75 -9.75 10.15
C LYS E 31 -35.47 -11.07 10.33
N PRO E 32 -36.58 -11.17 11.09
CA PRO E 32 -37.25 -12.47 11.21
C PRO E 32 -37.69 -13.06 9.88
N LEU E 33 -38.17 -12.23 8.94
CA LEU E 33 -38.76 -12.73 7.70
C LEU E 33 -37.83 -12.59 6.51
N VAL E 34 -36.53 -12.72 6.71
CA VAL E 34 -35.61 -12.90 5.57
C VAL E 34 -35.57 -14.38 5.22
N PRO E 35 -35.82 -14.75 3.96
CA PRO E 35 -35.97 -16.17 3.63
C PRO E 35 -34.70 -16.96 3.89
N PHE E 36 -34.88 -18.18 4.37
CA PHE E 36 -33.81 -19.16 4.52
C PHE E 36 -34.21 -20.39 3.72
N CYS E 37 -33.31 -20.84 2.84
CA CYS E 37 -33.62 -21.89 1.89
C CYS E 37 -34.83 -21.50 1.03
N ASN E 38 -36.02 -21.95 1.40
CA ASN E 38 -37.22 -21.63 0.65
C ASN E 38 -38.33 -21.02 1.50
N LYS E 39 -38.09 -20.77 2.78
CA LYS E 39 -39.11 -20.26 3.69
C LYS E 39 -38.55 -19.13 4.52
N PRO E 40 -39.41 -18.25 5.04
CA PRO E 40 -38.94 -17.25 6.00
C PRO E 40 -38.35 -17.89 7.24
N MET E 41 -37.41 -17.18 7.87
CA MET E 41 -36.59 -17.77 8.92
C MET E 41 -37.43 -18.23 10.11
N ILE E 42 -38.62 -17.67 10.29
CA ILE E 42 -39.45 -18.06 11.43
C ILE E 42 -40.42 -19.19 11.06
N ILE E 43 -40.80 -19.29 9.79
CA ILE E 43 -41.79 -20.28 9.37
C ILE E 43 -41.33 -21.70 9.72
N HIS E 44 -40.03 -21.94 9.70
CA HIS E 44 -39.52 -23.24 10.17
C HIS E 44 -39.92 -23.48 11.61
N GLN E 45 -39.80 -22.48 12.47
CA GLN E 45 -40.11 -22.65 13.88
C GLN E 45 -41.62 -22.78 14.10
N ILE E 46 -42.42 -22.01 13.37
CA ILE E 46 -43.87 -22.23 13.46
C ILE E 46 -44.24 -23.64 13.01
N GLU E 47 -43.60 -24.15 11.95
CA GLU E 47 -43.91 -25.49 11.48
C GLU E 47 -43.52 -26.54 12.52
N ALA E 48 -42.36 -26.38 13.16
CA ALA E 48 -41.97 -27.31 14.20
C ALA E 48 -42.92 -27.25 15.39
N LEU E 49 -43.31 -26.04 15.80
CA LEU E 49 -44.24 -25.91 16.91
C LEU E 49 -45.61 -26.49 16.57
N LYS E 50 -46.02 -26.40 15.30
CA LYS E 50 -47.23 -27.09 14.86
C LYS E 50 -47.05 -28.60 14.95
N ALA E 51 -45.86 -29.09 14.59
CA ALA E 51 -45.57 -30.51 14.76
C ALA E 51 -45.73 -30.93 16.22
N VAL E 52 -45.39 -30.03 17.15
CA VAL E 52 -45.77 -30.26 18.55
C VAL E 52 -47.29 -30.27 18.69
N GLY E 53 -47.96 -29.29 18.11
CA GLY E 53 -49.40 -29.18 18.23
C GLY E 53 -49.83 -27.93 18.97
N VAL E 54 -49.02 -26.88 18.91
CA VAL E 54 -49.33 -25.62 19.57
C VAL E 54 -50.46 -24.92 18.83
N THR E 55 -51.03 -23.89 19.44
CA THR E 55 -52.12 -23.13 18.85
C THR E 55 -51.69 -21.76 18.34
N GLU E 56 -51.05 -20.96 19.19
CA GLU E 56 -50.67 -19.60 18.82
C GLU E 56 -49.29 -19.28 19.37
N VAL E 57 -48.64 -18.30 18.74
CA VAL E 57 -47.26 -17.94 19.03
C VAL E 57 -47.23 -16.50 19.50
N ILE E 58 -46.45 -16.25 20.55
CA ILE E 58 -46.29 -14.91 21.12
C ILE E 58 -44.97 -14.33 20.61
N LEU E 59 -45.05 -13.39 19.67
CA LEU E 59 -43.86 -12.78 19.08
C LEU E 59 -43.45 -11.57 19.90
N ALA E 60 -42.17 -11.50 20.26
CA ALA E 60 -41.63 -10.45 21.11
C ALA E 60 -40.68 -9.58 20.28
N VAL E 61 -41.19 -8.46 19.80
CA VAL E 61 -40.41 -7.51 19.02
C VAL E 61 -39.98 -6.35 19.92
N ALA E 62 -38.68 -6.04 19.91
CA ALA E 62 -38.17 -4.95 20.73
C ALA E 62 -38.56 -3.60 20.16
N TYR E 63 -38.45 -3.44 18.84
CA TYR E 63 -38.72 -2.17 18.19
C TYR E 63 -39.59 -2.39 16.97
N ARG E 64 -40.24 -1.31 16.53
CA ARG E 64 -41.14 -1.25 15.38
C ARG E 64 -42.08 -2.45 15.32
N PRO E 65 -42.98 -2.60 16.28
CA PRO E 65 -43.92 -3.74 16.22
C PRO E 65 -44.76 -3.76 14.97
N GLU E 66 -45.20 -2.59 14.50
CA GLU E 66 -45.97 -2.49 13.25
C GLU E 66 -45.00 -2.06 12.14
N ALA E 67 -44.10 -2.98 11.79
CA ALA E 67 -43.12 -2.78 10.73
C ALA E 67 -43.58 -3.42 9.43
N MET E 68 -44.89 -3.36 9.16
CA MET E 68 -45.56 -4.01 8.04
C MET E 68 -45.57 -5.52 8.17
N LYS E 69 -45.10 -6.06 9.30
CA LYS E 69 -45.06 -7.51 9.47
C LYS E 69 -46.45 -8.11 9.62
N GLU E 70 -47.39 -7.37 10.22
CA GLU E 70 -48.71 -7.92 10.50
C GLU E 70 -49.42 -8.33 9.21
N GLN E 71 -49.52 -7.40 8.26
CA GLN E 71 -50.19 -7.73 6.99
C GLN E 71 -49.30 -8.56 6.08
N MET E 72 -47.98 -8.47 6.23
CA MET E 72 -47.10 -9.32 5.46
C MET E 72 -47.17 -10.78 5.91
N ASP E 73 -47.62 -11.03 7.14
CA ASP E 73 -47.74 -12.40 7.63
C ASP E 73 -48.95 -13.07 7.00
N GLU E 74 -48.85 -13.38 5.70
CA GLU E 74 -49.88 -14.16 5.04
C GLU E 74 -49.97 -15.57 5.60
N TRP E 75 -48.87 -16.09 6.15
CA TRP E 75 -48.85 -17.41 6.74
C TRP E 75 -49.77 -17.54 7.95
N SER E 76 -50.20 -16.42 8.53
CA SER E 76 -51.04 -16.49 9.72
C SER E 76 -52.40 -17.11 9.41
N ARG E 77 -53.03 -16.68 8.31
CA ARG E 77 -54.33 -17.25 7.96
C ARG E 77 -54.23 -18.74 7.64
N LYS E 78 -53.18 -19.15 6.94
CA LYS E 78 -52.97 -20.58 6.76
C LYS E 78 -52.34 -21.17 8.02
N LEU E 79 -52.20 -22.50 8.03
CA LEU E 79 -51.56 -23.25 9.10
C LEU E 79 -52.38 -23.23 10.39
N GLY E 80 -53.46 -22.45 10.41
CA GLY E 80 -54.30 -22.37 11.61
C GLY E 80 -53.57 -21.88 12.84
N VAL E 81 -52.63 -20.96 12.67
CA VAL E 81 -51.87 -20.39 13.78
C VAL E 81 -52.05 -18.87 13.73
N SER E 82 -52.43 -18.29 14.86
CA SER E 82 -52.72 -16.86 14.94
C SER E 82 -51.65 -16.17 15.78
N PHE E 83 -51.03 -15.14 15.21
CA PHE E 83 -50.06 -14.32 15.91
C PHE E 83 -50.77 -13.09 16.46
N VAL E 84 -50.44 -12.72 17.70
CA VAL E 84 -51.17 -11.66 18.38
C VAL E 84 -50.34 -10.37 18.36
N PHE E 85 -49.02 -10.50 18.30
CA PHE E 85 -48.11 -9.34 18.32
C PHE E 85 -48.36 -8.48 19.55
N SER E 86 -48.60 -9.13 20.68
CA SER E 86 -48.97 -8.44 21.91
C SER E 86 -47.79 -7.89 22.68
N VAL E 87 -46.56 -8.11 22.22
CA VAL E 87 -45.36 -7.73 22.95
C VAL E 87 -44.83 -6.43 22.34
N GLU E 88 -45.13 -5.31 23.00
CA GLU E 88 -44.48 -4.04 22.73
C GLU E 88 -43.66 -3.67 23.97
N GLU E 89 -42.37 -3.43 23.76
CA GLU E 89 -41.42 -3.38 24.86
C GLU E 89 -40.93 -1.96 25.08
N GLU E 90 -41.18 -1.44 26.29
CA GLU E 90 -40.47 -0.27 26.78
C GLU E 90 -39.07 -0.70 27.23
N PRO E 91 -38.13 0.25 27.31
CA PRO E 91 -36.76 -0.14 27.70
C PRO E 91 -36.69 -0.74 29.10
N LEU E 92 -36.48 -2.04 29.17
CA LEU E 92 -36.35 -2.78 30.43
C LEU E 92 -35.23 -3.80 30.25
N GLY E 93 -35.16 -4.77 31.16
CA GLY E 93 -34.15 -5.81 31.08
C GLY E 93 -34.48 -6.84 30.02
N THR E 94 -33.58 -7.81 29.90
CA THR E 94 -33.70 -8.87 28.88
C THR E 94 -34.59 -10.00 29.38
N ALA E 95 -35.84 -9.65 29.67
CA ALA E 95 -36.84 -10.61 30.12
C ALA E 95 -38.15 -10.29 29.38
N GLY E 96 -38.33 -10.92 28.22
CA GLY E 96 -39.53 -10.75 27.44
C GLY E 96 -40.78 -11.25 28.14
N PRO E 97 -40.83 -12.54 28.45
CA PRO E 97 -42.02 -13.09 29.13
C PRO E 97 -42.31 -12.44 30.48
N LEU E 98 -41.27 -12.07 31.23
CA LEU E 98 -41.48 -11.46 32.53
C LEU E 98 -42.11 -10.08 32.40
N ALA E 99 -41.76 -9.32 31.36
CA ALA E 99 -42.24 -7.95 31.23
C ALA E 99 -43.67 -7.91 30.70
N LEU E 100 -43.88 -8.42 29.48
CA LEU E 100 -45.16 -8.32 28.80
C LEU E 100 -45.95 -9.61 28.79
N ALA E 101 -45.32 -10.73 28.41
CA ALA E 101 -46.04 -11.99 28.26
C ALA E 101 -46.51 -12.57 29.58
N ARG E 102 -46.06 -12.04 30.72
CA ARG E 102 -46.56 -12.54 32.00
C ARG E 102 -48.06 -12.28 32.14
N ASP E 103 -48.51 -11.10 31.71
CA ASP E 103 -49.93 -10.76 31.83
C ASP E 103 -50.79 -11.66 30.97
N ILE E 104 -50.34 -11.98 29.77
CA ILE E 104 -51.12 -12.79 28.83
C ILE E 104 -50.73 -14.26 29.00
N LEU E 105 -51.64 -15.04 29.58
CA LEU E 105 -51.44 -16.48 29.70
C LEU E 105 -52.68 -17.21 29.18
N MET E 106 -53.85 -16.59 29.36
CA MET E 106 -55.12 -17.12 28.86
C MET E 106 -55.35 -18.58 29.30
N GLN E 107 -55.07 -18.85 30.57
CA GLN E 107 -55.38 -20.14 31.20
C GLN E 107 -54.68 -21.30 30.46
N ASP E 108 -53.35 -21.26 30.50
CA ASP E 108 -52.56 -22.35 29.94
C ASP E 108 -52.67 -23.58 30.84
N ASP E 109 -52.41 -24.74 30.24
CA ASP E 109 -52.42 -26.01 30.97
C ASP E 109 -51.18 -26.85 30.77
N LYS E 110 -50.33 -26.54 29.80
CA LYS E 110 -49.12 -27.27 29.49
C LYS E 110 -47.95 -26.31 29.42
N PRO E 111 -46.72 -26.79 29.63
CA PRO E 111 -45.56 -25.91 29.53
C PRO E 111 -45.44 -25.29 28.14
N PHE E 112 -45.00 -24.04 28.11
CA PHE E 112 -44.92 -23.26 26.87
C PHE E 112 -43.46 -23.17 26.43
N PHE E 113 -43.23 -23.35 25.14
CA PHE E 113 -41.89 -23.28 24.59
C PHE E 113 -41.39 -21.83 24.54
N VAL E 114 -40.07 -21.69 24.59
CA VAL E 114 -39.41 -20.40 24.41
C VAL E 114 -38.26 -20.63 23.44
N LEU E 115 -38.23 -19.84 22.37
CA LEU E 115 -37.24 -20.01 21.31
C LEU E 115 -36.63 -18.68 20.92
N ASN E 116 -35.44 -18.74 20.35
CA ASN E 116 -34.81 -17.58 19.74
C ASN E 116 -35.35 -17.41 18.32
N SER E 117 -34.74 -16.52 17.55
CA SER E 117 -35.08 -16.38 16.14
C SER E 117 -33.96 -16.81 15.21
N ASP E 118 -32.77 -17.09 15.73
CA ASP E 118 -31.61 -17.48 14.93
C ASP E 118 -31.11 -18.86 15.31
N VAL E 119 -32.02 -19.82 15.51
CA VAL E 119 -31.65 -21.20 15.82
C VAL E 119 -32.15 -22.09 14.69
N THR E 120 -31.28 -22.95 14.19
CA THR E 120 -31.62 -23.89 13.12
C THR E 120 -31.14 -25.27 13.53
N CYS E 121 -32.07 -26.18 13.76
CA CYS E 121 -31.74 -27.53 14.21
C CYS E 121 -32.71 -28.51 13.57
N THR E 122 -32.52 -29.79 13.88
CA THR E 122 -33.53 -30.78 13.53
C THR E 122 -34.82 -30.58 14.31
N PHE E 123 -34.80 -29.76 15.36
CA PHE E 123 -35.95 -29.41 16.17
C PHE E 123 -36.68 -30.65 16.69
N PRO E 124 -36.12 -31.37 17.66
CA PRO E 124 -36.86 -32.48 18.27
C PRO E 124 -38.09 -31.97 18.99
N MET E 125 -39.27 -32.30 18.45
CA MET E 125 -40.52 -31.77 18.94
C MET E 125 -41.27 -32.75 19.84
N GLN E 126 -40.53 -33.67 20.49
CA GLN E 126 -41.08 -34.53 21.52
C GLN E 126 -40.83 -34.00 22.93
N GLU E 127 -40.31 -32.77 23.04
CA GLU E 127 -39.94 -32.23 24.34
C GLU E 127 -41.14 -32.09 25.27
N LEU E 128 -42.33 -31.87 24.71
CA LEU E 128 -43.53 -31.84 25.54
C LEU E 128 -43.76 -33.19 26.22
N LEU E 129 -43.53 -34.28 25.47
CA LEU E 129 -43.67 -35.62 26.04
C LEU E 129 -42.39 -36.05 26.73
N ASP E 130 -41.24 -35.67 26.20
CA ASP E 130 -39.96 -36.03 26.82
C ASP E 130 -39.77 -35.25 28.12
N PHE E 131 -38.92 -35.80 28.99
CA PHE E 131 -38.62 -35.20 30.29
C PHE E 131 -39.88 -35.00 31.13
N HIS E 132 -40.87 -35.88 30.94
CA HIS E 132 -42.11 -35.82 31.70
C HIS E 132 -42.11 -36.74 32.92
N LYS E 133 -40.99 -37.40 33.20
CA LYS E 133 -40.90 -38.36 34.31
C LYS E 133 -40.79 -37.59 35.63
N ALA E 134 -41.92 -37.02 36.03
CA ALA E 134 -42.04 -36.28 37.30
C ALA E 134 -41.00 -35.16 37.39
N HIS E 135 -41.07 -34.25 36.44
CA HIS E 135 -40.15 -33.12 36.35
C HIS E 135 -40.88 -31.81 36.62
N GLY E 136 -40.23 -30.92 37.36
CA GLY E 136 -40.73 -29.59 37.58
C GLY E 136 -40.00 -28.61 36.69
N GLY E 137 -40.72 -28.06 35.72
CA GLY E 137 -40.07 -27.28 34.68
C GLY E 137 -39.35 -28.18 33.71
N GLU E 138 -40.09 -29.02 33.01
CA GLU E 138 -39.50 -30.00 32.11
C GLU E 138 -38.72 -29.32 31.00
N GLY E 139 -37.62 -29.94 30.59
CA GLY E 139 -36.82 -29.44 29.48
C GLY E 139 -36.37 -28.01 29.66
N THR E 140 -35.90 -27.68 30.86
CA THR E 140 -35.65 -26.28 31.21
C THR E 140 -34.63 -25.65 30.27
N ILE E 141 -33.63 -26.42 29.83
CA ILE E 141 -32.62 -25.93 28.91
C ILE E 141 -32.30 -27.04 27.91
N MET E 142 -31.76 -26.64 26.77
CA MET E 142 -31.36 -27.56 25.71
C MET E 142 -29.90 -27.31 25.37
N VAL E 143 -29.14 -28.40 25.18
CA VAL E 143 -27.70 -28.31 25.00
C VAL E 143 -27.27 -29.10 23.77
N SER E 144 -26.13 -28.71 23.23
CA SER E 144 -25.53 -29.37 22.08
C SER E 144 -24.01 -29.39 22.24
N GLN E 145 -23.38 -30.31 21.53
CA GLN E 145 -21.93 -30.49 21.61
C GLN E 145 -21.22 -29.42 20.79
N VAL E 146 -20.12 -28.91 21.32
CA VAL E 146 -19.28 -27.95 20.62
C VAL E 146 -17.81 -28.35 20.81
N THR E 147 -17.04 -28.28 19.73
CA THR E 147 -15.63 -28.66 19.81
C THR E 147 -14.85 -27.66 20.67
N GLN E 148 -15.08 -26.36 20.47
CA GLN E 148 -14.37 -25.32 21.22
C GLN E 148 -15.08 -25.12 22.55
N TRP E 149 -14.63 -25.86 23.57
CA TRP E 149 -15.27 -25.80 24.88
C TRP E 149 -15.06 -24.44 25.54
N GLU E 150 -13.88 -23.84 25.37
CA GLU E 150 -13.54 -22.61 26.05
C GLU E 150 -13.71 -21.36 25.19
N LYS E 151 -13.66 -21.49 23.87
CA LYS E 151 -13.79 -20.32 23.00
C LYS E 151 -15.15 -19.66 23.14
N TYR E 152 -16.22 -20.44 23.00
CA TYR E 152 -17.56 -19.88 23.11
C TYR E 152 -17.89 -19.52 24.56
N GLY E 153 -17.42 -20.32 25.51
CA GLY E 153 -17.72 -20.07 26.90
C GLY E 153 -19.15 -20.42 27.25
N VAL E 154 -19.53 -20.03 28.47
CA VAL E 154 -20.87 -20.29 29.02
C VAL E 154 -21.15 -21.78 28.93
N VAL E 155 -20.42 -22.57 29.69
CA VAL E 155 -20.53 -24.02 29.64
C VAL E 155 -21.59 -24.48 30.63
N VAL E 156 -22.60 -25.19 30.14
CA VAL E 156 -23.64 -25.77 30.97
C VAL E 156 -23.21 -27.21 31.27
N TYR E 157 -22.73 -27.44 32.49
CA TYR E 157 -22.18 -28.74 32.86
C TYR E 157 -23.33 -29.73 33.09
N SER E 158 -23.30 -30.84 32.37
CA SER E 158 -24.32 -31.88 32.49
C SER E 158 -23.71 -33.14 33.07
N PRO E 159 -23.92 -33.44 34.35
CA PRO E 159 -23.42 -34.70 34.91
C PRO E 159 -24.23 -35.89 34.45
N GLN E 160 -23.95 -37.07 35.01
CA GLN E 160 -24.66 -38.28 34.61
C GLN E 160 -26.16 -38.12 34.82
N ASN E 161 -26.57 -37.58 35.96
CA ASN E 161 -27.98 -37.28 36.17
C ASN E 161 -28.41 -36.12 35.29
N TYR E 162 -29.62 -36.23 34.73
CA TYR E 162 -30.17 -35.18 33.87
C TYR E 162 -30.61 -33.98 34.70
N GLN E 163 -29.62 -33.29 35.27
CA GLN E 163 -29.85 -32.14 36.12
C GLN E 163 -28.62 -31.25 36.08
N ILE E 164 -28.83 -29.94 36.10
CA ILE E 164 -27.75 -28.96 36.07
C ILE E 164 -27.80 -28.16 37.37
N GLU E 165 -26.62 -27.91 37.95
CA GLU E 165 -26.53 -27.19 39.21
C GLU E 165 -25.58 -25.99 39.17
N ARG E 166 -24.74 -25.86 38.15
CA ARG E 166 -23.76 -24.79 38.13
C ARG E 166 -23.60 -24.26 36.72
N PHE E 167 -23.54 -22.93 36.60
CA PHE E 167 -23.24 -22.25 35.35
C PHE E 167 -21.90 -21.54 35.49
N VAL E 168 -20.94 -21.91 34.65
CA VAL E 168 -19.58 -21.37 34.71
C VAL E 168 -19.27 -20.71 33.37
N GLU E 169 -18.75 -19.49 33.42
CA GLU E 169 -18.39 -18.73 32.23
C GLU E 169 -16.88 -18.81 32.04
N LYS E 170 -16.46 -19.24 30.85
CA LYS E 170 -15.07 -19.47 30.49
C LYS E 170 -14.39 -20.36 31.54
N PRO E 171 -14.84 -21.61 31.70
CA PRO E 171 -14.26 -22.47 32.74
C PRO E 171 -12.89 -22.99 32.33
N SER E 172 -12.00 -23.08 33.32
CA SER E 172 -10.70 -23.70 33.09
C SER E 172 -10.81 -25.22 33.02
N ARG E 173 -11.71 -25.80 33.81
CA ARG E 173 -11.90 -27.23 33.83
C ARG E 173 -12.71 -27.69 32.61
N PHE E 174 -12.41 -28.91 32.15
CA PHE E 174 -13.16 -29.52 31.04
C PHE E 174 -14.43 -30.16 31.61
N LEU E 175 -15.33 -29.30 32.07
CA LEU E 175 -16.58 -29.78 32.65
C LEU E 175 -17.44 -30.50 31.61
N GLY E 176 -17.52 -29.94 30.41
CA GLY E 176 -18.30 -30.57 29.37
C GLY E 176 -18.30 -29.72 28.11
N ASP E 177 -18.84 -30.32 27.05
CA ASP E 177 -18.95 -29.67 25.75
C ASP E 177 -20.35 -29.14 25.47
N ARG E 178 -21.24 -29.18 26.46
CA ARG E 178 -22.61 -28.74 26.25
C ARG E 178 -22.69 -27.21 26.22
N ILE E 179 -23.52 -26.70 25.32
CA ILE E 179 -23.74 -25.26 25.17
C ILE E 179 -25.24 -25.01 25.11
N ASN E 180 -25.70 -23.95 25.76
CA ASN E 180 -27.13 -23.63 25.80
C ASN E 180 -27.64 -23.35 24.39
N ALA E 181 -28.50 -24.26 23.90
CA ALA E 181 -29.01 -24.12 22.54
C ALA E 181 -29.87 -22.88 22.36
N GLY E 182 -30.60 -22.49 23.41
CA GLY E 182 -31.51 -21.37 23.32
C GLY E 182 -32.96 -21.74 23.14
N ILE E 183 -33.29 -23.03 23.14
CA ILE E 183 -34.67 -23.49 23.04
C ILE E 183 -35.11 -23.88 24.45
N TYR E 184 -36.00 -23.11 25.03
CA TYR E 184 -36.45 -23.31 26.40
C TYR E 184 -37.93 -23.68 26.42
N ILE E 185 -38.31 -24.47 27.43
CA ILE E 185 -39.70 -24.68 27.77
C ILE E 185 -39.85 -24.62 29.29
N PHE E 186 -40.79 -23.82 29.76
CA PHE E 186 -41.02 -23.59 31.18
C PHE E 186 -42.47 -23.85 31.52
N ASN E 187 -42.72 -24.22 32.77
CA ASN E 187 -44.07 -24.41 33.24
C ASN E 187 -44.70 -23.06 33.59
N LYS E 188 -46.02 -23.06 33.79
CA LYS E 188 -46.74 -21.84 34.09
C LYS E 188 -46.30 -21.23 35.41
N SER E 189 -46.00 -22.07 36.41
CA SER E 189 -45.59 -21.59 37.72
C SER E 189 -44.26 -20.86 37.69
N ILE E 190 -43.49 -20.97 36.61
CA ILE E 190 -42.20 -20.28 36.52
C ILE E 190 -42.39 -18.78 36.61
N LEU E 191 -43.46 -18.26 36.03
CA LEU E 191 -43.70 -16.82 35.95
C LEU E 191 -43.73 -16.17 37.32
N ASP E 192 -42.74 -15.32 37.60
CA ASP E 192 -42.67 -14.54 38.82
C ASP E 192 -42.26 -13.11 38.46
N ARG E 193 -42.92 -12.14 39.09
CA ARG E 193 -42.71 -10.74 38.76
C ARG E 193 -41.34 -10.30 39.28
N ILE E 194 -40.37 -10.20 38.38
CA ILE E 194 -39.02 -9.77 38.71
C ILE E 194 -38.72 -8.51 37.92
N PRO E 195 -38.87 -7.33 38.53
CA PRO E 195 -38.54 -6.09 37.82
C PRO E 195 -37.05 -6.02 37.52
N PRO E 196 -36.67 -5.39 36.39
CA PRO E 196 -35.27 -5.24 35.99
C PRO E 196 -34.45 -4.45 36.99
N ILE E 201 -33.92 -10.99 36.97
CA ILE E 201 -33.41 -10.43 35.73
C ILE E 201 -32.06 -11.06 35.40
N GLU E 202 -31.51 -11.82 36.33
CA GLU E 202 -30.22 -12.49 36.14
C GLU E 202 -30.44 -13.69 35.23
N LYS E 203 -30.38 -13.44 33.92
CA LYS E 203 -30.57 -14.47 32.90
C LYS E 203 -31.88 -15.23 33.11
N GLU E 204 -32.92 -14.50 33.49
CA GLU E 204 -34.23 -15.09 33.80
C GLU E 204 -34.10 -16.16 34.89
N ILE E 205 -33.54 -15.72 36.03
CA ILE E 205 -33.49 -16.47 37.29
C ILE E 205 -32.96 -17.89 37.10
N PHE E 206 -32.05 -18.08 36.14
CA PHE E 206 -31.40 -19.38 35.96
C PHE E 206 -30.58 -19.81 37.17
N PRO E 207 -29.74 -18.95 37.76
CA PRO E 207 -28.97 -19.39 38.95
C PRO E 207 -29.85 -19.90 40.07
N ALA E 208 -30.93 -19.19 40.40
CA ALA E 208 -31.86 -19.69 41.41
C ALA E 208 -32.57 -20.96 40.94
N MET E 209 -32.94 -21.00 39.65
CA MET E 209 -33.60 -22.18 39.10
C MET E 209 -32.75 -23.42 39.31
N ALA E 210 -31.43 -23.28 39.19
CA ALA E 210 -30.53 -24.37 39.54
C ALA E 210 -30.39 -24.52 41.05
N ALA E 211 -30.56 -23.43 41.80
CA ALA E 211 -30.44 -23.50 43.24
C ALA E 211 -31.50 -24.42 43.85
N GLU E 212 -32.74 -24.34 43.38
CA GLU E 212 -33.70 -25.35 43.81
C GLU E 212 -33.55 -26.67 43.06
N GLY E 213 -32.65 -26.74 42.08
CA GLY E 213 -32.37 -27.99 41.42
C GLY E 213 -33.52 -28.60 40.64
N GLN E 214 -34.19 -27.78 39.84
CA GLN E 214 -35.28 -28.24 38.98
C GLN E 214 -35.01 -27.92 37.52
N LEU E 215 -33.73 -27.76 37.16
CA LEU E 215 -33.33 -27.40 35.80
C LEU E 215 -32.70 -28.61 35.13
N TYR E 216 -33.29 -29.04 34.02
CA TYR E 216 -32.85 -30.22 33.29
C TYR E 216 -32.33 -29.81 31.92
N ALA E 217 -31.47 -30.66 31.35
CA ALA E 217 -30.85 -30.39 30.05
C ALA E 217 -31.09 -31.57 29.13
N PHE E 218 -31.30 -31.26 27.84
CA PHE E 218 -31.52 -32.26 26.81
C PHE E 218 -30.36 -32.19 25.82
N ASN E 219 -29.59 -33.26 25.73
CA ASN E 219 -28.47 -33.31 24.79
C ASN E 219 -28.98 -33.48 23.37
N LEU E 220 -28.42 -32.68 22.46
CA LEU E 220 -28.82 -32.69 21.05
C LEU E 220 -27.73 -33.32 20.20
N GLU E 221 -28.12 -34.29 19.37
CA GLU E 221 -27.18 -34.90 18.43
C GLU E 221 -27.06 -34.12 17.13
N GLY E 222 -28.06 -33.30 16.79
CA GLY E 222 -28.06 -32.58 15.54
C GLY E 222 -27.23 -31.32 15.57
N PHE E 223 -27.17 -30.66 14.42
CA PHE E 223 -26.43 -29.43 14.26
C PHE E 223 -27.10 -28.28 15.01
N TRP E 224 -26.30 -27.26 15.31
CA TRP E 224 -26.79 -26.06 15.98
C TRP E 224 -25.83 -24.91 15.73
N MET E 225 -26.37 -23.74 15.40
CA MET E 225 -25.58 -22.54 15.20
C MET E 225 -26.51 -21.34 15.10
N ASP E 226 -25.97 -20.17 15.42
CA ASP E 226 -26.72 -18.92 15.37
C ASP E 226 -26.54 -18.27 14.00
N VAL E 227 -27.64 -18.11 13.27
CA VAL E 227 -27.61 -17.50 11.94
C VAL E 227 -27.76 -16.00 12.16
N GLY E 228 -26.64 -15.33 12.41
CA GLY E 228 -26.66 -13.90 12.63
C GLY E 228 -25.80 -13.13 11.66
N GLN E 229 -25.04 -13.84 10.83
CA GLN E 229 -24.15 -13.22 9.86
C GLN E 229 -24.26 -13.93 8.53
N PRO E 230 -23.96 -13.25 7.42
CA PRO E 230 -24.01 -13.94 6.12
C PRO E 230 -23.10 -15.15 6.02
N LYS E 231 -21.92 -15.10 6.64
CA LYS E 231 -21.06 -16.28 6.67
C LYS E 231 -21.73 -17.41 7.44
N ASP E 232 -22.28 -17.09 8.61
CA ASP E 232 -23.05 -18.09 9.34
C ASP E 232 -24.29 -18.51 8.57
N TYR E 233 -24.86 -17.62 7.76
CA TYR E 233 -25.98 -17.99 6.91
C TYR E 233 -25.58 -19.08 5.93
N ILE E 234 -24.45 -18.90 5.25
CA ILE E 234 -24.00 -19.88 4.26
C ILE E 234 -23.65 -21.20 4.95
N LEU E 235 -22.97 -21.12 6.09
CA LEU E 235 -22.58 -22.36 6.79
C LEU E 235 -23.81 -23.08 7.34
N GLY E 236 -24.81 -22.34 7.82
CA GLY E 236 -26.04 -22.96 8.23
C GLY E 236 -26.76 -23.63 7.08
N MET E 237 -26.72 -23.01 5.89
CA MET E 237 -27.29 -23.66 4.72
C MET E 237 -26.59 -24.97 4.41
N THR E 238 -25.25 -24.95 4.41
CA THR E 238 -24.50 -26.15 4.04
C THR E 238 -24.63 -27.24 5.09
N LYS E 239 -24.96 -26.89 6.34
CA LYS E 239 -25.22 -27.92 7.34
C LYS E 239 -26.67 -28.39 7.36
N PHE E 240 -27.61 -27.53 6.96
CA PHE E 240 -29.03 -27.83 7.08
C PHE E 240 -29.61 -28.53 5.87
N ILE E 241 -29.08 -28.28 4.66
CA ILE E 241 -29.62 -28.90 3.46
C ILE E 241 -29.62 -30.43 3.55
N PRO E 242 -28.54 -31.10 3.97
CA PRO E 242 -28.59 -32.57 4.05
C PRO E 242 -29.62 -33.10 5.01
N SER E 243 -30.03 -32.31 6.02
CA SER E 243 -31.00 -32.77 7.00
C SER E 243 -32.43 -32.75 6.48
N LEU E 244 -32.66 -32.24 5.28
CA LEU E 244 -34.00 -32.08 4.74
C LEU E 244 -34.37 -33.18 3.74
N VAL E 245 -33.55 -34.23 3.64
CA VAL E 245 -33.77 -35.26 2.62
C VAL E 245 -35.10 -35.96 2.83
N HIS E 246 -35.51 -36.17 4.08
CA HIS E 246 -36.81 -36.79 4.35
C HIS E 246 -37.93 -35.79 4.54
N GLY E 247 -37.63 -34.49 4.54
CA GLY E 247 -38.65 -33.49 4.81
C GLY E 247 -39.45 -33.03 3.62
N ASN E 248 -38.77 -32.50 2.60
CA ASN E 248 -39.43 -31.91 1.44
C ASN E 248 -39.26 -32.80 0.21
N ARG E 249 -39.87 -32.35 -0.89
CA ARG E 249 -39.79 -33.09 -2.14
C ARG E 249 -38.36 -33.08 -2.69
N GLU E 250 -37.68 -31.94 -2.59
CA GLU E 250 -36.32 -31.81 -3.11
C GLU E 250 -35.32 -31.54 -1.98
N THR E 256 -27.58 -41.68 -8.84
CA THR E 256 -27.94 -40.47 -9.56
C THR E 256 -28.49 -39.41 -8.62
N GLU E 257 -27.84 -38.25 -8.59
CA GLU E 257 -28.32 -37.12 -7.78
C GLU E 257 -29.65 -36.64 -8.33
N ALA E 258 -30.74 -36.94 -7.61
CA ALA E 258 -32.09 -36.66 -8.09
C ALA E 258 -32.82 -35.71 -7.14
N VAL E 259 -32.10 -34.75 -6.56
CA VAL E 259 -32.76 -33.70 -5.78
C VAL E 259 -33.61 -32.83 -6.70
N GLU E 260 -33.04 -32.39 -7.82
CA GLU E 260 -33.80 -31.79 -8.91
C GLU E 260 -32.89 -31.82 -10.13
N HIS E 261 -33.27 -32.59 -11.15
CA HIS E 261 -32.39 -32.85 -12.28
C HIS E 261 -32.88 -32.29 -13.60
N GLN E 262 -34.19 -32.37 -13.88
CA GLN E 262 -34.74 -31.90 -15.15
C GLN E 262 -35.91 -30.98 -14.87
N ARG E 263 -35.70 -29.67 -15.00
CA ARG E 263 -36.75 -28.68 -14.82
C ARG E 263 -37.07 -27.94 -16.12
N GLY E 264 -36.06 -27.33 -16.74
CA GLY E 264 -36.26 -26.63 -18.00
C GLY E 264 -35.39 -27.20 -19.11
N GLY E 265 -34.39 -27.98 -18.71
CA GLY E 265 -33.48 -28.62 -19.66
C GLY E 265 -32.67 -29.67 -18.95
N ARG E 266 -31.83 -30.35 -19.71
CA ARG E 266 -30.97 -31.40 -19.15
C ARG E 266 -29.77 -30.74 -18.50
N PHE E 267 -29.90 -30.42 -17.23
CA PHE E 267 -28.81 -29.85 -16.44
C PHE E 267 -28.39 -30.83 -15.36
N THR E 268 -27.20 -30.63 -14.83
CA THR E 268 -26.62 -31.51 -13.82
C THR E 268 -26.49 -30.81 -12.49
N VAL E 269 -26.71 -31.54 -11.41
CA VAL E 269 -26.54 -31.04 -10.05
C VAL E 269 -25.48 -31.91 -9.36
N ILE E 270 -24.44 -31.26 -8.85
CA ILE E 270 -23.36 -32.01 -8.21
C ILE E 270 -23.81 -32.58 -6.87
N GLY E 271 -24.46 -31.75 -6.06
CA GLY E 271 -24.91 -32.20 -4.75
C GLY E 271 -26.37 -31.91 -4.50
N ALA E 272 -26.82 -32.08 -3.27
CA ALA E 272 -28.21 -31.80 -2.92
C ALA E 272 -28.46 -30.29 -2.95
N SER E 273 -29.63 -29.91 -3.45
CA SER E 273 -30.00 -28.50 -3.53
C SER E 273 -31.50 -28.38 -3.57
N LEU E 274 -31.98 -27.18 -3.26
CA LEU E 274 -33.41 -26.88 -3.24
C LEU E 274 -33.75 -26.02 -4.46
N ILE E 275 -34.55 -26.58 -5.36
CA ILE E 275 -34.96 -25.89 -6.57
C ILE E 275 -36.48 -25.68 -6.49
N ASP E 276 -36.89 -24.42 -6.50
CA ASP E 276 -38.31 -24.11 -6.45
C ASP E 276 -38.98 -24.59 -7.73
N PRO E 277 -40.11 -25.30 -7.64
CA PRO E 277 -40.70 -25.88 -8.87
C PRO E 277 -41.03 -24.87 -9.95
N SER E 278 -41.41 -23.64 -9.60
CA SER E 278 -41.77 -22.67 -10.63
C SER E 278 -40.56 -22.08 -11.34
N ALA E 279 -39.35 -22.32 -10.85
CA ALA E 279 -38.17 -21.73 -11.45
C ALA E 279 -37.84 -22.40 -12.78
N LYS E 280 -37.03 -21.71 -13.58
CA LYS E 280 -36.51 -22.23 -14.84
C LYS E 280 -35.00 -22.25 -14.76
N ILE E 281 -34.42 -23.45 -14.80
CA ILE E 281 -32.98 -23.60 -14.62
C ILE E 281 -32.22 -23.27 -15.89
N GLY E 282 -32.74 -23.65 -17.06
CA GLY E 282 -32.10 -23.37 -18.32
C GLY E 282 -31.86 -24.65 -19.12
N ASP E 283 -30.68 -24.76 -19.71
CA ASP E 283 -30.35 -25.89 -20.57
C ASP E 283 -29.10 -26.63 -20.13
N GLY E 284 -28.06 -25.92 -19.70
CA GLY E 284 -26.83 -26.57 -19.33
C GLY E 284 -26.20 -26.05 -18.05
N ALA E 285 -27.04 -25.62 -17.11
CA ALA E 285 -26.54 -25.10 -15.85
C ALA E 285 -25.97 -26.22 -14.99
N VAL E 286 -25.14 -25.85 -14.02
CA VAL E 286 -24.56 -26.79 -13.07
C VAL E 286 -24.85 -26.24 -11.68
N ILE E 287 -25.95 -26.71 -11.08
CA ILE E 287 -26.33 -26.25 -9.75
C ILE E 287 -25.44 -26.94 -8.72
N GLY E 288 -24.59 -26.16 -8.05
CA GLY E 288 -23.59 -26.72 -7.19
C GLY E 288 -24.18 -27.27 -5.91
N PRO E 289 -23.30 -27.75 -5.02
CA PRO E 289 -23.78 -28.36 -3.78
C PRO E 289 -24.38 -27.32 -2.85
N TYR E 290 -25.52 -27.68 -2.25
CA TYR E 290 -26.16 -26.88 -1.21
C TYR E 290 -26.50 -25.47 -1.72
N ALA E 291 -27.40 -25.44 -2.71
CA ALA E 291 -27.89 -24.21 -3.28
C ALA E 291 -29.40 -24.14 -3.14
N SER E 292 -29.92 -22.92 -3.03
CA SER E 292 -31.35 -22.69 -2.93
C SER E 292 -31.76 -21.66 -3.96
N ILE E 293 -32.92 -21.88 -4.56
CA ILE E 293 -33.45 -21.00 -5.62
C ILE E 293 -34.92 -20.74 -5.33
N GLY E 294 -35.32 -19.47 -5.40
CA GLY E 294 -36.68 -19.07 -5.09
C GLY E 294 -37.61 -19.16 -6.28
N ALA E 295 -38.87 -18.84 -6.04
CA ALA E 295 -39.91 -18.95 -7.05
C ALA E 295 -39.70 -17.95 -8.17
N ASN E 296 -40.14 -18.33 -9.36
CA ASN E 296 -40.09 -17.51 -10.58
C ASN E 296 -38.69 -17.10 -10.97
N CYS E 297 -37.67 -17.64 -10.31
CA CYS E 297 -36.29 -17.34 -10.68
C CYS E 297 -35.97 -17.93 -12.05
N VAL E 298 -35.17 -17.18 -12.82
CA VAL E 298 -34.75 -17.60 -14.15
C VAL E 298 -33.24 -17.70 -14.16
N ILE E 299 -32.73 -18.85 -14.58
CA ILE E 299 -31.29 -19.11 -14.64
C ILE E 299 -30.92 -19.37 -16.10
N GLY E 300 -29.78 -18.83 -16.52
CA GLY E 300 -29.42 -18.81 -17.92
C GLY E 300 -29.09 -20.17 -18.48
N GLU E 301 -28.58 -20.16 -19.71
CA GLU E 301 -28.33 -21.40 -20.43
C GLU E 301 -27.24 -22.21 -19.76
N SER E 302 -26.17 -21.56 -19.31
CA SER E 302 -25.10 -22.24 -18.58
C SER E 302 -24.71 -21.38 -17.39
N CYS E 303 -24.79 -21.94 -16.19
CA CYS E 303 -24.52 -21.19 -14.98
C CYS E 303 -23.87 -22.10 -13.95
N ARG E 304 -23.35 -21.48 -12.89
CA ARG E 304 -22.75 -22.19 -11.77
C ARG E 304 -23.26 -21.57 -10.48
N ILE E 305 -24.22 -22.22 -9.84
CA ILE E 305 -24.77 -21.77 -8.56
C ILE E 305 -24.16 -22.68 -7.50
N ASP E 306 -23.03 -22.25 -6.94
CA ASP E 306 -22.25 -23.06 -6.01
C ASP E 306 -22.44 -22.52 -4.60
N ASN E 307 -23.12 -23.28 -3.76
CA ASN E 307 -23.29 -22.94 -2.34
C ASN E 307 -23.83 -21.53 -2.17
N ALA E 308 -24.85 -21.20 -2.96
CA ALA E 308 -25.39 -19.85 -2.99
C ALA E 308 -26.91 -19.89 -2.98
N ALA E 309 -27.50 -18.78 -2.57
CA ALA E 309 -28.95 -18.64 -2.48
C ALA E 309 -29.43 -17.60 -3.48
N ILE E 310 -30.50 -17.93 -4.20
CA ILE E 310 -31.18 -16.99 -5.09
C ILE E 310 -32.59 -16.83 -4.58
N LEU E 311 -32.95 -15.61 -4.22
CA LEU E 311 -34.21 -15.33 -3.52
C LEU E 311 -35.20 -14.67 -4.46
N GLU E 312 -36.39 -15.27 -4.56
CA GLU E 312 -37.53 -14.70 -5.28
C GLU E 312 -37.16 -14.35 -6.71
N ASN E 313 -37.92 -13.46 -7.36
CA ASN E 313 -37.80 -13.22 -8.79
C ASN E 313 -36.43 -12.62 -9.09
N SER E 314 -35.55 -13.43 -9.67
CA SER E 314 -34.25 -12.97 -10.12
C SER E 314 -33.98 -13.52 -11.51
N LYS E 315 -33.24 -12.75 -12.30
CA LYS E 315 -32.82 -13.18 -13.64
C LYS E 315 -31.31 -13.28 -13.65
N VAL E 316 -30.80 -14.35 -14.26
CA VAL E 316 -29.37 -14.62 -14.32
C VAL E 316 -29.00 -14.95 -15.75
N GLY E 317 -27.94 -14.31 -16.26
CA GLY E 317 -27.53 -14.46 -17.63
C GLY E 317 -26.83 -15.78 -17.91
N LYS E 318 -25.93 -15.76 -18.88
CA LYS E 318 -25.25 -16.96 -19.35
C LYS E 318 -23.80 -16.96 -18.87
N GLY E 319 -23.39 -18.04 -18.22
CA GLY E 319 -22.00 -18.24 -17.89
C GLY E 319 -21.54 -17.65 -16.58
N THR E 320 -22.40 -17.00 -15.82
CA THR E 320 -21.97 -16.41 -14.57
C THR E 320 -21.76 -17.48 -13.51
N MET E 321 -20.99 -17.12 -12.48
CA MET E 321 -20.71 -18.01 -11.36
C MET E 321 -21.10 -17.28 -10.08
N VAL E 322 -21.96 -17.90 -9.28
CA VAL E 322 -22.39 -17.37 -8.00
C VAL E 322 -21.93 -18.36 -6.94
N SER E 323 -20.85 -18.02 -6.24
CA SER E 323 -20.21 -18.94 -5.30
C SER E 323 -20.24 -18.35 -3.89
N ARG E 324 -20.83 -19.09 -2.96
CA ARG E 324 -20.83 -18.73 -1.53
C ARG E 324 -21.37 -17.31 -1.31
N SER E 325 -22.43 -16.96 -2.04
CA SER E 325 -22.98 -15.62 -1.97
C SER E 325 -24.50 -15.69 -1.97
N ILE E 326 -25.10 -14.51 -1.87
CA ILE E 326 -26.56 -14.36 -1.85
C ILE E 326 -26.91 -13.27 -2.85
N VAL E 327 -28.16 -13.27 -3.31
CA VAL E 327 -28.66 -12.21 -4.17
C VAL E 327 -29.99 -11.72 -3.60
N GLY E 328 -30.41 -10.53 -4.05
CA GLY E 328 -31.56 -9.87 -3.48
C GLY E 328 -32.88 -10.51 -3.87
N TRP E 329 -33.94 -9.72 -3.76
CA TRP E 329 -35.28 -10.22 -4.03
C TRP E 329 -35.63 -10.09 -5.51
N ASN E 330 -35.60 -8.86 -6.03
CA ASN E 330 -35.86 -8.60 -7.44
C ASN E 330 -34.57 -8.32 -8.20
N ASN E 331 -33.45 -8.88 -7.72
CA ASN E 331 -32.16 -8.63 -8.31
C ASN E 331 -32.11 -9.14 -9.76
N ARG E 332 -31.46 -8.37 -10.63
CA ARG E 332 -31.29 -8.71 -12.03
C ARG E 332 -29.79 -8.76 -12.33
N ILE E 333 -29.27 -9.96 -12.51
CA ILE E 333 -27.83 -10.19 -12.62
C ILE E 333 -27.43 -10.24 -14.08
N GLY E 334 -26.24 -9.71 -14.39
CA GLY E 334 -25.74 -9.67 -15.75
C GLY E 334 -25.46 -11.03 -16.33
N SER E 335 -24.90 -11.06 -17.55
CA SER E 335 -24.72 -12.34 -18.24
C SER E 335 -23.45 -13.05 -17.81
N TRP E 336 -22.29 -12.46 -18.09
CA TRP E 336 -21.01 -13.12 -17.91
C TRP E 336 -20.26 -12.65 -16.66
N CYS E 337 -20.98 -12.26 -15.62
CA CYS E 337 -20.33 -11.74 -14.43
C CYS E 337 -19.70 -12.87 -13.63
N HIS E 338 -19.15 -12.53 -12.47
CA HIS E 338 -18.46 -13.50 -11.61
C HIS E 338 -18.59 -13.01 -10.17
N ILE E 339 -19.54 -13.56 -9.43
CA ILE E 339 -19.81 -13.17 -8.05
C ILE E 339 -19.39 -14.32 -7.15
N LYS E 340 -18.44 -14.08 -6.26
CA LYS E 340 -17.95 -15.11 -5.38
C LYS E 340 -17.69 -14.52 -3.99
N ASP E 341 -17.19 -15.38 -3.09
CA ASP E 341 -16.95 -15.04 -1.70
C ASP E 341 -18.22 -14.58 -1.01
N ILE E 342 -18.12 -14.15 0.25
CA ILE E 342 -19.29 -13.75 1.01
C ILE E 342 -19.69 -12.33 0.61
N SER E 343 -20.55 -12.22 -0.40
CA SER E 343 -21.06 -10.94 -0.84
C SER E 343 -22.57 -11.03 -0.92
N VAL E 344 -23.24 -10.07 -0.30
CA VAL E 344 -24.70 -10.03 -0.26
C VAL E 344 -25.16 -8.86 -1.11
N LEU E 345 -26.07 -9.13 -2.04
CA LEU E 345 -26.63 -8.11 -2.91
C LEU E 345 -28.03 -7.76 -2.43
N GLY E 346 -28.29 -6.47 -2.23
CA GLY E 346 -29.55 -6.01 -1.71
C GLY E 346 -30.68 -6.17 -2.71
N ASP E 347 -31.81 -5.54 -2.37
CA ASP E 347 -33.01 -5.66 -3.19
C ASP E 347 -32.89 -4.80 -4.45
N ASP E 348 -33.39 -5.34 -5.56
CA ASP E 348 -33.51 -4.62 -6.83
C ASP E 348 -32.17 -4.04 -7.29
N VAL E 349 -31.12 -4.82 -7.13
CA VAL E 349 -29.79 -4.44 -7.62
C VAL E 349 -29.69 -4.91 -9.06
N GLU E 350 -28.79 -4.28 -9.84
CA GLU E 350 -28.51 -4.72 -11.19
C GLU E 350 -27.02 -4.59 -11.46
N VAL E 351 -26.44 -5.59 -12.11
CA VAL E 351 -25.03 -5.61 -12.45
C VAL E 351 -24.89 -5.80 -13.96
N LYS E 352 -23.96 -5.04 -14.55
CA LYS E 352 -23.74 -5.13 -15.99
C LYS E 352 -23.02 -6.43 -16.32
N ASP E 353 -22.73 -6.61 -17.61
CA ASP E 353 -22.04 -7.81 -18.06
C ASP E 353 -20.57 -7.76 -17.70
N GLY E 354 -20.02 -8.90 -17.31
CA GLY E 354 -18.60 -9.01 -17.02
C GLY E 354 -18.10 -8.21 -15.85
N VAL E 355 -18.82 -8.23 -14.73
CA VAL E 355 -18.35 -7.62 -13.49
C VAL E 355 -17.93 -8.72 -12.54
N ILE E 356 -17.00 -8.40 -11.65
CA ILE E 356 -16.44 -9.35 -10.71
C ILE E 356 -16.55 -8.76 -9.31
N LEU E 357 -17.62 -9.11 -8.61
CA LEU E 357 -17.84 -8.68 -7.24
C LEU E 357 -17.32 -9.78 -6.31
N ILE E 358 -16.30 -9.45 -5.53
CA ILE E 358 -15.67 -10.42 -4.63
C ILE E 358 -15.84 -9.90 -3.21
N GLY E 359 -16.86 -10.40 -2.52
CA GLY E 359 -17.08 -10.04 -1.13
C GLY E 359 -17.46 -8.60 -0.89
N THR E 360 -18.35 -8.04 -1.72
CA THR E 360 -18.80 -6.66 -1.55
C THR E 360 -20.32 -6.66 -1.37
N LYS E 361 -20.78 -6.01 -0.30
CA LYS E 361 -22.19 -5.89 -0.02
C LYS E 361 -22.70 -4.58 -0.62
N VAL E 362 -23.69 -4.68 -1.50
CA VAL E 362 -24.25 -3.51 -2.17
C VAL E 362 -25.58 -3.16 -1.53
N LEU E 363 -25.86 -1.86 -1.45
CA LEU E 363 -27.09 -1.39 -0.85
C LEU E 363 -28.25 -1.52 -1.84
N PRO E 364 -29.49 -1.53 -1.35
CA PRO E 364 -30.63 -1.76 -2.23
C PRO E 364 -30.77 -0.69 -3.30
N ASN E 365 -31.33 -1.09 -4.44
CA ASN E 365 -31.67 -0.24 -5.58
C ASN E 365 -30.45 0.39 -6.24
N LYS E 366 -29.24 0.03 -5.81
CA LYS E 366 -28.03 0.54 -6.42
C LYS E 366 -27.84 -0.06 -7.81
N ASP E 367 -26.80 0.39 -8.50
CA ASP E 367 -26.39 -0.15 -9.78
C ASP E 367 -24.87 -0.31 -9.77
N VAL E 368 -24.38 -1.42 -10.30
CA VAL E 368 -22.97 -1.76 -10.28
C VAL E 368 -22.49 -1.92 -11.71
N GLY E 369 -21.34 -1.31 -12.01
CA GLY E 369 -20.77 -1.41 -13.34
C GLY E 369 -19.25 -1.48 -13.33
N GLU E 370 -18.65 -1.63 -12.16
CA GLU E 370 -17.20 -1.64 -12.02
C GLU E 370 -16.76 -2.83 -11.19
N HIS E 371 -15.55 -3.30 -11.47
CA HIS E 371 -14.98 -4.42 -10.73
C HIS E 371 -14.68 -4.02 -9.29
N ARG E 372 -14.72 -5.01 -8.39
CA ARG E 372 -14.34 -4.81 -6.99
C ARG E 372 -13.60 -6.06 -6.54
N PHE E 373 -12.27 -6.00 -6.51
CA PHE E 373 -11.45 -7.14 -6.16
C PHE E 373 -11.17 -7.25 -4.67
N GLU E 374 -11.65 -6.30 -3.87
CA GLU E 374 -11.39 -6.29 -2.44
C GLU E 374 -12.71 -6.16 -1.68
N PRO E 375 -12.78 -6.68 -0.46
CA PRO E 375 -13.99 -6.52 0.34
C PRO E 375 -14.30 -5.05 0.59
N GLY E 376 -15.58 -4.73 0.58
CA GLY E 376 -16.00 -3.35 0.75
C GLY E 376 -17.50 -3.23 0.61
N ILE E 377 -17.96 -1.98 0.53
CA ILE E 377 -19.38 -1.67 0.46
C ILE E 377 -19.63 -0.70 -0.68
N ILE E 378 -20.68 -0.95 -1.45
CA ILE E 378 -21.12 -0.03 -2.50
C ILE E 378 -22.39 0.65 -2.02
N MET E 379 -22.37 1.98 -1.98
CA MET E 379 -23.53 2.74 -1.55
C MET E 379 -24.35 3.21 -2.75
N GLN F 7 28.70 -56.91 -20.17
CA GLN F 7 28.92 -57.61 -18.91
C GLN F 7 29.24 -56.64 -17.78
N GLY F 8 29.64 -55.42 -18.16
CA GLY F 8 30.00 -54.43 -17.17
C GLY F 8 28.79 -53.92 -16.41
N MET F 9 29.07 -53.32 -15.26
CA MET F 9 28.01 -52.80 -14.41
C MET F 9 27.35 -51.59 -15.06
N ARG F 10 26.02 -51.53 -14.97
CA ARG F 10 25.24 -50.45 -15.56
C ARG F 10 24.39 -49.80 -14.48
N ALA F 11 23.84 -48.64 -14.82
CA ALA F 11 23.02 -47.89 -13.87
C ALA F 11 21.99 -47.07 -14.62
N VAL F 12 20.96 -46.65 -13.88
CA VAL F 12 19.86 -45.87 -14.42
C VAL F 12 19.72 -44.60 -13.60
N ILE F 13 19.61 -43.46 -14.28
CA ILE F 13 19.41 -42.17 -13.65
C ILE F 13 18.05 -41.63 -14.08
N LEU F 14 17.21 -41.32 -13.10
CA LEU F 14 15.90 -40.74 -13.37
C LEU F 14 16.03 -39.22 -13.41
N VAL F 15 15.98 -38.67 -14.62
CA VAL F 15 16.05 -37.22 -14.82
C VAL F 15 14.76 -36.66 -15.37
N GLY F 16 13.81 -37.51 -15.76
CA GLY F 16 12.55 -37.09 -16.34
C GLY F 16 11.84 -36.01 -15.56
N GLY F 17 11.72 -34.83 -16.17
CA GLY F 17 11.11 -33.69 -15.50
C GLY F 17 11.08 -32.51 -16.45
N PHE F 18 10.58 -31.39 -15.93
CA PHE F 18 10.40 -30.20 -16.74
C PHE F 18 11.39 -29.09 -16.40
N GLY F 19 11.96 -29.10 -15.20
CA GLY F 19 12.81 -28.01 -14.79
C GLY F 19 12.07 -26.72 -14.52
N THR F 20 10.77 -26.79 -14.25
CA THR F 20 9.96 -25.60 -14.10
C THR F 20 10.39 -24.77 -12.89
N ARG F 21 10.73 -25.44 -11.78
CA ARG F 21 11.05 -24.72 -10.55
C ARG F 21 12.30 -23.86 -10.72
N LEU F 22 13.34 -24.41 -11.33
CA LEU F 22 14.58 -23.66 -11.57
C LEU F 22 14.55 -22.96 -12.92
N ARG F 23 13.50 -22.18 -13.15
CA ARG F 23 13.23 -21.66 -14.49
C ARG F 23 14.26 -20.63 -14.98
N PRO F 24 14.55 -19.55 -14.25
CA PRO F 24 15.20 -18.40 -14.90
C PRO F 24 16.52 -18.70 -15.60
N LEU F 25 17.17 -19.83 -15.30
CA LEU F 25 18.41 -20.18 -15.99
C LEU F 25 18.35 -21.57 -16.62
N THR F 26 17.17 -22.20 -16.68
CA THR F 26 17.04 -23.48 -17.35
C THR F 26 16.45 -23.35 -18.75
N LEU F 27 16.09 -22.14 -19.17
CA LEU F 27 15.62 -21.96 -20.54
C LEU F 27 16.74 -22.18 -21.55
N THR F 28 17.94 -21.71 -21.24
CA THR F 28 19.06 -21.87 -22.16
C THR F 28 19.50 -23.33 -22.25
N THR F 29 19.68 -23.99 -21.11
CA THR F 29 20.17 -25.35 -21.04
C THR F 29 19.26 -26.20 -20.18
N PRO F 30 19.16 -27.50 -20.45
CA PRO F 30 18.23 -28.34 -19.69
C PRO F 30 18.60 -28.42 -18.22
N LYS F 31 17.62 -28.77 -17.40
CA LYS F 31 17.83 -28.88 -15.95
C LYS F 31 18.98 -29.81 -15.58
N PRO F 32 19.15 -31.00 -16.17
CA PRO F 32 20.27 -31.85 -15.75
C PRO F 32 21.63 -31.21 -15.90
N LEU F 33 21.85 -30.40 -16.94
CA LEU F 33 23.17 -29.87 -17.24
C LEU F 33 23.30 -28.38 -16.93
N VAL F 34 22.65 -27.91 -15.87
CA VAL F 34 22.94 -26.59 -15.34
C VAL F 34 24.09 -26.71 -14.33
N PRO F 35 25.17 -25.96 -14.49
CA PRO F 35 26.36 -26.20 -13.65
C PRO F 35 26.08 -25.98 -12.17
N PHE F 36 26.68 -26.82 -11.35
CA PHE F 36 26.67 -26.68 -9.90
C PHE F 36 28.11 -26.61 -9.42
N CYS F 37 28.42 -25.59 -8.63
CA CYS F 37 29.79 -25.30 -8.24
C CYS F 37 30.67 -25.12 -9.47
N ASN F 38 31.34 -26.19 -9.89
CA ASN F 38 32.27 -26.12 -11.01
C ASN F 38 31.97 -27.11 -12.12
N LYS F 39 30.96 -27.97 -11.96
CA LYS F 39 30.66 -29.01 -12.91
C LYS F 39 29.16 -29.07 -13.18
N PRO F 40 28.76 -29.64 -14.31
CA PRO F 40 27.32 -29.89 -14.54
C PRO F 40 26.76 -30.86 -13.51
N MET F 41 25.46 -30.72 -13.25
CA MET F 41 24.84 -31.41 -12.12
C MET F 41 24.93 -32.93 -12.27
N ILE F 42 24.92 -33.43 -13.50
CA ILE F 42 24.99 -34.89 -13.69
C ILE F 42 26.42 -35.40 -13.64
N ILE F 43 27.41 -34.54 -13.84
CA ILE F 43 28.80 -34.99 -13.89
C ILE F 43 29.26 -35.50 -12.53
N HIS F 44 28.78 -34.88 -11.44
CA HIS F 44 29.12 -35.38 -10.11
C HIS F 44 28.67 -36.82 -9.92
N GLN F 45 27.41 -37.10 -10.26
CA GLN F 45 26.88 -38.44 -10.11
C GLN F 45 27.58 -39.42 -11.04
N ILE F 46 27.89 -38.99 -12.26
CA ILE F 46 28.58 -39.87 -13.20
C ILE F 46 29.97 -40.22 -12.68
N GLU F 47 30.69 -39.23 -12.13
CA GLU F 47 32.02 -39.50 -11.58
C GLU F 47 31.94 -40.42 -10.37
N ALA F 48 30.92 -40.25 -9.53
CA ALA F 48 30.76 -41.15 -8.40
C ALA F 48 30.49 -42.58 -8.88
N LEU F 49 29.61 -42.73 -9.87
CA LEU F 49 29.33 -44.05 -10.42
C LEU F 49 30.56 -44.66 -11.08
N LYS F 50 31.40 -43.82 -11.69
CA LYS F 50 32.70 -44.31 -12.17
C LYS F 50 33.57 -44.78 -11.01
N ALA F 51 33.57 -44.04 -9.91
CA ALA F 51 34.31 -44.47 -8.73
C ALA F 51 33.83 -45.85 -8.26
N VAL F 52 32.53 -46.13 -8.43
CA VAL F 52 32.07 -47.51 -8.25
C VAL F 52 32.73 -48.42 -9.27
N GLY F 53 32.75 -48.01 -10.54
CA GLY F 53 33.30 -48.82 -11.60
C GLY F 53 32.26 -49.24 -12.62
N VAL F 54 31.21 -48.44 -12.78
CA VAL F 54 30.13 -48.75 -13.71
C VAL F 54 30.63 -48.56 -15.14
N THR F 55 29.86 -49.04 -16.12
CA THR F 55 30.22 -48.93 -17.52
C THR F 55 29.43 -47.86 -18.25
N GLU F 56 28.11 -47.90 -18.19
CA GLU F 56 27.27 -46.95 -18.89
C GLU F 56 26.09 -46.55 -18.03
N VAL F 57 25.49 -45.41 -18.37
CA VAL F 57 24.41 -44.81 -17.59
C VAL F 57 23.17 -44.74 -18.48
N ILE F 58 22.03 -45.17 -17.94
CA ILE F 58 20.77 -45.15 -18.66
C ILE F 58 20.00 -43.91 -18.20
N LEU F 59 19.98 -42.88 -19.03
CA LEU F 59 19.31 -41.62 -18.70
C LEU F 59 17.84 -41.70 -19.09
N ALA F 60 16.96 -41.37 -18.14
CA ALA F 60 15.52 -41.44 -18.34
C ALA F 60 14.96 -40.02 -18.40
N VAL F 61 14.92 -39.46 -19.60
CA VAL F 61 14.41 -38.11 -19.83
C VAL F 61 12.96 -38.21 -20.28
N ALA F 62 12.11 -37.35 -19.69
CA ALA F 62 10.69 -37.43 -19.98
C ALA F 62 10.35 -36.75 -21.30
N TYR F 63 10.79 -35.51 -21.48
CA TYR F 63 10.40 -34.71 -22.64
C TYR F 63 11.64 -34.26 -23.40
N ARG F 64 11.50 -34.24 -24.73
CA ARG F 64 12.55 -33.88 -25.67
C ARG F 64 13.82 -34.69 -25.42
N PRO F 65 13.84 -35.97 -25.76
CA PRO F 65 15.11 -36.72 -25.65
C PRO F 65 16.23 -36.10 -26.45
N GLU F 66 15.91 -35.59 -27.64
CA GLU F 66 16.90 -34.89 -28.46
C GLU F 66 16.73 -33.38 -28.27
N ALA F 67 17.05 -32.94 -27.05
CA ALA F 67 16.99 -31.53 -26.68
C ALA F 67 18.36 -30.88 -26.76
N MET F 68 19.15 -31.28 -27.75
CA MET F 68 20.54 -30.87 -27.95
C MET F 68 21.47 -31.44 -26.88
N LYS F 69 20.97 -32.31 -26.00
CA LYS F 69 21.81 -32.88 -24.96
C LYS F 69 22.84 -33.85 -25.52
N GLU F 70 22.49 -34.59 -26.58
CA GLU F 70 23.37 -35.65 -27.06
C GLU F 70 24.70 -35.10 -27.55
N GLN F 71 24.67 -34.10 -28.45
CA GLN F 71 25.91 -33.55 -28.96
C GLN F 71 26.59 -32.63 -27.95
N MET F 72 25.81 -32.00 -27.07
CA MET F 72 26.40 -31.15 -26.03
C MET F 72 27.07 -31.98 -24.94
N ASP F 73 26.75 -33.26 -24.84
CA ASP F 73 27.42 -34.13 -23.88
C ASP F 73 28.82 -34.47 -24.36
N GLU F 74 29.72 -33.49 -24.32
CA GLU F 74 31.12 -33.74 -24.62
C GLU F 74 31.76 -34.67 -23.60
N TRP F 75 31.23 -34.70 -22.38
CA TRP F 75 31.77 -35.57 -21.33
C TRP F 75 31.65 -37.04 -21.70
N SER F 76 30.77 -37.40 -22.63
CA SER F 76 30.56 -38.81 -22.97
C SER F 76 31.81 -39.42 -23.60
N ARG F 77 32.43 -38.71 -24.54
CA ARG F 77 33.63 -39.24 -25.17
C ARG F 77 34.76 -39.43 -24.17
N LYS F 78 34.93 -38.49 -23.25
CA LYS F 78 35.90 -38.69 -22.18
C LYS F 78 35.27 -39.56 -21.08
N LEU F 79 36.10 -39.89 -20.08
CA LEU F 79 35.69 -40.66 -18.91
C LEU F 79 35.34 -42.11 -19.26
N GLY F 80 35.33 -42.45 -20.54
CA GLY F 80 35.02 -43.81 -20.95
C GLY F 80 33.66 -44.29 -20.54
N VAL F 81 32.67 -43.40 -20.52
CA VAL F 81 31.30 -43.74 -20.17
C VAL F 81 30.40 -43.32 -21.34
N SER F 82 29.58 -44.25 -21.82
CA SER F 82 28.74 -44.01 -22.98
C SER F 82 27.27 -43.93 -22.55
N PHE F 83 26.65 -42.79 -22.82
CA PHE F 83 25.22 -42.60 -22.58
C PHE F 83 24.46 -43.06 -23.82
N VAL F 84 23.23 -43.54 -23.61
CA VAL F 84 22.48 -44.15 -24.70
C VAL F 84 21.22 -43.36 -25.03
N PHE F 85 20.65 -42.67 -24.04
CA PHE F 85 19.41 -41.93 -24.21
C PHE F 85 18.29 -42.82 -24.77
N SER F 86 18.27 -44.07 -24.32
CA SER F 86 17.32 -45.04 -24.85
C SER F 86 15.93 -44.93 -24.22
N VAL F 87 15.74 -44.00 -23.29
CA VAL F 87 14.48 -43.89 -22.55
C VAL F 87 13.70 -42.71 -23.13
N GLU F 88 12.73 -43.03 -23.98
CA GLU F 88 11.70 -42.08 -24.41
C GLU F 88 10.37 -42.57 -23.84
N GLU F 89 9.64 -41.67 -23.18
CA GLU F 89 8.52 -42.05 -22.34
C GLU F 89 7.21 -41.59 -22.95
N GLU F 90 6.34 -42.55 -23.27
CA GLU F 90 4.93 -42.27 -23.47
C GLU F 90 4.27 -42.06 -22.11
N PRO F 91 3.14 -41.34 -22.06
CA PRO F 91 2.54 -41.05 -20.75
C PRO F 91 2.11 -42.31 -20.02
N LEU F 92 2.84 -42.62 -18.95
CA LEU F 92 2.61 -43.82 -18.14
C LEU F 92 2.79 -43.43 -16.67
N GLY F 93 2.92 -44.43 -15.81
CA GLY F 93 3.16 -44.18 -14.40
C GLY F 93 4.60 -43.79 -14.12
N THR F 94 4.88 -43.56 -12.83
CA THR F 94 6.20 -43.10 -12.39
C THR F 94 7.13 -44.29 -12.15
N ALA F 95 7.29 -45.10 -13.20
CA ALA F 95 8.17 -46.28 -13.17
C ALA F 95 8.99 -46.25 -14.45
N GLY F 96 10.14 -45.57 -14.40
CA GLY F 96 11.05 -45.50 -15.52
C GLY F 96 11.61 -46.85 -15.92
N PRO F 97 12.32 -47.52 -15.01
CA PRO F 97 12.88 -48.84 -15.35
C PRO F 97 11.83 -49.86 -15.75
N LEU F 98 10.66 -49.83 -15.13
CA LEU F 98 9.61 -50.80 -15.48
C LEU F 98 9.10 -50.58 -16.89
N ALA F 99 9.02 -49.34 -17.34
CA ALA F 99 8.44 -49.04 -18.65
C ALA F 99 9.42 -49.31 -19.78
N LEU F 100 10.55 -48.61 -19.79
CA LEU F 100 11.50 -48.67 -20.89
C LEU F 100 12.76 -49.48 -20.56
N ALA F 101 13.39 -49.20 -19.42
CA ALA F 101 14.66 -49.84 -19.10
C ALA F 101 14.53 -51.33 -18.80
N ARG F 102 13.31 -51.84 -18.64
CA ARG F 102 13.13 -53.27 -18.42
C ARG F 102 13.61 -54.06 -19.64
N ASP F 103 13.30 -53.57 -20.84
CA ASP F 103 13.70 -54.28 -22.05
C ASP F 103 15.22 -54.33 -22.21
N ILE F 104 15.90 -53.23 -21.90
CA ILE F 104 17.35 -53.14 -22.09
C ILE F 104 18.04 -53.49 -20.78
N LEU F 105 18.71 -54.64 -20.76
CA LEU F 105 19.50 -55.06 -19.60
C LEU F 105 20.88 -55.49 -20.05
N MET F 106 20.98 -55.99 -21.28
CA MET F 106 22.26 -56.36 -21.91
C MET F 106 23.07 -57.31 -21.02
N GLN F 107 22.38 -58.31 -20.46
CA GLN F 107 23.00 -59.37 -19.67
C GLN F 107 23.81 -58.79 -18.50
N ASP F 108 23.10 -58.15 -17.58
CA ASP F 108 23.72 -57.65 -16.37
C ASP F 108 24.10 -58.81 -15.45
N ASP F 109 25.07 -58.55 -14.57
CA ASP F 109 25.52 -59.54 -13.61
C ASP F 109 25.57 -59.03 -12.17
N LYS F 110 25.50 -57.73 -11.95
CA LYS F 110 25.56 -57.12 -10.63
C LYS F 110 24.40 -56.16 -10.48
N PRO F 111 23.99 -55.88 -9.23
CA PRO F 111 22.89 -54.93 -9.02
C PRO F 111 23.20 -53.56 -9.61
N PHE F 112 22.19 -52.93 -10.18
CA PHE F 112 22.33 -51.65 -10.86
C PHE F 112 21.81 -50.52 -9.98
N PHE F 113 22.55 -49.42 -9.94
CA PHE F 113 22.15 -48.27 -9.14
C PHE F 113 20.98 -47.54 -9.78
N VAL F 114 20.19 -46.87 -8.94
CA VAL F 114 19.11 -45.99 -9.38
C VAL F 114 19.25 -44.70 -8.60
N LEU F 115 19.32 -43.58 -9.30
CA LEU F 115 19.55 -42.29 -8.68
C LEU F 115 18.55 -41.26 -9.20
N ASN F 116 18.32 -40.23 -8.40
CA ASN F 116 17.54 -39.08 -8.83
C ASN F 116 18.45 -38.15 -9.64
N SER F 117 17.96 -36.96 -9.94
CA SER F 117 18.76 -35.95 -10.64
C SER F 117 19.00 -34.71 -9.79
N ASP F 118 18.52 -34.69 -8.55
CA ASP F 118 18.66 -33.53 -7.67
C ASP F 118 19.13 -33.93 -6.28
N VAL F 119 20.11 -34.82 -6.19
CA VAL F 119 20.66 -35.26 -4.92
C VAL F 119 22.14 -34.90 -4.87
N THR F 120 22.57 -34.32 -3.76
CA THR F 120 23.96 -33.95 -3.54
C THR F 120 24.37 -34.46 -2.17
N CYS F 121 25.37 -35.35 -2.14
CA CYS F 121 25.82 -35.98 -0.92
C CYS F 121 27.33 -36.21 -1.02
N THR F 122 27.89 -36.85 0.00
CA THR F 122 29.25 -37.37 -0.11
C THR F 122 29.33 -38.57 -1.03
N PHE F 123 28.18 -39.15 -1.42
CA PHE F 123 28.09 -40.28 -2.32
C PHE F 123 28.96 -41.45 -1.86
N PRO F 124 28.57 -42.16 -0.81
CA PRO F 124 29.32 -43.37 -0.44
C PRO F 124 29.18 -44.44 -1.51
N MET F 125 30.27 -44.70 -2.23
CA MET F 125 30.24 -45.58 -3.39
C MET F 125 30.74 -46.99 -3.05
N GLN F 126 30.65 -47.38 -1.78
CA GLN F 126 30.90 -48.76 -1.37
C GLN F 126 29.62 -49.56 -1.26
N GLU F 127 28.49 -49.00 -1.70
CA GLU F 127 27.20 -49.67 -1.55
C GLU F 127 27.16 -51.00 -2.29
N LEU F 128 27.89 -51.11 -3.40
CA LEU F 128 27.98 -52.40 -4.09
C LEU F 128 28.61 -53.45 -3.18
N LEU F 129 29.74 -53.11 -2.56
CA LEU F 129 30.37 -54.04 -1.62
C LEU F 129 29.62 -54.11 -0.30
N ASP F 130 29.09 -52.99 0.18
CA ASP F 130 28.34 -52.98 1.42
C ASP F 130 27.01 -53.69 1.25
N PHE F 131 26.46 -54.15 2.37
CA PHE F 131 25.18 -54.86 2.39
C PHE F 131 25.21 -56.10 1.50
N HIS F 132 26.38 -56.71 1.36
CA HIS F 132 26.55 -57.94 0.58
C HIS F 132 26.47 -59.19 1.44
N LYS F 133 26.20 -59.05 2.74
CA LYS F 133 26.16 -60.18 3.66
C LYS F 133 24.87 -60.96 3.46
N ALA F 134 24.81 -61.68 2.33
CA ALA F 134 23.68 -62.54 1.97
C ALA F 134 22.37 -61.75 1.97
N HIS F 135 22.31 -60.73 1.12
CA HIS F 135 21.15 -59.86 1.00
C HIS F 135 20.49 -60.05 -0.35
N GLY F 136 19.16 -60.05 -0.36
CA GLY F 136 18.39 -60.08 -1.59
C GLY F 136 17.90 -58.68 -1.91
N GLY F 137 18.40 -58.13 -3.01
CA GLY F 137 18.18 -56.74 -3.31
C GLY F 137 18.96 -55.85 -2.35
N GLU F 138 20.29 -55.93 -2.43
CA GLU F 138 21.14 -55.21 -1.50
C GLU F 138 20.92 -53.70 -1.62
N GLY F 139 21.01 -53.00 -0.50
CA GLY F 139 20.93 -51.56 -0.48
C GLY F 139 19.66 -51.03 -1.11
N THR F 140 18.52 -51.66 -0.78
CA THR F 140 17.28 -51.36 -1.48
C THR F 140 16.90 -49.89 -1.35
N ILE F 141 17.22 -49.27 -0.22
CA ILE F 141 16.95 -47.86 0.01
C ILE F 141 18.11 -47.26 0.79
N MET F 142 18.17 -45.92 0.77
CA MET F 142 19.19 -45.17 1.48
C MET F 142 18.51 -44.06 2.25
N VAL F 143 18.96 -43.83 3.49
CA VAL F 143 18.29 -42.93 4.41
C VAL F 143 19.30 -41.95 5.01
N SER F 144 18.78 -40.81 5.45
CA SER F 144 19.57 -39.77 6.10
C SER F 144 18.74 -39.14 7.22
N GLN F 145 19.43 -38.53 8.17
CA GLN F 145 18.79 -37.92 9.32
C GLN F 145 18.19 -36.58 8.95
N VAL F 146 17.00 -36.29 9.48
CA VAL F 146 16.35 -35.00 9.29
C VAL F 146 15.78 -34.54 10.64
N THR F 147 15.96 -33.27 10.94
CA THR F 147 15.47 -32.73 12.21
C THR F 147 13.95 -32.72 12.24
N GLN F 148 13.31 -32.28 11.16
CA GLN F 148 11.85 -32.19 11.08
C GLN F 148 11.31 -33.56 10.68
N TRP F 149 10.99 -34.38 11.69
CA TRP F 149 10.53 -35.74 11.43
C TRP F 149 9.16 -35.75 10.77
N GLU F 150 8.28 -34.83 11.17
CA GLU F 150 6.90 -34.83 10.68
C GLU F 150 6.66 -33.84 9.55
N LYS F 151 7.48 -32.79 9.43
CA LYS F 151 7.25 -31.79 8.39
C LYS F 151 7.40 -32.40 7.00
N TYR F 152 8.52 -33.08 6.74
CA TYR F 152 8.74 -33.67 5.42
C TYR F 152 7.85 -34.89 5.22
N GLY F 153 7.61 -35.67 6.27
CA GLY F 153 6.81 -36.87 6.15
C GLY F 153 7.56 -37.98 5.44
N VAL F 154 6.80 -39.04 5.12
CA VAL F 154 7.33 -40.23 4.45
C VAL F 154 8.51 -40.75 5.27
N VAL F 155 8.24 -41.24 6.46
CA VAL F 155 9.29 -41.70 7.38
C VAL F 155 9.55 -43.17 7.11
N VAL F 156 10.80 -43.51 6.81
CA VAL F 156 11.24 -44.88 6.64
C VAL F 156 11.79 -45.35 7.98
N TYR F 157 11.01 -46.14 8.70
CA TYR F 157 11.39 -46.57 10.04
C TYR F 157 12.47 -47.65 9.96
N SER F 158 13.61 -47.39 10.58
CA SER F 158 14.73 -48.31 10.60
C SER F 158 14.93 -48.87 12.01
N PRO F 159 14.50 -50.10 12.28
CA PRO F 159 14.75 -50.68 13.60
C PRO F 159 16.21 -51.09 13.78
N GLN F 160 16.53 -51.76 14.88
CA GLN F 160 17.91 -52.18 15.13
C GLN F 160 18.43 -53.06 14.00
N ASN F 161 17.62 -54.02 13.56
CA ASN F 161 18.00 -54.82 12.39
C ASN F 161 17.94 -53.96 11.13
N TYR F 162 18.91 -54.17 10.24
CA TYR F 162 18.98 -53.43 8.99
C TYR F 162 17.94 -53.96 8.00
N GLN F 163 16.67 -53.69 8.33
CA GLN F 163 15.54 -54.14 7.53
C GLN F 163 14.37 -53.21 7.79
N ILE F 164 13.61 -52.92 6.75
CA ILE F 164 12.43 -52.05 6.84
C ILE F 164 11.20 -52.86 6.49
N GLU F 165 10.13 -52.67 7.26
CA GLU F 165 8.90 -53.43 7.08
C GLU F 165 7.65 -52.57 6.93
N ARG F 166 7.74 -51.27 7.19
CA ARG F 166 6.55 -50.42 7.17
C ARG F 166 6.91 -49.03 6.68
N PHE F 167 6.05 -48.49 5.82
CA PHE F 167 6.16 -47.10 5.34
C PHE F 167 4.95 -46.34 5.84
N VAL F 168 5.20 -45.25 6.57
CA VAL F 168 4.14 -44.43 7.16
C VAL F 168 4.33 -43.01 6.68
N GLU F 169 3.23 -42.40 6.24
CA GLU F 169 3.23 -41.02 5.75
C GLU F 169 2.66 -40.11 6.83
N LYS F 170 3.42 -39.07 7.20
CA LYS F 170 3.08 -38.16 8.28
C LYS F 170 2.75 -38.93 9.56
N PRO F 171 3.70 -39.67 10.11
CA PRO F 171 3.39 -40.48 11.30
C PRO F 171 3.29 -39.62 12.55
N SER F 172 2.36 -40.01 13.43
CA SER F 172 2.26 -39.35 14.73
C SER F 172 3.36 -39.81 15.66
N ARG F 173 3.74 -41.08 15.58
CA ARG F 173 4.78 -41.63 16.44
C ARG F 173 6.16 -41.21 15.94
N PHE F 174 7.08 -41.03 16.89
CA PHE F 174 8.48 -40.72 16.57
C PHE F 174 9.21 -42.01 16.24
N LEU F 175 8.83 -42.59 15.10
CA LEU F 175 9.44 -43.85 14.67
C LEU F 175 10.92 -43.67 14.37
N GLY F 176 11.28 -42.58 13.69
CA GLY F 176 12.67 -42.33 13.38
C GLY F 176 12.81 -41.07 12.56
N ASP F 177 14.07 -40.67 12.39
CA ASP F 177 14.43 -39.48 11.63
C ASP F 177 14.93 -39.81 10.23
N ARG F 178 14.81 -41.06 9.80
CA ARG F 178 15.32 -41.47 8.49
C ARG F 178 14.36 -41.00 7.39
N ILE F 179 14.94 -40.59 6.26
CA ILE F 179 14.19 -40.14 5.10
C ILE F 179 14.80 -40.77 3.86
N ASN F 180 13.93 -41.19 2.92
CA ASN F 180 14.40 -41.85 1.71
C ASN F 180 15.27 -40.92 0.88
N ALA F 181 16.56 -41.24 0.79
CA ALA F 181 17.49 -40.38 0.07
C ALA F 181 17.22 -40.35 -1.42
N GLY F 182 16.59 -41.40 -1.95
CA GLY F 182 16.33 -41.49 -3.36
C GLY F 182 17.41 -42.19 -4.16
N ILE F 183 18.48 -42.64 -3.52
CA ILE F 183 19.53 -43.40 -4.17
C ILE F 183 19.24 -44.88 -3.95
N TYR F 184 18.85 -45.57 -5.01
CA TYR F 184 18.44 -46.97 -4.93
C TYR F 184 19.40 -47.85 -5.72
N ILE F 185 19.53 -49.09 -5.27
CA ILE F 185 20.18 -50.15 -6.05
C ILE F 185 19.36 -51.42 -5.91
N PHE F 186 19.03 -52.03 -7.05
CA PHE F 186 18.19 -53.20 -7.11
C PHE F 186 18.89 -54.30 -7.89
N ASN F 187 18.54 -55.54 -7.59
CA ASN F 187 19.06 -56.67 -8.35
C ASN F 187 18.27 -56.85 -9.64
N LYS F 188 18.83 -57.70 -10.53
CA LYS F 188 18.20 -57.92 -11.82
C LYS F 188 16.82 -58.58 -11.68
N SER F 189 16.68 -59.48 -10.70
CA SER F 189 15.41 -60.18 -10.50
C SER F 189 14.29 -59.27 -10.05
N ILE F 190 14.61 -58.03 -9.64
CA ILE F 190 13.56 -57.11 -9.20
C ILE F 190 12.61 -56.78 -10.34
N LEU F 191 13.13 -56.70 -11.57
CA LEU F 191 12.34 -56.33 -12.74
C LEU F 191 11.15 -57.24 -12.94
N ASP F 192 9.94 -56.69 -12.77
CA ASP F 192 8.70 -57.40 -13.03
C ASP F 192 7.77 -56.47 -13.79
N ARG F 193 7.08 -57.02 -14.79
CA ARG F 193 6.22 -56.22 -15.66
C ARG F 193 4.98 -55.78 -14.88
N ILE F 194 4.95 -54.52 -14.47
CA ILE F 194 3.82 -53.95 -13.75
C ILE F 194 3.28 -52.78 -14.55
N PRO F 195 2.25 -52.99 -15.37
CA PRO F 195 1.69 -51.89 -16.14
C PRO F 195 1.03 -50.88 -15.21
N PRO F 196 1.05 -49.59 -15.58
CA PRO F 196 0.43 -48.52 -14.78
C PRO F 196 -1.07 -48.69 -14.63
N ILE F 201 3.17 -48.55 -10.49
CA ILE F 201 2.82 -47.17 -10.80
C ILE F 201 3.14 -46.26 -9.62
N GLU F 202 3.20 -46.86 -8.42
CA GLU F 202 3.50 -46.14 -7.19
C GLU F 202 4.89 -46.55 -6.73
N LYS F 203 5.87 -45.67 -6.95
CA LYS F 203 7.28 -45.90 -6.60
C LYS F 203 7.71 -47.19 -7.32
N GLU F 204 8.26 -48.18 -6.61
CA GLU F 204 8.68 -49.44 -7.21
C GLU F 204 8.03 -50.62 -6.49
N ILE F 205 6.73 -50.47 -6.16
CA ILE F 205 5.97 -51.46 -5.41
C ILE F 205 6.67 -51.71 -4.09
N PHE F 206 7.01 -50.62 -3.40
CA PHE F 206 7.73 -50.72 -2.13
C PHE F 206 6.96 -51.45 -1.03
N PRO F 207 5.64 -51.24 -0.83
CA PRO F 207 4.94 -52.01 0.21
C PRO F 207 5.09 -53.52 0.05
N ALA F 208 4.96 -54.03 -1.18
CA ALA F 208 5.18 -55.46 -1.39
C ALA F 208 6.65 -55.82 -1.15
N MET F 209 7.57 -54.96 -1.58
CA MET F 209 8.99 -55.20 -1.37
C MET F 209 9.27 -55.43 0.11
N ALA F 210 8.66 -54.61 0.97
CA ALA F 210 8.76 -54.85 2.41
C ALA F 210 7.95 -56.07 2.84
N ALA F 211 6.88 -56.40 2.11
CA ALA F 211 6.07 -57.55 2.46
C ALA F 211 6.87 -58.86 2.38
N GLU F 212 7.69 -59.02 1.34
CA GLU F 212 8.60 -60.16 1.37
C GLU F 212 9.82 -59.93 2.24
N GLY F 213 9.99 -58.74 2.80
CA GLY F 213 11.01 -58.50 3.80
C GLY F 213 12.44 -58.63 3.33
N GLN F 214 12.77 -58.05 2.16
CA GLN F 214 14.14 -58.02 1.69
C GLN F 214 14.54 -56.59 1.31
N LEU F 215 14.05 -55.61 2.05
CA LEU F 215 14.34 -54.21 1.81
C LEU F 215 15.20 -53.68 2.96
N TYR F 216 16.39 -53.19 2.61
CA TYR F 216 17.36 -52.73 3.60
C TYR F 216 17.59 -51.24 3.46
N ALA F 217 18.07 -50.62 4.53
CA ALA F 217 18.33 -49.18 4.56
C ALA F 217 19.75 -48.92 5.01
N PHE F 218 20.39 -47.92 4.39
CA PHE F 218 21.74 -47.52 4.71
C PHE F 218 21.70 -46.10 5.28
N ASN F 219 22.09 -45.96 6.55
CA ASN F 219 22.09 -44.66 7.18
C ASN F 219 23.27 -43.82 6.68
N LEU F 220 22.98 -42.55 6.37
CA LEU F 220 23.97 -41.64 5.83
C LEU F 220 24.31 -40.58 6.87
N GLU F 221 25.60 -40.39 7.12
CA GLU F 221 26.06 -39.34 8.02
C GLU F 221 26.26 -38.01 7.33
N GLY F 222 26.25 -37.97 5.99
CA GLY F 222 26.50 -36.76 5.26
C GLY F 222 25.25 -35.92 5.04
N PHE F 223 25.44 -34.81 4.33
CA PHE F 223 24.37 -33.89 4.01
C PHE F 223 23.45 -34.46 2.93
N TRP F 224 22.27 -33.87 2.81
CA TRP F 224 21.28 -34.31 1.82
C TRP F 224 20.20 -33.26 1.67
N MET F 225 19.95 -32.85 0.43
CA MET F 225 18.81 -32.01 0.10
C MET F 225 18.54 -32.09 -1.40
N ASP F 226 17.29 -31.84 -1.77
CA ASP F 226 16.89 -31.79 -3.17
C ASP F 226 17.20 -30.41 -3.73
N VAL F 227 18.07 -30.36 -4.74
CA VAL F 227 18.44 -29.08 -5.37
C VAL F 227 17.40 -28.84 -6.47
N GLY F 228 16.28 -28.25 -6.08
CA GLY F 228 15.22 -28.00 -7.03
C GLY F 228 14.85 -26.54 -7.15
N GLN F 229 15.38 -25.71 -6.26
CA GLN F 229 15.09 -24.28 -6.24
C GLN F 229 16.37 -23.49 -6.06
N PRO F 230 16.40 -22.23 -6.51
CA PRO F 230 17.61 -21.43 -6.32
C PRO F 230 18.00 -21.28 -4.86
N LYS F 231 17.04 -21.16 -3.95
CA LYS F 231 17.36 -21.13 -2.53
C LYS F 231 17.99 -22.43 -2.08
N ASP F 232 17.39 -23.56 -2.46
CA ASP F 232 18.00 -24.85 -2.18
C ASP F 232 19.34 -25.00 -2.91
N TYR F 233 19.48 -24.38 -4.09
CA TYR F 233 20.75 -24.38 -4.78
C TYR F 233 21.83 -23.73 -3.92
N ILE F 234 21.55 -22.54 -3.39
CA ILE F 234 22.52 -21.83 -2.57
C ILE F 234 22.84 -22.61 -1.30
N LEU F 235 21.81 -23.17 -0.66
CA LEU F 235 22.04 -23.91 0.58
C LEU F 235 22.85 -25.18 0.32
N GLY F 236 22.55 -25.88 -0.77
CA GLY F 236 23.33 -27.05 -1.12
C GLY F 236 24.78 -26.70 -1.42
N MET F 237 25.01 -25.57 -2.07
CA MET F 237 26.37 -25.14 -2.33
C MET F 237 27.10 -24.84 -1.02
N THR F 238 26.44 -24.13 -0.11
CA THR F 238 27.10 -23.74 1.14
C THR F 238 27.34 -24.93 2.06
N LYS F 239 26.58 -26.02 1.90
CA LYS F 239 26.89 -27.21 2.67
C LYS F 239 27.82 -28.17 1.94
N PHE F 240 27.93 -28.08 0.62
CA PHE F 240 28.73 -29.02 -0.16
C PHE F 240 30.17 -28.56 -0.35
N ILE F 241 30.41 -27.24 -0.36
CA ILE F 241 31.78 -26.76 -0.55
C ILE F 241 32.75 -27.31 0.50
N PRO F 242 32.43 -27.29 1.80
CA PRO F 242 33.39 -27.83 2.79
C PRO F 242 33.68 -29.31 2.61
N SER F 243 32.79 -30.06 1.95
CA SER F 243 33.01 -31.49 1.77
C SER F 243 33.98 -31.81 0.64
N LEU F 244 34.45 -30.80 -0.10
CA LEU F 244 35.30 -31.00 -1.25
C LEU F 244 36.78 -30.72 -0.94
N VAL F 245 37.12 -30.56 0.34
CA VAL F 245 38.48 -30.15 0.71
C VAL F 245 39.50 -31.21 0.28
N HIS F 246 39.13 -32.48 0.35
CA HIS F 246 40.03 -33.56 -0.07
C HIS F 246 39.81 -33.98 -1.52
N GLY F 247 38.81 -33.44 -2.20
CA GLY F 247 38.50 -33.87 -3.55
C GLY F 247 39.27 -33.16 -4.65
N ASN F 248 39.14 -31.83 -4.71
CA ASN F 248 39.72 -31.04 -5.78
C ASN F 248 40.91 -30.24 -5.28
N ARG F 249 41.55 -29.54 -6.22
CA ARG F 249 42.71 -28.71 -5.88
C ARG F 249 42.31 -27.54 -4.98
N GLU F 250 41.17 -26.92 -5.27
CA GLU F 250 40.69 -25.78 -4.48
C GLU F 250 39.38 -26.09 -3.78
N THR F 256 46.12 -19.70 7.43
CA THR F 256 45.93 -18.96 6.20
C THR F 256 44.96 -19.67 5.25
N GLU F 257 43.87 -19.00 4.90
CA GLU F 257 42.90 -19.54 3.97
C GLU F 257 43.54 -19.63 2.58
N ALA F 258 43.90 -20.85 2.17
CA ALA F 258 44.64 -21.06 0.93
C ALA F 258 43.86 -21.90 -0.06
N VAL F 259 42.53 -21.74 -0.09
CA VAL F 259 41.74 -22.40 -1.12
C VAL F 259 42.07 -21.83 -2.49
N GLU F 260 42.14 -20.50 -2.60
CA GLU F 260 42.73 -19.83 -3.75
C GLU F 260 43.00 -18.39 -3.31
N HIS F 261 44.27 -18.01 -3.26
CA HIS F 261 44.64 -16.73 -2.66
C HIS F 261 45.27 -15.75 -3.64
N GLN F 262 46.09 -16.21 -4.58
CA GLN F 262 46.77 -15.33 -5.53
C GLN F 262 46.59 -15.90 -6.93
N ARG F 263 45.70 -15.27 -7.70
CA ARG F 263 45.46 -15.64 -9.09
C ARG F 263 45.86 -14.54 -10.07
N GLY F 264 45.33 -13.34 -9.90
CA GLY F 264 45.69 -12.22 -10.75
C GLY F 264 46.22 -11.05 -9.95
N GLY F 265 46.01 -11.09 -8.64
CA GLY F 265 46.50 -10.05 -7.74
C GLY F 265 46.41 -10.55 -6.31
N ARG F 266 46.83 -9.68 -5.40
CA ARG F 266 46.82 -10.01 -3.97
C ARG F 266 45.43 -9.73 -3.43
N PHE F 267 44.57 -10.75 -3.47
CA PHE F 267 43.21 -10.64 -2.94
C PHE F 267 43.06 -11.58 -1.76
N THR F 268 41.97 -11.39 -1.01
CA THR F 268 41.71 -12.15 0.21
C THR F 268 40.43 -12.96 0.04
N VAL F 269 40.45 -14.19 0.53
CA VAL F 269 39.28 -15.05 0.57
C VAL F 269 38.96 -15.34 2.03
N ILE F 270 37.72 -15.05 2.43
CA ILE F 270 37.34 -15.23 3.82
C ILE F 270 37.18 -16.71 4.15
N GLY F 271 36.46 -17.44 3.31
CA GLY F 271 36.24 -18.86 3.54
C GLY F 271 36.64 -19.71 2.36
N ALA F 272 36.29 -20.99 2.39
CA ALA F 272 36.59 -21.87 1.27
C ALA F 272 35.73 -21.52 0.06
N SER F 273 36.34 -21.55 -1.11
CA SER F 273 35.62 -21.24 -2.34
C SER F 273 36.32 -21.91 -3.51
N LEU F 274 35.57 -22.05 -4.61
CA LEU F 274 36.09 -22.67 -5.82
C LEU F 274 36.38 -21.58 -6.85
N ILE F 275 37.64 -21.46 -7.23
CA ILE F 275 38.08 -20.48 -8.22
C ILE F 275 38.63 -21.24 -9.41
N ASP F 276 38.03 -21.04 -10.57
CA ASP F 276 38.48 -21.71 -11.78
C ASP F 276 39.86 -21.19 -12.17
N PRO F 277 40.83 -22.06 -12.45
CA PRO F 277 42.20 -21.57 -12.71
C PRO F 277 42.32 -20.55 -13.83
N SER F 278 41.47 -20.63 -14.86
CA SER F 278 41.59 -19.70 -15.97
C SER F 278 41.00 -18.33 -15.67
N ALA F 279 40.32 -18.15 -14.54
CA ALA F 279 39.69 -16.89 -14.23
C ALA F 279 40.72 -15.85 -13.80
N LYS F 280 40.31 -14.59 -13.84
CA LYS F 280 41.10 -13.47 -13.34
C LYS F 280 40.31 -12.79 -12.23
N ILE F 281 40.88 -12.77 -11.03
CA ILE F 281 40.15 -12.25 -9.87
C ILE F 281 40.26 -10.74 -9.78
N GLY F 282 41.43 -10.17 -10.09
CA GLY F 282 41.63 -8.73 -10.04
C GLY F 282 42.81 -8.37 -9.16
N ASP F 283 42.63 -7.33 -8.35
CA ASP F 283 43.71 -6.83 -7.50
C ASP F 283 43.33 -6.74 -6.03
N GLY F 284 42.10 -6.36 -5.72
CA GLY F 284 41.70 -6.22 -4.33
C GLY F 284 40.33 -6.80 -4.03
N ALA F 285 39.95 -7.85 -4.74
CA ALA F 285 38.66 -8.47 -4.53
C ALA F 285 38.64 -9.22 -3.19
N VAL F 286 37.43 -9.50 -2.72
CA VAL F 286 37.21 -10.26 -1.49
C VAL F 286 36.20 -11.35 -1.83
N ILE F 287 36.69 -12.55 -2.14
CA ILE F 287 35.83 -13.67 -2.48
C ILE F 287 35.28 -14.25 -1.18
N GLY F 288 33.97 -14.11 -0.98
CA GLY F 288 33.35 -14.47 0.26
C GLY F 288 33.31 -15.97 0.47
N PRO F 289 32.69 -16.39 1.56
CA PRO F 289 32.64 -17.82 1.88
C PRO F 289 31.72 -18.56 0.93
N TYR F 290 32.19 -19.72 0.46
CA TYR F 290 31.40 -20.65 -0.33
C TYR F 290 30.89 -19.99 -1.62
N ALA F 291 31.85 -19.65 -2.47
CA ALA F 291 31.58 -19.05 -3.77
C ALA F 291 32.22 -19.89 -4.86
N SER F 292 31.59 -19.89 -6.04
CA SER F 292 32.09 -20.62 -7.19
C SER F 292 32.20 -19.68 -8.37
N ILE F 293 33.25 -19.86 -9.17
CA ILE F 293 33.53 -19.01 -10.32
C ILE F 293 33.91 -19.89 -11.49
N GLY F 294 33.32 -19.62 -12.66
CA GLY F 294 33.55 -20.42 -13.85
C GLY F 294 34.75 -19.96 -14.64
N ALA F 295 35.02 -20.70 -15.71
CA ALA F 295 36.19 -20.45 -16.54
C ALA F 295 36.07 -19.13 -17.28
N ASN F 296 37.22 -18.50 -17.51
CA ASN F 296 37.36 -17.24 -18.24
C ASN F 296 36.58 -16.09 -17.61
N CYS F 297 36.04 -16.29 -16.41
CA CYS F 297 35.36 -15.20 -15.72
C CYS F 297 36.35 -14.12 -15.33
N VAL F 298 35.93 -12.86 -15.46
CA VAL F 298 36.76 -11.71 -15.11
C VAL F 298 36.08 -10.95 -13.98
N ILE F 299 36.82 -10.73 -12.91
CA ILE F 299 36.31 -10.04 -11.72
C ILE F 299 37.11 -8.75 -11.56
N GLY F 300 36.42 -7.67 -11.21
CA GLY F 300 37.00 -6.35 -11.22
C GLY F 300 38.07 -6.16 -10.16
N GLU F 301 38.52 -4.90 -10.05
CA GLU F 301 39.62 -4.57 -9.16
C GLU F 301 39.26 -4.82 -7.70
N SER F 302 38.05 -4.43 -7.30
CA SER F 302 37.56 -4.69 -5.95
C SER F 302 36.13 -5.18 -6.05
N CYS F 303 35.86 -6.35 -5.47
CA CYS F 303 34.54 -6.96 -5.59
C CYS F 303 34.24 -7.75 -4.33
N ARG F 304 32.97 -8.12 -4.18
CA ARG F 304 32.50 -8.92 -3.05
C ARG F 304 31.62 -10.04 -3.60
N ILE F 305 32.19 -11.23 -3.76
CA ILE F 305 31.45 -12.41 -4.20
C ILE F 305 31.16 -13.22 -2.94
N ASP F 306 30.01 -12.96 -2.33
CA ASP F 306 29.63 -13.55 -1.05
C ASP F 306 28.58 -14.61 -1.28
N ASN F 307 28.95 -15.87 -1.09
CA ASN F 307 28.02 -17.00 -1.17
C ASN F 307 27.25 -16.98 -2.49
N ALA F 308 27.96 -16.75 -3.58
CA ALA F 308 27.35 -16.59 -4.89
C ALA F 308 28.12 -17.39 -5.92
N ALA F 309 27.44 -17.70 -7.03
CA ALA F 309 28.00 -18.50 -8.11
C ALA F 309 28.09 -17.64 -9.36
N ILE F 310 29.24 -17.67 -10.02
CA ILE F 310 29.46 -17.02 -11.30
C ILE F 310 29.74 -18.10 -12.33
N LEU F 311 28.89 -18.19 -13.33
CA LEU F 311 28.90 -19.30 -14.28
C LEU F 311 29.50 -18.84 -15.61
N GLU F 312 30.52 -19.57 -16.07
CA GLU F 312 31.13 -19.37 -17.39
C GLU F 312 31.55 -17.92 -17.63
N ASN F 313 31.68 -17.54 -18.90
CA ASN F 313 32.29 -16.27 -19.27
C ASN F 313 31.43 -15.11 -18.78
N SER F 314 31.86 -14.46 -17.71
CA SER F 314 31.18 -13.29 -17.18
C SER F 314 32.20 -12.21 -16.90
N LYS F 315 31.77 -10.96 -17.02
CA LYS F 315 32.60 -9.81 -16.67
C LYS F 315 31.93 -9.05 -15.53
N VAL F 316 32.74 -8.58 -14.59
CA VAL F 316 32.25 -7.90 -13.40
C VAL F 316 33.08 -6.64 -13.17
N GLY F 317 32.41 -5.51 -12.96
CA GLY F 317 33.08 -4.24 -12.80
C GLY F 317 33.76 -4.08 -11.46
N LYS F 318 33.89 -2.83 -11.02
CA LYS F 318 34.61 -2.49 -9.80
C LYS F 318 33.62 -2.14 -8.70
N GLY F 319 33.76 -2.80 -7.55
CA GLY F 319 33.01 -2.43 -6.37
C GLY F 319 31.65 -3.07 -6.22
N THR F 320 31.23 -3.91 -7.16
CA THR F 320 29.92 -4.53 -7.04
C THR F 320 29.92 -5.60 -5.96
N MET F 321 28.72 -5.96 -5.52
CA MET F 321 28.54 -6.99 -4.50
C MET F 321 27.52 -8.00 -5.01
N VAL F 322 27.88 -9.27 -4.98
CA VAL F 322 27.00 -10.36 -5.40
C VAL F 322 26.81 -11.27 -4.20
N SER F 323 25.68 -11.13 -3.52
CA SER F 323 25.44 -11.84 -2.26
C SER F 323 24.28 -12.82 -2.44
N ARG F 324 24.56 -14.09 -2.20
CA ARG F 324 23.54 -15.15 -2.21
C ARG F 324 22.75 -15.16 -3.51
N SER F 325 23.44 -14.98 -4.63
CA SER F 325 22.79 -14.90 -5.92
C SER F 325 23.58 -15.70 -6.95
N ILE F 326 23.02 -15.76 -8.16
CA ILE F 326 23.62 -16.46 -9.28
C ILE F 326 23.64 -15.51 -10.47
N VAL F 327 24.51 -15.77 -11.43
CA VAL F 327 24.54 -15.01 -12.68
C VAL F 327 24.55 -15.98 -13.84
N GLY F 328 24.23 -15.47 -15.03
CA GLY F 328 24.02 -16.30 -16.19
C GLY F 328 25.32 -16.88 -16.75
N TRP F 329 25.26 -17.22 -18.03
CA TRP F 329 26.41 -17.84 -18.68
C TRP F 329 27.33 -16.81 -19.30
N ASN F 330 26.81 -15.99 -20.21
CA ASN F 330 27.57 -14.92 -20.84
C ASN F 330 27.20 -13.56 -20.25
N ASN F 331 26.87 -13.54 -18.96
CA ASN F 331 26.43 -12.32 -18.30
C ASN F 331 27.52 -11.26 -18.33
N ARG F 332 27.11 -10.01 -18.51
CA ARG F 332 28.01 -8.86 -18.43
C ARG F 332 27.47 -7.89 -17.39
N ILE F 333 28.10 -7.87 -16.22
CA ILE F 333 27.60 -7.15 -15.05
C ILE F 333 28.25 -5.78 -15.01
N GLY F 334 27.48 -4.78 -14.57
CA GLY F 334 27.96 -3.42 -14.48
C GLY F 334 29.07 -3.22 -13.48
N SER F 335 29.48 -1.96 -13.28
CA SER F 335 30.62 -1.68 -12.43
C SER F 335 30.23 -1.62 -10.96
N TRP F 336 29.40 -0.64 -10.58
CA TRP F 336 29.12 -0.34 -9.18
C TRP F 336 27.75 -0.85 -8.73
N CYS F 337 27.23 -1.90 -9.36
CA CYS F 337 25.92 -2.40 -9.04
C CYS F 337 25.91 -3.08 -7.67
N HIS F 338 24.74 -3.60 -7.29
CA HIS F 338 24.58 -4.24 -5.98
C HIS F 338 23.50 -5.30 -6.14
N ILE F 339 23.93 -6.55 -6.32
CA ILE F 339 23.02 -7.67 -6.52
C ILE F 339 23.07 -8.53 -5.27
N LYS F 340 21.92 -8.74 -4.63
CA LYS F 340 21.87 -9.50 -3.40
C LYS F 340 20.57 -10.30 -3.35
N ASP F 341 20.40 -11.02 -2.24
CA ASP F 341 19.27 -11.92 -2.03
C ASP F 341 19.21 -12.99 -3.12
N ILE F 342 18.17 -13.82 -3.10
CA ILE F 342 18.06 -14.91 -4.06
C ILE F 342 17.54 -14.36 -5.38
N SER F 343 18.44 -13.94 -6.24
CA SER F 343 18.12 -13.43 -7.56
C SER F 343 18.95 -14.18 -8.59
N VAL F 344 18.29 -14.69 -9.63
CA VAL F 344 18.96 -15.45 -10.68
C VAL F 344 18.91 -14.63 -11.96
N LEU F 345 20.06 -14.44 -12.58
CA LEU F 345 20.15 -13.71 -13.84
C LEU F 345 20.31 -14.70 -14.99
N GLY F 346 19.48 -14.56 -16.01
CA GLY F 346 19.49 -15.47 -17.14
C GLY F 346 20.73 -15.30 -17.99
N ASP F 347 20.68 -15.93 -19.16
CA ASP F 347 21.82 -15.93 -20.06
C ASP F 347 21.92 -14.61 -20.81
N ASP F 348 23.15 -14.13 -20.98
CA ASP F 348 23.46 -12.94 -21.78
C ASP F 348 22.66 -11.72 -21.35
N VAL F 349 22.52 -11.56 -20.05
CA VAL F 349 21.89 -10.37 -19.48
C VAL F 349 22.96 -9.30 -19.32
N GLU F 350 22.53 -8.04 -19.22
CA GLU F 350 23.46 -6.95 -18.97
C GLU F 350 22.80 -5.93 -18.06
N VAL F 351 23.56 -5.42 -17.09
CA VAL F 351 23.06 -4.45 -16.13
C VAL F 351 23.97 -3.21 -16.18
N LYS F 352 23.35 -2.04 -16.19
CA LYS F 352 24.10 -0.79 -16.22
C LYS F 352 24.77 -0.55 -14.87
N ASP F 353 25.51 0.56 -14.78
CA ASP F 353 26.21 0.89 -13.56
C ASP F 353 25.23 1.38 -12.49
N GLY F 354 25.50 0.99 -11.25
CA GLY F 354 24.71 1.46 -10.12
C GLY F 354 23.26 1.00 -10.10
N VAL F 355 23.00 -0.27 -10.38
CA VAL F 355 21.68 -0.85 -10.25
C VAL F 355 21.65 -1.75 -9.04
N ILE F 356 20.48 -1.89 -8.43
CA ILE F 356 20.30 -2.67 -7.21
C ILE F 356 19.17 -3.66 -7.45
N LEU F 357 19.54 -4.88 -7.84
CA LEU F 357 18.59 -5.98 -8.01
C LEU F 357 18.55 -6.78 -6.72
N ILE F 358 17.39 -6.80 -6.08
CA ILE F 358 17.22 -7.48 -4.79
C ILE F 358 16.17 -8.58 -5.00
N GLY F 359 16.63 -9.80 -5.25
CA GLY F 359 15.73 -10.93 -5.38
C GLY F 359 14.81 -10.86 -6.58
N THR F 360 15.32 -10.45 -7.73
CA THR F 360 14.54 -10.38 -8.96
C THR F 360 15.19 -11.27 -10.02
N LYS F 361 14.41 -12.18 -10.58
CA LYS F 361 14.86 -13.07 -11.64
C LYS F 361 14.59 -12.43 -12.98
N VAL F 362 15.63 -12.30 -13.81
CA VAL F 362 15.52 -11.68 -15.12
C VAL F 362 15.58 -12.76 -16.18
N LEU F 363 14.84 -12.56 -17.27
CA LEU F 363 14.79 -13.52 -18.35
C LEU F 363 16.01 -13.36 -19.26
N PRO F 364 16.33 -14.38 -20.06
CA PRO F 364 17.53 -14.30 -20.90
C PRO F 364 17.48 -13.16 -21.90
N ASN F 365 18.66 -12.62 -22.22
CA ASN F 365 18.91 -11.60 -23.23
C ASN F 365 18.29 -10.25 -22.90
N LYS F 366 17.66 -10.09 -21.74
CA LYS F 366 17.09 -8.82 -21.36
C LYS F 366 18.20 -7.81 -21.04
N ASP F 367 17.79 -6.57 -20.78
CA ASP F 367 18.68 -5.51 -20.34
C ASP F 367 18.02 -4.80 -19.17
N VAL F 368 18.81 -4.50 -18.13
CA VAL F 368 18.32 -3.92 -16.90
C VAL F 368 19.00 -2.57 -16.68
N GLY F 369 18.20 -1.55 -16.38
CA GLY F 369 18.73 -0.24 -16.10
C GLY F 369 17.97 0.49 -15.01
N GLU F 370 17.16 -0.24 -14.25
CA GLU F 370 16.31 0.35 -13.23
C GLU F 370 16.44 -0.44 -11.94
N HIS F 371 16.30 0.27 -10.83
CA HIS F 371 16.35 -0.36 -9.52
C HIS F 371 15.14 -1.25 -9.30
N ARG F 372 15.31 -2.27 -8.46
CA ARG F 372 14.23 -3.16 -8.07
C ARG F 372 14.43 -3.52 -6.60
N PHE F 373 13.70 -2.85 -5.72
CA PHE F 373 13.82 -3.06 -4.29
C PHE F 373 12.88 -4.13 -3.76
N GLU F 374 12.09 -4.77 -4.62
CA GLU F 374 11.16 -5.78 -4.19
C GLU F 374 11.28 -7.02 -5.07
N PRO F 375 10.97 -8.20 -4.53
CA PRO F 375 11.02 -9.41 -5.35
C PRO F 375 10.06 -9.31 -6.54
N GLY F 376 10.49 -9.86 -7.66
CA GLY F 376 9.70 -9.78 -8.87
C GLY F 376 10.42 -10.39 -10.04
N ILE F 377 9.87 -10.18 -11.22
CA ILE F 377 10.39 -10.76 -12.46
C ILE F 377 10.49 -9.67 -13.51
N ILE F 378 11.58 -9.67 -14.27
CA ILE F 378 11.80 -8.75 -15.37
C ILE F 378 11.71 -9.53 -16.67
N MET F 379 10.82 -9.11 -17.55
CA MET F 379 10.76 -9.67 -18.91
C MET F 379 11.51 -8.77 -19.89
#